data_6CFW
#
_entry.id   6CFW
#
_cell.length_a   1
_cell.length_b   1
_cell.length_c   1
_cell.angle_alpha   90.00
_cell.angle_beta   90.00
_cell.angle_gamma   90.00
#
_symmetry.space_group_name_H-M   'P 1'
#
loop_
_entity.id
_entity.type
_entity.pdbx_description
1 polymer 'Monovalent cation/H+ antiporter subunit D'
2 polymer 'Monovalent cation/H+ antiporter subunit C'
3 polymer 'MBH subunit'
4 polymer 'MBH subunit'
5 polymer 'Mbh13 NADH dehydrogenase subunit'
6 polymer 'Monovalent cation/H+ antiporter subunit B'
7 polymer 'Monovalent cation/H+ antiporter subunit E'
8 polymer 'MBH subunit'
9 polymer 'Monovalent cation/H+ antiporter subunit G'
10 polymer 'Monovalent cation/H+ antiporter subunit F'
11 polymer 'Probable membrane-bound hydrogenase subunit mbhJ'
12 polymer 'Membrane-bound hydrogenase subunit beta'
13 polymer 'Membrane-bound hydrogenase subunit alpha'
14 polymer 'NADH-plastoquinone oxidoreductase subunit'
15 non-polymer 'IRON/SULFUR CLUSTER'
16 non-polymer formyl[bis(hydrocyanato-1kappaC)]ironnickel(Fe-Ni)
#
loop_
_entity_poly.entity_id
_entity_poly.type
_entity_poly.pdbx_seq_one_letter_code
_entity_poly.pdbx_strand_id
1 'polypeptide(L)'
;MTWLPFIIIIPLLGAFSMPIVSLLKGKAKEIWASMISFATLIVGIQVFREVWSKGTIVYTLGAPNPFGKATFPIRIVWEV
DKFGALMVLIVTFVSFLAVIYSIEYMKHDTGLEKFYTLILILELGMLGIAITGDIFNFYVFLEIMSIASYALVAFRNDTW
EGIEAGIKYMFAGSLASSFVLLGIALLYGQYGTLTMGYLAVKIAENPTIVAKVALALFIGGLLFKSGAAPVHMWLADAHP
AAPSSISAMLSGLVIKIGGIYAIARIVFSIFSPTINLGTIGWIIIIFACITLIVGNAMAVVQEDLKRLLAYSSVGQIGYI
LLGLGIGMVAYGTRVGEIALAGAIYHTVNHALMKALLFLVAGAVIHEIGTRNMNELSGLAKTMPKTTFAFLIGAAAIVGL
PPLNGFASKWLIYESSALFNPILGAIAVIGTVFCTAAYVRALFTFFGRPSEKVTNARDPGIAMMLPMIILVVTIIVMGFF
PWQISDRIMVPTARALWDVIDYISSLMGGG
;
H
2 'polypeptide(L)'
;MIAFQYLTATIMILLGIYALLYKRNLIKLVLALNLIDSGIHLLLISEGYRMENGIPPTAPIYTGYEGGAMVAPIPQALVL
TSIVIGVCVLSLAIALTVNAYRHYGTLDVTKLRRLRG
;
G
3 'polypeptide(L)'
;MHISKKKGVRKMNLDMIIQFIVLGGIILSSVLMIVTRDLLVAVLASAAMSLLLSLEFYMLHAPDVAIAEAAVGAGVVTAL
VMYAISKTERWEREAP
;
D
4 'polypeptide(L)'
;MFGYWDPLYFIIVFIIGLILAYLLNLWAKKSGMGTREVGEGTKIFISGEDPEKVIPGFEHLEGYYTGRNTMWGLVNGVKK
FFATLKNDHTGLLPDYVSYLLMTTAFILVILLLRG
;
I
5 'polypeptide(L)'
;MKIVYGVIGLILIYIYVSVVSLLFSGIDRKLVARMQRRIGPPILQPFYDFLKLMSKETIIPKTANFMFKAAPILMLATVI
ALLAYTPLGFPPIFGTKGDIIVFIYLLTLADFFLVVGVMSSGSPYGRIGAARGIALLVSREPAMMLGVFAVMWAISKLGV
EKPFSLSSLYEHTIWDFGPVAWVAGVVLIYVFMAWLASEIEVGFFNIPEAEQEIAEGTLVEYSGRYLGIIKLAESIKEFI
AASLVVAVLFPWQLNIPGVQGYLINLLLHTLKVFIVLLVSKTIFRTITGRLKISQAVNLLWTRVFTASVIGALLLALGVM
L
;
M
6 'polypeptide(L)'
;MNEDMGVIVRTNARALIPFIGIFGAYIVTHGHLTPGGGFQGGATIAGAGVLFLIAFGVKAAKEKINKNLYSALEGLGGLV
FLGAAMLGLSVAFFYNILWHEGPIFNSSPGTLLSAGFLPIMNLGVGLKVFTGLVSALFALSVFRRWKS
;
F
7 'polypeptide(L)'
;MSFITAFIWAYFLWLVLTAGSKGMLWSTQELIAGLIFASIVGYSTRNIIGEKASRFLNPVKWILFVAYAPVLFWGMVKAN
LDVAYRVITGKIRPGIVRVPVELENDAQYTILSNSITLTPGTLTVEACPEEKALYVHWINIPEGLEWPENSEPVSGPFEK
WARRLGA
;
A
8 'polypeptide(L)'
;MKRALGFLSLLVIFASLLVALSPEYGIKFGVGGEDWLKYRYTDNYYIEHGIEEVGGTNIVTDIVFDYRGYDTLGEATVLF
TAIAGAVALLRPWRREENE
;
E
9 'polypeptide(L)'
;MIAYYLIIAFLGISVTFNMLGSIALHRFPDVYTRLHGATKCTTFGTIFAALAVITHAIVKLQATGNPKYLQMAIHSFVAM
LALLLTNPVGAHAIAKAAHKTGYLPKRAVVDAYLEKERGEKNES
;
C
10 'polypeptide(L)'
;MIFFYATLLIGIAGIITFIRLALGPTVPDRVVAVDTLNTLIVAIMLLLGAAYERAIYIDIAIVYALLSYVGTLVIAKYLQ
GGLQ
;
B
11 'polypeptide(L)'
;MTNNSERKRLEKRIAQLCKFIGRSPWVFHVNSGSCNGCDIEIIAALTPRYDAERFGVKLVGSPRHADILLVTGPVTNQSL
ERVKLVYEQTPDPKIVIAIGACPTGGSVFYESPFTNAPLDRIIPVDVFVPGCPPRPEAILHGVVLALEKLAKMIKGEVPP
EEGEENE
;
J
12 'polypeptide(L)'
;MSKAEMVANKIKERFPNAEVVVKTNKWGRERVWVRISREEYKELMKFIRELDPEAHYSIGIEQDWGDELGFLNHILLFYD
EPPGVSLLIDVHAPKDNPVLPDTSDIFPISLQFEREGMEMVGLDFEGAPDKRRLFLPDDFPEGIYPLRTDEKGVPEEMVK
NAGHPYLLRREKK
;
K
13 'polypeptide(L)'
;MKKVEYWVKIPFGPIHPGLEEPEKFIITLDGERIVNVDVKLGYNLRGVQWIGMRRNYVQIMYLAERMCGICSFSHNHTYV
RAVEEMAGIEVPERAEYIRVIVGELERIHSHLLNLGVVGHDIGYDTVLHLTWLARERVMDVLEAVSGNRVNYSMVTIGGV
RRDIGEKQKRLILDMIKYYREVLPQIEDVFLHDSTIEARLRDVAVVPKKLAIEMGAVGPTARGSGIKEDSRWSEQLGVYP
DLGIKPVTPEDVTGEKARGDVYDRMAVRIGELWMSLDLLEHALDQMPEGKIKTFPKDNILVAKLKLLGDGEGIGRYEAPR
GELVHYVRGQKGRDGPVRWKPREPTFPNLFTIAKALEGNELADLVVAIASIDPCLSCTDR
;
L
14 'polypeptide(L)'
;MIRLPLLPTVIKNLFKKPATNPFPKTEPVPVPEDFRGKLVYNVDKCVGCRMCVTVCPAGVFVYLPEIRKVTLWIGRCVMC
KQCVDVCPTAALQMSDEFLLASYDKYDAKLIYLTPEEAEDIKKKLEEANKAKAEKQASK
;
N
#
# COMPACT_ATOMS: atom_id res chain seq x y z
N TRP A 3 -46.60 -9.54 6.67
CA TRP A 3 -45.73 -9.61 5.51
C TRP A 3 -44.29 -9.53 6.01
N LEU A 4 -44.15 -9.62 7.32
CA LEU A 4 -42.85 -9.61 7.98
C LEU A 4 -42.59 -10.83 8.88
N PRO A 5 -42.95 -12.06 8.50
CA PRO A 5 -42.08 -13.17 8.89
C PRO A 5 -41.17 -13.62 7.77
N PHE A 6 -41.39 -13.10 6.56
CA PHE A 6 -40.75 -13.66 5.40
C PHE A 6 -39.33 -13.16 5.18
N ILE A 7 -38.73 -12.45 6.13
CA ILE A 7 -37.30 -12.16 6.06
C ILE A 7 -36.46 -13.15 6.84
N ILE A 8 -37.07 -13.96 7.69
CA ILE A 8 -36.38 -15.03 8.39
C ILE A 8 -36.68 -16.40 7.77
N ILE A 9 -37.85 -16.56 7.17
CA ILE A 9 -38.25 -17.84 6.60
C ILE A 9 -37.40 -18.17 5.37
N ILE A 10 -37.24 -17.21 4.47
CA ILE A 10 -36.55 -17.46 3.20
C ILE A 10 -35.05 -17.71 3.36
N PRO A 11 -34.28 -16.98 4.18
CA PRO A 11 -32.88 -17.41 4.38
C PRO A 11 -32.71 -18.72 5.12
N LEU A 12 -33.58 -19.06 6.08
CA LEU A 12 -33.53 -20.39 6.68
C LEU A 12 -33.85 -21.47 5.67
N LEU A 13 -34.79 -21.20 4.77
CA LEU A 13 -35.14 -22.18 3.74
C LEU A 13 -34.05 -22.30 2.69
N GLY A 14 -33.23 -21.27 2.51
CA GLY A 14 -32.11 -21.40 1.62
C GLY A 14 -30.94 -22.12 2.27
N ALA A 15 -30.79 -21.93 3.59
CA ALA A 15 -29.61 -22.46 4.25
C ALA A 15 -29.79 -23.93 4.63
N PHE A 16 -30.97 -24.29 5.15
CA PHE A 16 -31.20 -25.68 5.54
C PHE A 16 -31.49 -26.59 4.36
N SER A 17 -31.63 -26.06 3.15
CA SER A 17 -31.90 -26.88 1.99
C SER A 17 -30.76 -26.88 0.99
N MET A 18 -29.62 -26.34 1.35
CA MET A 18 -28.50 -26.40 0.42
C MET A 18 -27.81 -27.77 0.38
N PRO A 19 -27.57 -28.52 1.48
CA PRO A 19 -26.92 -29.82 1.32
C PRO A 19 -27.73 -30.89 0.61
N ILE A 20 -29.03 -30.71 0.37
CA ILE A 20 -29.78 -31.71 -0.38
C ILE A 20 -30.03 -31.31 -1.83
N VAL A 21 -29.55 -30.14 -2.26
CA VAL A 21 -29.58 -29.77 -3.66
C VAL A 21 -28.17 -29.70 -4.24
N SER A 22 -27.17 -30.06 -3.46
CA SER A 22 -25.83 -30.20 -3.99
C SER A 22 -25.55 -31.62 -4.48
N LEU A 23 -26.55 -32.48 -4.44
CA LEU A 23 -26.46 -33.79 -5.04
C LEU A 23 -26.80 -33.78 -6.52
N LEU A 24 -27.07 -32.61 -7.08
CA LEU A 24 -27.20 -32.46 -8.53
C LEU A 24 -25.86 -32.27 -9.20
N LYS A 25 -24.79 -32.12 -8.40
CA LYS A 25 -23.36 -32.23 -8.74
C LYS A 25 -22.92 -31.40 -9.96
N GLY A 26 -23.68 -30.38 -10.31
CA GLY A 26 -23.34 -29.58 -11.48
C GLY A 26 -23.08 -28.13 -11.13
N LYS A 27 -24.03 -27.26 -11.46
CA LYS A 27 -23.97 -25.87 -11.04
C LYS A 27 -25.31 -25.41 -10.48
N ALA A 28 -26.16 -26.33 -10.02
CA ALA A 28 -27.37 -25.92 -9.35
C ALA A 28 -27.09 -25.34 -7.98
N LYS A 29 -25.96 -25.72 -7.37
CA LYS A 29 -25.58 -25.28 -6.02
C LYS A 29 -25.26 -23.80 -5.94
N GLU A 30 -25.17 -23.10 -7.06
CA GLU A 30 -25.04 -21.66 -7.10
C GLU A 30 -26.34 -20.98 -7.52
N ILE A 31 -27.04 -21.57 -8.49
CA ILE A 31 -28.21 -20.91 -9.04
C ILE A 31 -29.40 -21.04 -8.09
N TRP A 32 -29.33 -21.94 -7.12
CA TRP A 32 -30.30 -21.91 -6.05
C TRP A 32 -30.00 -20.81 -5.05
N ALA A 33 -28.71 -20.60 -4.76
CA ALA A 33 -28.32 -19.59 -3.78
C ALA A 33 -28.62 -18.19 -4.27
N SER A 34 -28.38 -17.93 -5.57
CA SER A 34 -28.63 -16.60 -6.11
C SER A 34 -30.11 -16.23 -6.10
N MET A 35 -30.97 -17.19 -6.44
CA MET A 35 -32.41 -16.96 -6.40
C MET A 35 -32.91 -16.75 -4.98
N ILE A 36 -32.45 -17.61 -4.05
CA ILE A 36 -32.93 -17.53 -2.68
C ILE A 36 -32.36 -16.32 -1.96
N SER A 37 -31.29 -15.72 -2.48
CA SER A 37 -30.84 -14.43 -2.01
C SER A 37 -31.52 -13.26 -2.71
N PHE A 38 -32.03 -13.47 -3.92
CA PHE A 38 -32.72 -12.41 -4.63
C PHE A 38 -34.10 -12.14 -4.07
N ALA A 39 -34.80 -13.15 -3.54
CA ALA A 39 -36.15 -12.89 -3.04
C ALA A 39 -36.17 -12.02 -1.79
N THR A 40 -35.10 -12.04 -1.01
CA THR A 40 -35.01 -11.25 0.21
C THR A 40 -34.98 -9.76 -0.09
N LEU A 41 -34.46 -9.39 -1.26
CA LEU A 41 -34.43 -7.98 -1.67
C LEU A 41 -35.84 -7.45 -1.90
N ILE A 42 -36.72 -8.27 -2.51
CA ILE A 42 -38.11 -7.90 -2.71
C ILE A 42 -38.82 -7.72 -1.38
N VAL A 43 -38.59 -8.66 -0.47
CA VAL A 43 -39.28 -8.56 0.82
C VAL A 43 -38.74 -7.39 1.65
N GLY A 44 -37.46 -7.04 1.46
CA GLY A 44 -36.91 -5.89 2.16
C GLY A 44 -37.45 -4.56 1.66
N ILE A 45 -37.62 -4.43 0.33
CA ILE A 45 -38.24 -3.22 -0.22
C ILE A 45 -39.66 -3.07 0.27
N GLN A 46 -40.41 -4.17 0.34
CA GLN A 46 -41.80 -4.06 0.76
C GLN A 46 -41.93 -3.74 2.24
N VAL A 47 -41.04 -4.27 3.08
CA VAL A 47 -41.15 -3.93 4.51
C VAL A 47 -40.69 -2.49 4.75
N PHE A 48 -39.75 -1.98 3.94
CA PHE A 48 -39.35 -0.58 4.02
C PHE A 48 -40.51 0.35 3.68
N ARG A 49 -41.24 0.02 2.61
CA ARG A 49 -42.39 0.81 2.22
C ARG A 49 -43.50 0.75 3.26
N GLU A 50 -43.69 -0.41 3.89
CA GLU A 50 -44.77 -0.56 4.86
C GLU A 50 -44.48 0.20 6.15
N VAL A 51 -43.21 0.27 6.57
CA VAL A 51 -42.94 1.04 7.79
C VAL A 51 -42.90 2.54 7.49
N TRP A 52 -42.48 2.95 6.29
CA TRP A 52 -42.50 4.39 6.01
C TRP A 52 -43.88 4.89 5.63
N SER A 53 -44.84 4.01 5.36
CA SER A 53 -46.21 4.48 5.16
C SER A 53 -46.82 4.94 6.47
N LYS A 54 -46.82 4.07 7.49
CA LYS A 54 -47.43 4.41 8.76
C LYS A 54 -46.89 3.49 9.85
N GLY A 55 -46.97 3.96 11.08
CA GLY A 55 -46.84 3.11 12.24
C GLY A 55 -45.41 2.80 12.66
N THR A 56 -45.31 2.22 13.85
CA THR A 56 -44.12 1.59 14.41
C THR A 56 -44.61 0.21 14.82
N ILE A 57 -44.46 -0.76 13.94
CA ILE A 57 -45.17 -2.01 14.08
C ILE A 57 -44.46 -2.93 15.06
N VAL A 58 -45.21 -3.47 16.01
CA VAL A 58 -44.71 -4.51 16.90
C VAL A 58 -45.24 -5.84 16.39
N TYR A 59 -44.61 -6.92 16.82
CA TYR A 59 -45.03 -8.23 16.38
C TYR A 59 -44.78 -9.22 17.50
N THR A 60 -45.60 -10.26 17.56
CA THR A 60 -45.61 -11.15 18.71
C THR A 60 -45.65 -12.59 18.24
N LEU A 61 -44.73 -13.41 18.74
CA LEU A 61 -44.60 -14.79 18.27
C LEU A 61 -45.41 -15.70 19.17
N GLY A 62 -46.59 -16.10 18.71
CA GLY A 62 -47.45 -16.88 19.57
C GLY A 62 -48.87 -16.33 19.62
N ALA A 63 -49.27 -15.82 20.78
CA ALA A 63 -50.56 -15.17 20.91
C ALA A 63 -50.59 -13.91 20.04
N PRO A 64 -51.78 -13.43 19.68
CA PRO A 64 -51.87 -12.13 18.99
C PRO A 64 -51.52 -10.92 19.84
N ASN A 65 -51.25 -11.08 21.14
CA ASN A 65 -50.80 -9.98 22.00
C ASN A 65 -49.64 -10.45 22.85
N PRO A 66 -48.74 -9.55 23.26
CA PRO A 66 -47.68 -9.97 24.19
C PRO A 66 -48.12 -9.94 25.64
N PHE A 67 -49.31 -10.43 25.93
CA PHE A 67 -49.87 -10.36 27.27
C PHE A 67 -50.82 -11.51 27.44
N GLY A 68 -50.67 -12.28 28.51
CA GLY A 68 -51.61 -13.33 28.81
C GLY A 68 -52.71 -12.83 29.71
N LYS A 69 -52.87 -13.50 30.85
CA LYS A 69 -53.73 -13.00 31.91
C LYS A 69 -52.89 -12.22 32.90
N ALA A 70 -52.13 -11.24 32.42
CA ALA A 70 -51.14 -10.56 33.24
C ALA A 70 -51.06 -9.10 32.82
N THR A 71 -50.02 -8.42 33.26
CA THR A 71 -49.85 -6.99 33.00
C THR A 71 -48.42 -6.65 32.58
N PHE A 72 -47.69 -7.61 32.04
CA PHE A 72 -46.28 -7.45 31.67
C PHE A 72 -45.97 -8.47 30.58
N PRO A 73 -44.98 -8.21 29.73
CA PRO A 73 -44.79 -9.07 28.56
C PRO A 73 -44.34 -10.49 28.90
N ILE A 74 -44.76 -11.42 28.05
CA ILE A 74 -44.52 -12.83 28.23
C ILE A 74 -43.73 -13.35 27.04
N ARG A 75 -44.28 -13.18 25.84
CA ARG A 75 -43.67 -13.72 24.63
C ARG A 75 -42.49 -12.86 24.18
N ILE A 76 -42.00 -13.16 22.98
CA ILE A 76 -40.89 -12.45 22.37
C ILE A 76 -41.45 -11.47 21.36
N VAL A 77 -41.10 -10.19 21.49
CA VAL A 77 -41.71 -9.12 20.71
C VAL A 77 -40.68 -8.55 19.75
N TRP A 78 -41.15 -8.06 18.60
CA TRP A 78 -40.32 -7.42 17.58
C TRP A 78 -40.76 -5.97 17.41
N GLU A 79 -39.80 -5.06 17.31
CA GLU A 79 -40.04 -3.64 17.10
C GLU A 79 -39.09 -3.12 16.04
N VAL A 80 -39.64 -2.62 14.95
CA VAL A 80 -38.85 -2.28 13.77
C VAL A 80 -39.08 -0.80 13.39
N ASP A 81 -39.01 0.09 14.39
CA ASP A 81 -39.08 1.53 14.15
C ASP A 81 -38.10 2.06 13.11
N LYS A 82 -38.31 3.31 12.65
CA LYS A 82 -37.82 3.85 11.38
C LYS A 82 -36.33 3.65 11.12
N PHE A 83 -35.51 3.44 12.14
CA PHE A 83 -34.07 3.32 11.97
C PHE A 83 -33.61 1.90 11.68
N GLY A 84 -34.33 0.88 12.16
CA GLY A 84 -33.99 -0.48 11.77
C GLY A 84 -34.32 -0.80 10.33
N ALA A 85 -35.24 -0.04 9.73
CA ALA A 85 -35.65 -0.31 8.36
C ALA A 85 -34.57 0.02 7.35
N LEU A 86 -33.74 1.02 7.62
CA LEU A 86 -32.61 1.29 6.74
C LEU A 86 -31.57 0.20 6.82
N MET A 87 -31.33 -0.33 8.01
CA MET A 87 -30.39 -1.44 8.10
C MET A 87 -30.92 -2.69 7.43
N VAL A 88 -32.23 -2.91 7.49
CA VAL A 88 -32.82 -4.02 6.74
C VAL A 88 -32.73 -3.77 5.24
N LEU A 89 -32.86 -2.51 4.82
CA LEU A 89 -32.85 -2.23 3.39
C LEU A 89 -31.45 -2.20 2.80
N ILE A 90 -30.42 -1.92 3.59
CA ILE A 90 -29.09 -1.83 3.00
C ILE A 90 -28.30 -3.12 3.17
N VAL A 91 -28.69 -4.00 4.08
CA VAL A 91 -27.96 -5.26 4.19
C VAL A 91 -28.43 -6.27 3.15
N THR A 92 -29.65 -6.11 2.61
CA THR A 92 -30.16 -7.03 1.62
C THR A 92 -29.83 -6.60 0.20
N PHE A 93 -28.90 -5.67 0.04
CA PHE A 93 -28.54 -5.13 -1.27
C PHE A 93 -27.10 -5.46 -1.62
N VAL A 94 -26.17 -5.14 -0.73
CA VAL A 94 -24.77 -5.51 -0.92
C VAL A 94 -24.60 -7.03 -0.84
N SER A 95 -25.49 -7.72 -0.11
CA SER A 95 -25.44 -9.18 -0.06
C SER A 95 -25.78 -9.79 -1.41
N PHE A 96 -26.81 -9.28 -2.09
CA PHE A 96 -27.13 -9.76 -3.43
C PHE A 96 -26.02 -9.43 -4.41
N LEU A 97 -25.50 -8.20 -4.36
CA LEU A 97 -24.43 -7.81 -5.26
C LEU A 97 -23.10 -8.48 -4.94
N ALA A 98 -22.97 -9.16 -3.80
CA ALA A 98 -21.77 -9.91 -3.51
C ALA A 98 -21.97 -11.42 -3.63
N VAL A 99 -23.21 -11.89 -3.75
CA VAL A 99 -23.46 -13.28 -4.10
C VAL A 99 -23.43 -13.50 -5.60
N ILE A 100 -24.05 -12.62 -6.39
CA ILE A 100 -23.94 -12.75 -7.85
C ILE A 100 -22.54 -12.39 -8.35
N TYR A 101 -21.72 -11.77 -7.51
CA TYR A 101 -20.33 -11.52 -7.86
C TYR A 101 -19.55 -12.81 -7.96
N SER A 102 -19.49 -13.56 -6.87
CA SER A 102 -18.53 -14.68 -6.76
C SER A 102 -19.11 -15.93 -7.40
N ILE A 103 -19.18 -15.89 -8.73
CA ILE A 103 -19.28 -17.08 -9.55
C ILE A 103 -17.97 -17.34 -10.27
N GLU A 104 -17.35 -16.29 -10.80
CA GLU A 104 -16.08 -16.41 -11.50
C GLU A 104 -14.91 -16.28 -10.54
N TYR A 105 -15.02 -15.44 -9.53
CA TYR A 105 -14.07 -15.52 -8.45
C TYR A 105 -14.49 -16.65 -7.52
N MET A 106 -13.51 -17.24 -6.84
CA MET A 106 -13.69 -18.44 -6.00
C MET A 106 -14.29 -19.60 -6.78
N LYS A 107 -13.59 -20.01 -7.83
CA LYS A 107 -13.92 -21.24 -8.54
C LYS A 107 -12.70 -22.05 -8.91
N HIS A 108 -11.50 -21.56 -8.62
CA HIS A 108 -10.31 -22.40 -8.69
C HIS A 108 -10.16 -23.26 -7.45
N ASP A 109 -10.98 -23.04 -6.43
CA ASP A 109 -10.79 -23.64 -5.12
C ASP A 109 -11.80 -24.78 -4.92
N THR A 110 -11.61 -25.52 -3.85
CA THR A 110 -12.31 -26.77 -3.64
C THR A 110 -13.27 -26.69 -2.46
N GLY A 111 -14.37 -27.43 -2.57
CA GLY A 111 -15.29 -27.53 -1.46
C GLY A 111 -16.23 -26.35 -1.32
N LEU A 112 -16.69 -25.80 -2.43
CA LEU A 112 -17.61 -24.67 -2.37
C LEU A 112 -19.08 -25.11 -2.38
N GLU A 113 -19.37 -26.07 -1.51
CA GLU A 113 -20.71 -26.41 -1.08
C GLU A 113 -21.03 -25.86 0.30
N LYS A 114 -20.03 -25.81 1.18
CA LYS A 114 -20.17 -25.18 2.47
C LYS A 114 -20.10 -23.66 2.38
N PHE A 115 -19.50 -23.15 1.31
CA PHE A 115 -19.28 -21.72 1.19
C PHE A 115 -20.59 -20.96 1.06
N TYR A 116 -21.49 -21.46 0.22
CA TYR A 116 -22.72 -20.71 -0.04
C TYR A 116 -23.67 -20.77 1.14
N THR A 117 -23.69 -21.87 1.89
CA THR A 117 -24.52 -21.87 3.07
C THR A 117 -23.93 -21.00 4.18
N LEU A 118 -22.59 -20.86 4.25
CA LEU A 118 -22.05 -19.89 5.21
C LEU A 118 -22.36 -18.45 4.79
N ILE A 119 -22.29 -18.16 3.50
CA ILE A 119 -22.56 -16.79 3.08
C ILE A 119 -24.05 -16.48 3.12
N LEU A 120 -24.91 -17.48 3.18
CA LEU A 120 -26.31 -17.22 3.45
C LEU A 120 -26.63 -17.12 4.93
N ILE A 121 -25.81 -17.71 5.80
CA ILE A 121 -26.01 -17.50 7.22
C ILE A 121 -25.58 -16.09 7.66
N LEU A 122 -24.56 -15.56 6.98
CA LEU A 122 -24.07 -14.22 7.27
C LEU A 122 -25.20 -13.18 7.23
N GLU A 123 -25.95 -13.17 6.14
CA GLU A 123 -27.04 -12.23 5.97
C GLU A 123 -28.34 -12.77 6.56
N LEU A 124 -28.26 -13.75 7.44
CA LEU A 124 -29.36 -14.17 8.29
C LEU A 124 -29.16 -13.72 9.73
N GLY A 125 -27.95 -13.88 10.26
CA GLY A 125 -27.68 -13.40 11.59
C GLY A 125 -27.40 -11.93 11.67
N MET A 126 -27.66 -11.19 10.61
CA MET A 126 -27.47 -9.75 10.58
C MET A 126 -28.79 -9.02 10.36
N LEU A 127 -29.83 -9.72 9.92
CA LEU A 127 -31.18 -9.18 9.92
C LEU A 127 -31.76 -9.15 11.33
N GLY A 128 -31.55 -10.24 12.07
CA GLY A 128 -32.19 -10.42 13.36
C GLY A 128 -31.71 -9.48 14.43
N ILE A 129 -30.53 -8.88 14.26
CA ILE A 129 -30.12 -7.82 15.18
C ILE A 129 -30.95 -6.58 14.94
N ALA A 130 -31.28 -6.30 13.68
CA ALA A 130 -32.09 -5.13 13.37
C ALA A 130 -33.54 -5.33 13.78
N ILE A 131 -34.07 -6.54 13.57
CA ILE A 131 -35.51 -6.74 13.71
C ILE A 131 -35.95 -6.87 15.16
N THR A 132 -35.04 -7.11 16.10
CA THR A 132 -35.44 -7.63 17.40
C THR A 132 -35.71 -6.54 18.42
N GLY A 133 -36.41 -6.93 19.49
CA GLY A 133 -36.74 -6.06 20.58
C GLY A 133 -36.70 -6.82 21.90
N ASP A 134 -35.91 -7.88 21.93
CA ASP A 134 -35.70 -8.70 23.11
C ASP A 134 -34.22 -8.66 23.46
N ILE A 135 -33.90 -8.82 24.74
CA ILE A 135 -32.51 -8.60 25.14
C ILE A 135 -31.68 -9.88 25.10
N PHE A 136 -32.30 -11.06 25.20
CA PHE A 136 -31.50 -12.27 25.08
C PHE A 136 -31.37 -12.76 23.66
N ASN A 137 -32.39 -12.53 22.84
CA ASN A 137 -32.35 -12.87 21.42
C ASN A 137 -31.22 -12.16 20.70
N PHE A 138 -30.88 -10.96 21.19
CA PHE A 138 -29.75 -10.20 20.71
C PHE A 138 -28.43 -10.97 20.84
N TYR A 139 -28.29 -11.77 21.89
CA TYR A 139 -27.03 -12.49 22.11
C TYR A 139 -26.87 -13.65 21.14
N VAL A 140 -27.94 -14.40 20.88
CA VAL A 140 -27.89 -15.48 19.90
C VAL A 140 -27.62 -14.91 18.51
N PHE A 141 -28.30 -13.82 18.15
CA PHE A 141 -28.08 -13.29 16.82
C PHE A 141 -26.76 -12.53 16.69
N LEU A 142 -26.15 -12.13 17.80
CA LEU A 142 -24.78 -11.65 17.72
C LEU A 142 -23.79 -12.79 17.65
N GLU A 143 -24.19 -13.98 18.09
CA GLU A 143 -23.26 -15.10 18.07
C GLU A 143 -23.20 -15.80 16.71
N ILE A 144 -24.34 -15.87 16.01
CA ILE A 144 -24.39 -16.52 14.69
C ILE A 144 -23.45 -15.85 13.71
N MET A 145 -23.55 -14.52 13.66
CA MET A 145 -22.73 -13.67 12.80
C MET A 145 -21.25 -13.84 13.10
N SER A 146 -20.89 -13.90 14.38
CA SER A 146 -19.50 -14.04 14.78
C SER A 146 -18.94 -15.42 14.42
N ILE A 147 -19.72 -16.49 14.62
CA ILE A 147 -19.22 -17.82 14.32
C ILE A 147 -18.99 -18.01 12.83
N ALA A 148 -19.95 -17.60 12.00
CA ALA A 148 -19.71 -17.80 10.57
C ALA A 148 -18.68 -16.81 10.02
N SER A 149 -18.48 -15.66 10.68
CA SER A 149 -17.38 -14.81 10.26
C SER A 149 -16.02 -15.34 10.70
N TYR A 150 -15.98 -16.17 11.75
CA TYR A 150 -14.74 -16.89 12.04
C TYR A 150 -14.48 -17.94 10.98
N ALA A 151 -15.54 -18.57 10.49
CA ALA A 151 -15.35 -19.68 9.58
C ALA A 151 -15.18 -19.26 8.13
N LEU A 152 -15.39 -17.99 7.79
CA LEU A 152 -15.11 -17.57 6.43
C LEU A 152 -13.74 -16.94 6.25
N VAL A 153 -13.08 -16.52 7.32
CA VAL A 153 -11.77 -15.91 7.19
C VAL A 153 -10.70 -16.98 6.94
N ALA A 154 -10.75 -18.07 7.70
CA ALA A 154 -9.74 -19.12 7.64
C ALA A 154 -10.13 -20.22 6.68
N PHE A 155 -10.78 -19.87 5.57
CA PHE A 155 -11.33 -20.86 4.66
C PHE A 155 -10.25 -21.50 3.81
N ARG A 156 -9.42 -20.70 3.15
CA ARG A 156 -8.29 -21.24 2.41
C ARG A 156 -7.26 -21.71 3.42
N ASN A 157 -7.43 -22.95 3.89
CA ASN A 157 -6.62 -23.42 5.01
C ASN A 157 -5.19 -23.74 4.63
N ASP A 158 -4.89 -23.93 3.36
CA ASP A 158 -3.56 -24.35 2.96
C ASP A 158 -2.60 -23.20 2.74
N THR A 159 -3.02 -21.96 2.97
CA THR A 159 -2.10 -20.86 2.79
C THR A 159 -1.43 -20.51 4.12
N TRP A 160 -0.29 -19.80 4.00
CA TRP A 160 0.64 -19.61 5.11
C TRP A 160 0.02 -18.82 6.25
N GLU A 161 -0.93 -17.95 5.95
CA GLU A 161 -1.46 -17.01 6.93
C GLU A 161 -2.97 -16.88 6.88
N GLY A 162 -3.65 -17.84 6.27
CA GLY A 162 -5.10 -17.89 6.40
C GLY A 162 -5.54 -18.46 7.73
N ILE A 163 -4.74 -19.34 8.31
CA ILE A 163 -4.97 -19.81 9.67
C ILE A 163 -4.15 -19.02 10.68
N GLU A 164 -3.68 -17.84 10.29
CA GLU A 164 -3.04 -16.94 11.24
C GLU A 164 -3.91 -15.75 11.57
N ALA A 165 -4.74 -15.31 10.63
CA ALA A 165 -5.73 -14.28 10.95
C ALA A 165 -6.91 -14.86 11.70
N GLY A 166 -7.27 -16.11 11.40
CA GLY A 166 -8.42 -16.73 12.03
C GLY A 166 -8.23 -16.95 13.52
N ILE A 167 -7.02 -17.30 13.93
CA ILE A 167 -6.75 -17.53 15.35
C ILE A 167 -6.78 -16.21 16.12
N LYS A 168 -6.20 -15.16 15.54
CA LYS A 168 -6.19 -13.84 16.18
C LYS A 168 -7.60 -13.29 16.34
N TYR A 169 -8.45 -13.47 15.34
CA TYR A 169 -9.81 -12.98 15.45
C TYR A 169 -10.64 -13.85 16.39
N MET A 170 -10.40 -15.16 16.37
CA MET A 170 -11.15 -16.11 17.19
C MET A 170 -10.93 -15.89 18.69
N PHE A 171 -9.67 -15.93 19.11
CA PHE A 171 -9.41 -16.00 20.55
C PHE A 171 -9.65 -14.70 21.28
N ALA A 172 -9.86 -13.60 20.57
CA ALA A 172 -10.25 -12.35 21.20
C ALA A 172 -11.73 -12.07 21.05
N GLY A 173 -12.34 -12.40 19.90
CA GLY A 173 -13.77 -12.27 19.78
C GLY A 173 -14.55 -13.20 20.68
N SER A 174 -14.04 -14.40 20.92
CA SER A 174 -14.74 -15.31 21.81
C SER A 174 -14.57 -14.95 23.28
N LEU A 175 -13.72 -13.97 23.61
CA LEU A 175 -13.71 -13.38 24.93
C LEU A 175 -14.58 -12.14 25.01
N ALA A 176 -14.55 -11.29 23.99
CA ALA A 176 -15.38 -10.10 23.97
C ALA A 176 -16.87 -10.43 23.87
N SER A 177 -17.22 -11.59 23.35
CA SER A 177 -18.62 -11.98 23.28
C SER A 177 -19.08 -12.76 24.49
N SER A 178 -18.32 -12.76 25.58
CA SER A 178 -18.79 -13.31 26.84
C SER A 178 -18.96 -12.27 27.93
N PHE A 179 -18.36 -11.08 27.77
CA PHE A 179 -18.74 -9.93 28.58
C PHE A 179 -20.22 -9.61 28.45
N VAL A 180 -20.76 -9.72 27.23
CA VAL A 180 -22.17 -9.47 27.01
C VAL A 180 -23.03 -10.49 27.74
N LEU A 181 -22.58 -11.74 27.78
CA LEU A 181 -23.39 -12.75 28.46
C LEU A 181 -23.28 -12.61 29.97
N LEU A 182 -22.14 -12.14 30.48
CA LEU A 182 -22.08 -11.84 31.90
C LEU A 182 -22.93 -10.63 32.26
N GLY A 183 -23.02 -9.66 31.34
CA GLY A 183 -23.91 -8.54 31.56
C GLY A 183 -25.37 -8.95 31.61
N ILE A 184 -25.76 -9.88 30.74
CA ILE A 184 -27.14 -10.34 30.75
C ILE A 184 -27.43 -11.19 31.98
N ALA A 185 -26.46 -12.01 32.41
CA ALA A 185 -26.65 -12.80 33.63
C ALA A 185 -26.71 -11.92 34.87
N LEU A 186 -26.01 -10.80 34.86
CA LEU A 186 -25.99 -9.91 36.01
C LEU A 186 -27.13 -8.91 36.00
N LEU A 187 -27.74 -8.69 34.84
CA LEU A 187 -28.87 -7.81 34.70
C LEU A 187 -30.20 -8.55 34.80
N TYR A 188 -30.21 -9.87 34.66
CA TYR A 188 -31.44 -10.60 34.92
C TYR A 188 -31.79 -10.57 36.40
N GLY A 189 -30.86 -11.01 37.24
CA GLY A 189 -31.19 -11.36 38.61
C GLY A 189 -31.54 -10.19 39.50
N GLN A 190 -31.33 -8.97 39.04
CA GLN A 190 -31.67 -7.79 39.79
C GLN A 190 -33.06 -7.26 39.46
N TYR A 191 -33.45 -7.27 38.19
CA TYR A 191 -34.70 -6.63 37.79
C TYR A 191 -35.81 -7.63 37.51
N GLY A 192 -35.56 -8.65 36.71
CA GLY A 192 -36.40 -9.82 36.66
C GLY A 192 -37.07 -10.09 35.34
N THR A 193 -37.09 -9.14 34.41
CA THR A 193 -37.69 -9.36 33.11
C THR A 193 -36.64 -9.26 32.03
N LEU A 194 -37.01 -9.75 30.86
CA LEU A 194 -36.03 -9.98 29.80
C LEU A 194 -36.67 -9.46 28.52
N THR A 195 -36.55 -8.16 28.30
CA THR A 195 -37.10 -7.48 27.13
C THR A 195 -36.44 -6.11 27.07
N MET A 196 -36.76 -5.35 26.03
CA MET A 196 -36.11 -4.06 25.86
C MET A 196 -37.04 -2.88 26.01
N GLY A 197 -38.35 -3.10 26.02
CA GLY A 197 -39.25 -1.99 26.25
C GLY A 197 -39.62 -1.88 27.69
N TYR A 198 -40.09 -2.99 28.27
CA TYR A 198 -40.54 -3.01 29.65
C TYR A 198 -39.38 -2.95 30.63
N LEU A 199 -38.14 -3.18 30.18
CA LEU A 199 -37.02 -3.06 31.09
C LEU A 199 -36.66 -1.60 31.33
N ALA A 200 -36.94 -0.72 30.36
CA ALA A 200 -36.70 0.70 30.57
C ALA A 200 -37.69 1.31 31.55
N VAL A 201 -38.83 0.66 31.77
CA VAL A 201 -39.73 1.06 32.83
C VAL A 201 -39.15 0.69 34.18
N LYS A 202 -38.76 -0.57 34.35
CA LYS A 202 -38.24 -1.06 35.63
C LYS A 202 -36.90 -0.47 35.99
N ILE A 203 -36.13 0.04 35.02
CA ILE A 203 -34.83 0.60 35.33
C ILE A 203 -34.95 1.96 36.00
N ALA A 204 -36.12 2.59 35.95
CA ALA A 204 -36.26 3.99 36.34
C ALA A 204 -36.45 4.17 37.84
N GLU A 205 -37.16 3.25 38.50
CA GLU A 205 -37.52 3.48 39.89
C GLU A 205 -36.35 3.22 40.83
N ASN A 206 -35.66 2.10 40.65
CA ASN A 206 -34.59 1.72 41.58
C ASN A 206 -33.27 1.63 40.83
N PRO A 207 -32.48 2.69 40.79
CA PRO A 207 -31.13 2.56 40.27
C PRO A 207 -30.25 1.77 41.24
N THR A 208 -29.30 1.04 40.68
CA THR A 208 -28.44 0.16 41.45
C THR A 208 -27.04 0.31 40.88
N ILE A 209 -26.04 -0.17 41.63
CA ILE A 209 -24.69 -0.28 41.09
C ILE A 209 -24.64 -1.35 40.01
N VAL A 210 -25.55 -2.34 40.08
CA VAL A 210 -25.70 -3.34 39.03
C VAL A 210 -26.03 -2.69 37.69
N ALA A 211 -26.86 -1.66 37.70
CA ALA A 211 -27.27 -0.99 36.48
C ALA A 211 -26.15 -0.22 35.81
N LYS A 212 -25.03 0.03 36.49
CA LYS A 212 -23.89 0.67 35.84
C LYS A 212 -22.76 -0.30 35.56
N VAL A 213 -22.58 -1.29 36.42
CA VAL A 213 -21.64 -2.38 36.13
C VAL A 213 -22.06 -3.11 34.86
N ALA A 214 -23.35 -3.41 34.73
CA ALA A 214 -23.88 -4.09 33.55
C ALA A 214 -24.00 -3.20 32.33
N LEU A 215 -23.51 -1.96 32.38
CA LEU A 215 -23.39 -1.11 31.21
C LEU A 215 -21.96 -0.90 30.79
N ALA A 216 -21.05 -0.81 31.78
CA ALA A 216 -19.65 -0.55 31.50
C ALA A 216 -19.04 -1.62 30.62
N LEU A 217 -19.03 -2.87 31.09
CA LEU A 217 -18.47 -3.94 30.29
C LEU A 217 -19.39 -4.31 29.13
N PHE A 218 -20.67 -3.94 29.21
CA PHE A 218 -21.59 -4.16 28.10
C PHE A 218 -21.18 -3.35 26.88
N ILE A 219 -20.81 -2.08 27.08
CA ILE A 219 -20.32 -1.25 25.98
C ILE A 219 -18.88 -1.61 25.63
N GLY A 220 -18.08 -1.98 26.62
CA GLY A 220 -16.72 -2.43 26.34
C GLY A 220 -16.62 -3.70 25.53
N GLY A 221 -17.66 -4.53 25.57
CA GLY A 221 -17.72 -5.69 24.70
C GLY A 221 -18.11 -5.33 23.29
N LEU A 222 -19.19 -4.56 23.12
CA LEU A 222 -19.64 -4.17 21.79
C LEU A 222 -18.68 -3.24 21.08
N LEU A 223 -17.79 -2.57 21.80
CA LEU A 223 -16.72 -1.81 21.13
C LEU A 223 -15.62 -2.68 20.57
N PHE A 224 -15.63 -3.98 20.80
CA PHE A 224 -14.62 -4.79 20.13
C PHE A 224 -15.08 -5.16 18.74
N LYS A 225 -16.38 -5.28 18.51
CA LYS A 225 -16.89 -5.58 17.18
C LYS A 225 -17.04 -4.32 16.34
N SER A 226 -15.97 -3.55 16.26
CA SER A 226 -15.92 -2.31 15.51
C SER A 226 -14.46 -2.05 15.18
N GLY A 227 -14.16 -0.84 14.78
CA GLY A 227 -12.77 -0.43 14.68
C GLY A 227 -12.47 0.65 15.68
N ALA A 228 -12.95 0.49 16.91
CA ALA A 228 -12.61 1.43 17.96
C ALA A 228 -11.12 1.37 18.26
N ALA A 229 -10.60 2.46 18.82
CA ALA A 229 -9.19 2.78 18.62
C ALA A 229 -8.17 1.89 19.32
N PRO A 230 -8.29 1.49 20.59
CA PRO A 230 -7.28 0.57 21.12
C PRO A 230 -7.46 -0.88 20.68
N VAL A 231 -8.60 -1.24 20.10
CA VAL A 231 -8.93 -2.63 19.87
C VAL A 231 -9.18 -2.91 18.39
N HIS A 232 -8.47 -2.21 17.52
CA HIS A 232 -8.74 -2.23 16.08
C HIS A 232 -7.81 -3.14 15.30
N MET A 233 -7.01 -3.97 15.96
CA MET A 233 -5.92 -4.61 15.24
C MET A 233 -6.32 -5.86 14.48
N TRP A 234 -7.42 -6.53 14.86
CA TRP A 234 -7.82 -7.75 14.17
C TRP A 234 -8.29 -7.48 12.75
N LEU A 235 -8.85 -6.30 12.50
CA LEU A 235 -9.38 -5.98 11.19
C LEU A 235 -8.27 -5.77 10.17
N ALA A 236 -7.14 -5.23 10.64
CA ALA A 236 -6.04 -4.84 9.77
C ALA A 236 -5.38 -6.03 9.11
N ASP A 237 -5.41 -7.20 9.74
CA ASP A 237 -4.93 -8.43 9.12
C ASP A 237 -6.03 -9.44 8.84
N ALA A 238 -7.29 -9.13 9.16
CA ALA A 238 -8.40 -9.91 8.63
C ALA A 238 -8.82 -9.47 7.25
N HIS A 239 -8.46 -8.25 6.82
CA HIS A 239 -8.75 -7.91 5.42
C HIS A 239 -7.81 -8.44 4.33
N PRO A 240 -6.48 -8.46 4.46
CA PRO A 240 -5.70 -9.08 3.39
C PRO A 240 -5.84 -10.59 3.31
N ALA A 241 -6.19 -11.25 4.41
CA ALA A 241 -6.33 -12.70 4.42
C ALA A 241 -7.80 -13.09 4.28
N ALA A 242 -8.36 -12.81 3.12
CA ALA A 242 -9.76 -13.11 2.88
C ALA A 242 -9.99 -13.18 1.39
N PRO A 243 -10.93 -14.00 0.93
CA PRO A 243 -11.45 -13.85 -0.43
C PRO A 243 -12.18 -12.52 -0.53
N SER A 244 -12.10 -11.91 -1.71
CA SER A 244 -12.57 -10.53 -1.85
C SER A 244 -14.07 -10.39 -1.78
N SER A 245 -14.84 -11.46 -1.99
CA SER A 245 -16.27 -11.36 -1.76
C SER A 245 -16.61 -11.33 -0.28
N ILE A 246 -15.68 -11.72 0.58
CA ILE A 246 -15.92 -11.68 2.02
C ILE A 246 -15.62 -10.30 2.57
N SER A 247 -14.50 -9.71 2.17
CA SER A 247 -14.10 -8.42 2.69
C SER A 247 -15.02 -7.30 2.22
N ALA A 248 -15.72 -7.47 1.11
CA ALA A 248 -16.72 -6.50 0.74
C ALA A 248 -17.94 -6.54 1.64
N MET A 249 -18.21 -7.67 2.26
CA MET A 249 -19.35 -7.83 3.14
C MET A 249 -18.88 -7.93 4.59
N LEU A 250 -17.66 -7.49 4.86
CA LEU A 250 -17.14 -7.43 6.23
C LEU A 250 -16.56 -6.07 6.58
N SER A 251 -16.14 -5.27 5.61
CA SER A 251 -15.75 -3.90 5.90
C SER A 251 -16.96 -2.98 5.87
N GLY A 252 -17.96 -3.34 5.11
CA GLY A 252 -19.10 -2.47 4.95
C GLY A 252 -20.26 -2.76 5.88
N LEU A 253 -20.45 -3.99 6.33
CA LEU A 253 -21.70 -4.36 6.96
C LEU A 253 -21.54 -4.83 8.41
N VAL A 254 -20.68 -5.82 8.66
CA VAL A 254 -20.62 -6.44 9.99
C VAL A 254 -19.97 -5.52 11.02
N ILE A 255 -19.27 -4.48 10.58
CA ILE A 255 -18.75 -3.52 11.52
C ILE A 255 -19.87 -2.61 11.99
N LYS A 256 -20.82 -2.32 11.11
CA LYS A 256 -21.85 -1.32 11.37
C LYS A 256 -23.24 -1.93 11.52
N ILE A 257 -23.29 -3.19 11.96
CA ILE A 257 -24.49 -3.79 12.52
C ILE A 257 -24.24 -4.28 13.93
N GLY A 258 -23.19 -5.07 14.11
CA GLY A 258 -22.89 -5.52 15.45
C GLY A 258 -22.11 -4.55 16.29
N GLY A 259 -21.76 -3.39 15.77
CA GLY A 259 -20.91 -2.51 16.55
C GLY A 259 -21.35 -1.07 16.76
N ILE A 260 -22.15 -0.53 15.85
CA ILE A 260 -22.63 0.84 15.93
C ILE A 260 -24.11 0.88 16.23
N TYR A 261 -24.89 0.09 15.48
CA TYR A 261 -26.32 -0.03 15.69
C TYR A 261 -26.64 -0.51 17.10
N ALA A 262 -25.83 -1.42 17.63
CA ALA A 262 -26.10 -1.97 18.95
C ALA A 262 -25.87 -0.94 20.04
N ILE A 263 -24.80 -0.14 19.93
CA ILE A 263 -24.53 0.93 20.89
C ILE A 263 -25.65 1.96 20.86
N ALA A 264 -26.07 2.33 19.65
CA ALA A 264 -27.14 3.32 19.51
C ALA A 264 -28.44 2.82 20.11
N ARG A 265 -28.75 1.55 19.91
CA ARG A 265 -30.01 1.02 20.42
C ARG A 265 -29.98 0.83 21.92
N ILE A 266 -28.91 0.29 22.50
CA ILE A 266 -28.94 0.02 23.93
C ILE A 266 -28.48 1.19 24.77
N VAL A 267 -28.13 2.33 24.17
CA VAL A 267 -28.02 3.55 24.95
C VAL A 267 -29.26 4.41 24.80
N PHE A 268 -29.75 4.60 23.57
CA PHE A 268 -30.90 5.48 23.37
C PHE A 268 -32.24 4.88 23.77
N SER A 269 -32.31 3.61 24.08
CA SER A 269 -33.64 3.11 24.39
C SER A 269 -33.78 2.48 25.77
N ILE A 270 -32.80 1.69 26.20
CA ILE A 270 -32.89 1.07 27.52
C ILE A 270 -32.37 2.00 28.59
N PHE A 271 -31.12 2.42 28.46
CA PHE A 271 -30.38 3.08 29.54
C PHE A 271 -30.47 4.59 29.47
N SER A 272 -31.58 5.13 29.03
CA SER A 272 -31.71 6.58 28.98
C SER A 272 -33.01 7.21 29.47
N PRO A 273 -33.66 6.73 30.53
CA PRO A 273 -34.38 7.68 31.39
C PRO A 273 -33.64 8.04 32.66
N THR A 274 -32.54 7.35 32.97
CA THR A 274 -31.94 7.45 34.30
C THR A 274 -30.58 8.13 34.30
N ILE A 275 -29.63 7.63 33.53
CA ILE A 275 -28.26 8.12 33.59
C ILE A 275 -28.17 9.40 32.79
N ASN A 276 -27.27 10.30 33.19
CA ASN A 276 -26.90 11.43 32.35
C ASN A 276 -26.38 10.93 31.02
N LEU A 277 -26.87 11.51 29.93
CA LEU A 277 -26.26 11.23 28.64
C LEU A 277 -24.93 11.94 28.49
N GLY A 278 -24.74 13.03 29.24
CA GLY A 278 -23.54 13.83 29.14
C GLY A 278 -22.29 13.13 29.57
N THR A 279 -22.40 12.05 30.33
CA THR A 279 -21.22 11.30 30.70
C THR A 279 -20.81 10.35 29.58
N ILE A 280 -21.79 9.61 29.04
CA ILE A 280 -21.54 8.64 27.98
C ILE A 280 -21.10 9.35 26.71
N GLY A 281 -21.52 10.61 26.53
CA GLY A 281 -21.06 11.38 25.38
C GLY A 281 -19.57 11.64 25.42
N TRP A 282 -19.07 12.14 26.55
CA TRP A 282 -17.64 12.40 26.63
C TRP A 282 -16.82 11.12 26.77
N ILE A 283 -17.45 10.01 27.15
CA ILE A 283 -16.72 8.73 27.14
C ILE A 283 -16.55 8.21 25.72
N ILE A 284 -17.60 8.32 24.89
CA ILE A 284 -17.50 7.87 23.50
C ILE A 284 -16.59 8.79 22.69
N ILE A 285 -16.67 10.10 22.90
CA ILE A 285 -16.00 11.06 22.02
C ILE A 285 -14.48 11.02 22.15
N ILE A 286 -13.92 10.42 23.21
CA ILE A 286 -12.48 10.31 23.32
C ILE A 286 -11.96 9.24 22.38
N PHE A 287 -12.68 8.12 22.27
CA PHE A 287 -12.29 7.06 21.35
C PHE A 287 -12.53 7.48 19.90
N ALA A 288 -13.48 8.38 19.66
CA ALA A 288 -13.69 8.93 18.34
C ALA A 288 -12.54 9.82 17.90
N CYS A 289 -11.81 10.40 18.84
CA CYS A 289 -10.69 11.26 18.48
C CYS A 289 -9.37 10.53 18.47
N ILE A 290 -9.24 9.41 19.18
CA ILE A 290 -8.06 8.58 18.99
C ILE A 290 -8.17 7.81 17.69
N THR A 291 -9.39 7.42 17.30
CA THR A 291 -9.56 6.55 16.13
C THR A 291 -9.19 7.26 14.83
N LEU A 292 -9.48 8.56 14.72
CA LEU A 292 -9.16 9.31 13.50
C LEU A 292 -7.67 9.34 13.24
N ILE A 293 -6.91 9.78 14.23
CA ILE A 293 -5.47 9.93 14.07
C ILE A 293 -4.79 8.57 13.94
N VAL A 294 -5.15 7.62 14.79
CA VAL A 294 -4.50 6.30 14.77
C VAL A 294 -4.86 5.53 13.49
N GLY A 295 -6.07 5.72 12.97
CA GLY A 295 -6.46 4.99 11.79
C GLY A 295 -5.99 5.59 10.50
N ASN A 296 -5.96 6.91 10.40
CA ASN A 296 -5.55 7.56 9.16
C ASN A 296 -4.13 8.08 9.19
N ALA A 297 -3.39 7.86 10.27
CA ALA A 297 -1.99 8.25 10.25
C ALA A 297 -1.13 7.16 9.66
N MET A 298 -1.35 5.91 10.04
CA MET A 298 -0.59 4.82 9.51
C MET A 298 -1.25 4.20 8.29
N ALA A 299 -2.27 4.85 7.75
CA ALA A 299 -2.83 4.49 6.45
C ALA A 299 -2.15 5.20 5.30
N VAL A 300 -0.97 5.79 5.56
CA VAL A 300 -0.22 6.50 4.54
C VAL A 300 1.23 6.04 4.47
N VAL A 301 1.66 5.16 5.39
CA VAL A 301 3.00 4.61 5.38
C VAL A 301 3.04 3.24 4.71
N GLN A 302 1.99 2.85 4.02
CA GLN A 302 1.85 1.46 3.62
C GLN A 302 2.65 1.15 2.36
N GLU A 303 2.69 -0.15 2.06
CA GLU A 303 3.18 -0.64 0.78
C GLU A 303 2.28 -1.73 0.21
N ASP A 304 1.24 -2.13 0.90
CA ASP A 304 0.35 -3.18 0.45
C ASP A 304 -0.91 -2.54 -0.14
N LEU A 305 -1.70 -3.34 -0.83
CA LEU A 305 -2.88 -2.74 -1.46
C LEU A 305 -4.12 -2.91 -0.59
N LYS A 306 -4.40 -4.11 -0.10
CA LYS A 306 -5.61 -4.31 0.68
C LYS A 306 -5.46 -3.88 2.12
N ARG A 307 -4.24 -3.85 2.64
CA ARG A 307 -4.00 -3.35 3.98
C ARG A 307 -4.22 -1.84 4.07
N LEU A 308 -3.99 -1.14 2.95
CA LEU A 308 -4.36 0.27 2.81
C LEU A 308 -5.84 0.48 3.03
N LEU A 309 -6.66 -0.34 2.38
CA LEU A 309 -8.11 -0.21 2.51
C LEU A 309 -8.57 -0.64 3.89
N ALA A 310 -7.87 -1.59 4.51
CA ALA A 310 -8.21 -1.99 5.88
C ALA A 310 -7.98 -0.86 6.86
N TYR A 311 -6.85 -0.16 6.76
CA TYR A 311 -6.61 1.00 7.62
C TYR A 311 -7.33 2.26 7.17
N SER A 312 -7.94 2.27 6.00
CA SER A 312 -8.78 3.41 5.64
C SER A 312 -10.23 3.22 6.03
N SER A 313 -10.62 2.00 6.36
CA SER A 313 -11.96 1.70 6.80
C SER A 313 -12.09 1.68 8.31
N VAL A 314 -11.00 1.93 9.02
CA VAL A 314 -11.05 2.10 10.46
C VAL A 314 -11.00 3.58 10.80
N GLY A 315 -10.68 4.44 9.85
CA GLY A 315 -10.60 5.86 10.11
C GLY A 315 -11.90 6.55 9.79
N GLN A 316 -12.73 5.91 8.98
CA GLN A 316 -14.07 6.41 8.72
C GLN A 316 -15.04 6.09 9.85
N ILE A 317 -14.67 5.18 10.75
CA ILE A 317 -15.49 4.88 11.91
C ILE A 317 -15.39 6.01 12.93
N GLY A 318 -14.29 6.75 12.91
CA GLY A 318 -14.14 7.86 13.83
C GLY A 318 -15.09 9.00 13.56
N TYR A 319 -15.45 9.22 12.30
CA TYR A 319 -16.48 10.21 11.98
C TYR A 319 -17.83 9.80 12.55
N ILE A 320 -18.16 8.51 12.46
CA ILE A 320 -19.45 8.03 12.92
C ILE A 320 -19.54 8.10 14.44
N LEU A 321 -18.47 7.71 15.13
CA LEU A 321 -18.46 7.82 16.57
C LEU A 321 -18.45 9.27 17.03
N LEU A 322 -17.80 10.18 16.30
CA LEU A 322 -17.79 11.58 16.69
C LEU A 322 -19.17 12.21 16.55
N GLY A 323 -19.85 11.92 15.44
CA GLY A 323 -21.21 12.44 15.28
C GLY A 323 -22.16 11.85 16.30
N LEU A 324 -22.10 10.54 16.50
CA LEU A 324 -22.96 9.88 17.46
C LEU A 324 -22.60 10.21 18.90
N GLY A 325 -21.41 10.76 19.14
CA GLY A 325 -21.04 11.18 20.46
C GLY A 325 -21.47 12.59 20.77
N ILE A 326 -21.38 13.47 19.79
CA ILE A 326 -21.81 14.85 19.95
C ILE A 326 -23.33 14.86 20.02
N GLY A 327 -23.97 13.86 19.42
CA GLY A 327 -25.40 13.76 19.43
C GLY A 327 -26.01 13.30 20.73
N MET A 328 -25.24 13.25 21.81
CA MET A 328 -25.74 12.90 23.14
C MET A 328 -25.51 13.97 24.18
N VAL A 329 -24.36 14.65 24.16
CA VAL A 329 -24.11 15.73 25.11
C VAL A 329 -25.01 16.92 24.85
N ALA A 330 -25.54 17.05 23.64
CA ALA A 330 -26.60 17.99 23.34
C ALA A 330 -27.85 17.17 23.12
N TYR A 331 -28.87 17.38 23.94
CA TYR A 331 -30.15 16.75 23.70
C TYR A 331 -30.94 17.67 22.78
N GLY A 332 -32.27 17.58 22.75
CA GLY A 332 -33.08 18.18 21.71
C GLY A 332 -32.93 19.68 21.54
N THR A 333 -32.17 20.01 20.51
CA THR A 333 -31.78 21.35 20.09
C THR A 333 -31.66 21.31 18.57
N ARG A 334 -30.95 22.28 18.01
CA ARG A 334 -30.65 22.26 16.58
C ARG A 334 -29.25 21.76 16.29
N VAL A 335 -28.31 22.00 17.20
CA VAL A 335 -26.91 21.68 16.96
C VAL A 335 -26.66 20.18 17.07
N GLY A 336 -27.13 19.58 18.16
CA GLY A 336 -26.86 18.17 18.37
C GLY A 336 -27.89 17.27 17.77
N GLU A 337 -28.73 17.82 16.91
CA GLU A 337 -29.72 17.04 16.17
C GLU A 337 -29.33 16.83 14.74
N ILE A 338 -28.57 17.77 14.17
CA ILE A 338 -28.12 17.65 12.79
C ILE A 338 -26.85 16.83 12.70
N ALA A 339 -26.28 16.41 13.83
CA ALA A 339 -25.12 15.53 13.78
C ALA A 339 -25.50 14.06 13.91
N LEU A 340 -26.46 13.75 14.78
CA LEU A 340 -27.06 12.43 14.78
C LEU A 340 -27.71 12.14 13.44
N ALA A 341 -28.28 13.16 12.79
CA ALA A 341 -28.69 13.02 11.40
C ALA A 341 -27.50 12.96 10.46
N GLY A 342 -26.37 13.49 10.84
CA GLY A 342 -25.20 13.43 9.98
C GLY A 342 -24.35 12.21 10.16
N ALA A 343 -24.72 11.32 11.07
CA ALA A 343 -23.96 10.10 11.31
C ALA A 343 -24.74 8.86 10.95
N ILE A 344 -25.96 9.01 10.44
CA ILE A 344 -26.71 7.91 9.87
C ILE A 344 -26.46 7.80 8.38
N TYR A 345 -26.42 8.95 7.71
CA TYR A 345 -26.23 9.02 6.27
C TYR A 345 -24.83 8.57 5.88
N HIS A 346 -23.87 8.75 6.78
CA HIS A 346 -22.52 8.34 6.48
C HIS A 346 -22.35 6.83 6.54
N THR A 347 -23.19 6.11 7.30
CA THR A 347 -23.10 4.65 7.31
C THR A 347 -23.49 4.06 5.96
N VAL A 348 -24.59 4.53 5.39
CA VAL A 348 -25.05 3.96 4.13
C VAL A 348 -24.13 4.38 2.99
N ASN A 349 -23.59 5.61 3.04
CA ASN A 349 -22.62 5.99 2.01
C ASN A 349 -21.31 5.22 2.14
N HIS A 350 -20.86 4.96 3.37
CA HIS A 350 -19.59 4.25 3.53
C HIS A 350 -19.72 2.80 3.14
N ALA A 351 -20.87 2.19 3.41
CA ALA A 351 -21.08 0.80 2.99
C ALA A 351 -21.06 0.68 1.47
N LEU A 352 -21.72 1.61 0.77
CA LEU A 352 -21.74 1.54 -0.69
C LEU A 352 -20.36 1.75 -1.31
N MET A 353 -19.65 2.81 -0.89
CA MET A 353 -18.38 3.09 -1.55
C MET A 353 -17.28 2.12 -1.12
N LYS A 354 -17.38 1.51 0.06
CA LYS A 354 -16.32 0.58 0.41
C LYS A 354 -16.55 -0.80 -0.19
N ALA A 355 -17.80 -1.19 -0.43
CA ALA A 355 -18.02 -2.37 -1.24
C ALA A 355 -17.51 -2.17 -2.66
N LEU A 356 -17.78 -0.99 -3.24
CA LEU A 356 -17.27 -0.69 -4.59
C LEU A 356 -15.75 -0.68 -4.63
N LEU A 357 -15.11 -0.30 -3.54
CA LEU A 357 -13.66 -0.17 -3.55
C LEU A 357 -12.96 -1.47 -3.17
N PHE A 358 -13.66 -2.44 -2.57
CA PHE A 358 -13.03 -3.75 -2.40
C PHE A 358 -13.25 -4.71 -3.56
N LEU A 359 -14.39 -4.63 -4.27
CA LEU A 359 -14.57 -5.54 -5.42
C LEU A 359 -13.55 -5.28 -6.53
N VAL A 360 -13.19 -4.02 -6.74
CA VAL A 360 -12.21 -3.66 -7.76
C VAL A 360 -10.80 -4.13 -7.37
N ALA A 361 -10.48 -4.10 -6.08
CA ALA A 361 -9.18 -4.61 -5.65
C ALA A 361 -9.15 -6.13 -5.74
N GLY A 362 -10.31 -6.77 -5.60
CA GLY A 362 -10.37 -8.21 -5.85
C GLY A 362 -10.08 -8.57 -7.28
N ALA A 363 -10.63 -7.81 -8.24
CA ALA A 363 -10.34 -8.08 -9.65
C ALA A 363 -8.86 -7.88 -9.99
N VAL A 364 -8.27 -6.80 -9.48
CA VAL A 364 -6.85 -6.53 -9.74
C VAL A 364 -5.96 -7.62 -9.13
N ILE A 365 -6.24 -8.01 -7.89
CA ILE A 365 -5.40 -9.00 -7.25
C ILE A 365 -5.62 -10.39 -7.84
N HIS A 366 -6.78 -10.64 -8.44
CA HIS A 366 -7.00 -11.91 -9.11
C HIS A 366 -6.29 -11.98 -10.44
N GLU A 367 -6.11 -10.83 -11.12
CA GLU A 367 -5.61 -10.92 -12.48
C GLU A 367 -4.11 -11.17 -12.56
N ILE A 368 -3.30 -10.36 -11.87
CA ILE A 368 -1.85 -10.47 -12.00
C ILE A 368 -1.18 -11.09 -10.79
N GLY A 369 -1.82 -11.06 -9.61
CA GLY A 369 -1.31 -11.77 -8.47
C GLY A 369 -0.04 -11.22 -7.83
N THR A 370 -0.15 -10.01 -7.26
CA THR A 370 0.90 -9.46 -6.40
C THR A 370 0.25 -8.40 -5.52
N ARG A 371 0.30 -8.60 -4.21
CA ARG A 371 -0.26 -7.65 -3.27
C ARG A 371 0.47 -6.31 -3.26
N ASN A 372 1.73 -6.28 -3.70
CA ASN A 372 2.51 -5.06 -3.61
C ASN A 372 2.03 -4.04 -4.63
N MET A 373 1.97 -2.79 -4.20
CA MET A 373 1.49 -1.67 -5.01
C MET A 373 2.63 -0.89 -5.63
N ASN A 374 3.86 -1.26 -5.34
CA ASN A 374 5.00 -0.52 -5.88
C ASN A 374 5.47 -1.11 -7.19
N GLU A 375 5.31 -2.41 -7.38
CA GLU A 375 5.78 -3.04 -8.59
C GLU A 375 4.85 -2.80 -9.77
N LEU A 376 3.55 -2.72 -9.54
CA LEU A 376 2.61 -2.56 -10.63
C LEU A 376 2.36 -1.06 -10.83
N SER A 377 2.51 -0.62 -12.07
CA SER A 377 2.33 0.78 -12.40
C SER A 377 1.97 0.86 -13.87
N GLY A 378 1.12 1.83 -14.20
CA GLY A 378 0.59 1.84 -15.53
C GLY A 378 -0.43 0.74 -15.72
N LEU A 379 -1.15 0.40 -14.67
CA LEU A 379 -2.17 -0.63 -14.75
C LEU A 379 -3.33 -0.17 -15.64
N ALA A 380 -3.53 1.14 -15.76
CA ALA A 380 -4.58 1.67 -16.60
C ALA A 380 -4.24 1.66 -18.08
N LYS A 381 -3.03 1.23 -18.45
CA LYS A 381 -2.73 1.06 -19.86
C LYS A 381 -3.40 -0.18 -20.42
N THR A 382 -3.44 -1.25 -19.61
CA THR A 382 -3.92 -2.55 -20.04
C THR A 382 -5.07 -3.08 -19.20
N MET A 383 -5.71 -2.21 -18.43
CA MET A 383 -6.90 -2.57 -17.66
C MET A 383 -7.67 -1.29 -17.36
N PRO A 384 -8.36 -0.69 -18.32
CA PRO A 384 -8.86 0.68 -18.14
C PRO A 384 -10.11 0.83 -17.27
N LYS A 385 -11.09 -0.05 -17.47
CA LYS A 385 -12.40 0.12 -16.83
C LYS A 385 -12.30 -0.07 -15.32
N THR A 386 -11.47 -1.02 -14.92
CA THR A 386 -11.17 -1.26 -13.52
C THR A 386 -10.58 -0.02 -12.84
N THR A 387 -9.64 0.64 -13.51
CA THR A 387 -9.01 1.81 -12.91
C THR A 387 -9.96 3.00 -12.87
N PHE A 388 -10.85 3.12 -13.84
CA PHE A 388 -11.85 4.19 -13.77
C PHE A 388 -12.82 3.98 -12.62
N ALA A 389 -13.24 2.73 -12.39
CA ALA A 389 -14.07 2.42 -11.22
C ALA A 389 -13.33 2.76 -9.93
N PHE A 390 -12.02 2.50 -9.88
CA PHE A 390 -11.24 2.89 -8.71
C PHE A 390 -11.16 4.40 -8.56
N LEU A 391 -11.15 5.14 -9.68
CA LEU A 391 -11.03 6.59 -9.62
C LEU A 391 -12.29 7.24 -9.05
N ILE A 392 -13.45 6.76 -9.46
CA ILE A 392 -14.71 7.23 -8.87
C ILE A 392 -14.80 6.85 -7.39
N GLY A 393 -14.49 5.58 -7.07
CA GLY A 393 -14.55 5.14 -5.69
C GLY A 393 -13.54 5.80 -4.77
N ALA A 394 -12.44 6.33 -5.31
CA ALA A 394 -11.51 7.09 -4.50
C ALA A 394 -11.90 8.55 -4.38
N ALA A 395 -12.54 9.12 -5.40
CA ALA A 395 -13.02 10.48 -5.26
C ALA A 395 -14.21 10.59 -4.31
N ALA A 396 -14.94 9.50 -4.09
CA ALA A 396 -16.14 9.62 -3.27
C ALA A 396 -15.88 9.59 -1.77
N ILE A 397 -14.69 9.16 -1.32
CA ILE A 397 -14.47 9.02 0.11
C ILE A 397 -14.21 10.38 0.76
N VAL A 398 -13.19 11.09 0.26
CA VAL A 398 -12.83 12.38 0.83
C VAL A 398 -13.93 13.41 0.60
N GLY A 399 -14.66 13.27 -0.49
CA GLY A 399 -15.81 14.13 -0.69
C GLY A 399 -15.52 15.21 -1.69
N LEU A 400 -15.92 14.98 -2.93
CA LEU A 400 -15.91 16.06 -3.87
C LEU A 400 -17.36 16.41 -4.20
N PRO A 401 -17.69 17.68 -4.30
CA PRO A 401 -19.10 18.14 -4.28
C PRO A 401 -20.03 17.58 -5.35
N PRO A 402 -19.58 17.14 -6.53
CA PRO A 402 -20.55 16.45 -7.40
C PRO A 402 -20.88 15.03 -6.97
N LEU A 403 -20.11 14.43 -6.06
CA LEU A 403 -20.41 13.08 -5.58
C LEU A 403 -21.12 13.17 -4.23
N ASN A 404 -21.54 12.02 -3.71
CA ASN A 404 -22.39 11.99 -2.52
C ASN A 404 -21.62 12.03 -1.21
N GLY A 405 -20.30 11.89 -1.25
CA GLY A 405 -19.54 11.97 -0.02
C GLY A 405 -19.36 13.35 0.54
N PHE A 406 -19.78 14.38 -0.20
CA PHE A 406 -19.71 15.76 0.25
C PHE A 406 -20.77 16.08 1.30
N ALA A 407 -22.04 15.95 0.94
CA ALA A 407 -23.12 16.33 1.84
C ALA A 407 -23.27 15.39 3.02
N SER A 408 -22.66 14.23 2.97
CA SER A 408 -22.66 13.37 4.14
C SER A 408 -21.64 13.80 5.17
N LYS A 409 -20.72 14.68 4.81
CA LYS A 409 -19.63 15.05 5.70
C LYS A 409 -19.68 16.51 6.07
N TRP A 410 -20.37 17.34 5.27
CA TRP A 410 -20.59 18.73 5.63
C TRP A 410 -21.38 18.85 6.92
N LEU A 411 -22.28 17.90 7.19
CA LEU A 411 -23.07 17.94 8.41
C LEU A 411 -22.20 17.72 9.65
N ILE A 412 -21.28 16.76 9.58
CA ILE A 412 -20.39 16.52 10.71
C ILE A 412 -19.41 17.68 10.87
N TYR A 413 -18.99 18.29 9.76
CA TYR A 413 -18.13 19.48 9.83
C TYR A 413 -18.81 20.63 10.55
N GLU A 414 -20.02 21.01 10.12
CA GLU A 414 -20.67 22.16 10.76
C GLU A 414 -21.15 21.86 12.16
N SER A 415 -21.49 20.61 12.46
CA SER A 415 -21.84 20.26 13.83
C SER A 415 -20.65 20.38 14.76
N SER A 416 -19.52 19.79 14.38
CA SER A 416 -18.34 19.85 15.23
C SER A 416 -17.71 21.23 15.24
N ALA A 417 -18.01 22.09 14.27
CA ALA A 417 -17.52 23.46 14.33
C ALA A 417 -18.39 24.34 15.21
N LEU A 418 -19.72 24.22 15.13
CA LEU A 418 -20.59 24.95 16.04
C LEU A 418 -20.51 24.46 17.47
N PHE A 419 -20.05 23.23 17.68
CA PHE A 419 -20.00 22.70 19.04
C PHE A 419 -18.78 23.22 19.80
N ASN A 420 -17.60 22.88 19.31
CA ASN A 420 -16.34 23.29 19.91
C ASN A 420 -15.37 23.42 18.76
N PRO A 421 -14.54 24.46 18.77
CA PRO A 421 -13.62 24.63 17.64
C PRO A 421 -12.33 23.81 17.69
N ILE A 422 -12.14 22.91 18.65
CA ILE A 422 -10.96 22.06 18.64
C ILE A 422 -11.23 20.77 17.87
N LEU A 423 -12.43 20.21 18.03
CA LEU A 423 -12.78 18.96 17.37
C LEU A 423 -12.89 19.13 15.87
N GLY A 424 -13.28 20.32 15.41
CA GLY A 424 -13.23 20.61 13.98
C GLY A 424 -11.82 20.57 13.42
N ALA A 425 -10.85 21.07 14.18
CA ALA A 425 -9.47 20.98 13.76
C ALA A 425 -8.98 19.54 13.75
N ILE A 426 -9.46 18.73 14.69
CA ILE A 426 -9.13 17.30 14.69
C ILE A 426 -9.66 16.63 13.43
N ALA A 427 -10.89 16.96 13.05
CA ALA A 427 -11.48 16.41 11.83
C ALA A 427 -10.73 16.84 10.57
N VAL A 428 -10.26 18.10 10.55
CA VAL A 428 -9.58 18.59 9.35
C VAL A 428 -8.20 17.94 9.21
N ILE A 429 -7.52 17.67 10.33
CA ILE A 429 -6.29 16.87 10.28
C ILE A 429 -6.56 15.46 9.73
N GLY A 430 -7.59 14.82 10.27
CA GLY A 430 -7.95 13.48 9.85
C GLY A 430 -8.41 13.37 8.41
N THR A 431 -8.88 14.47 7.81
CA THR A 431 -9.24 14.42 6.41
C THR A 431 -8.15 14.96 5.48
N VAL A 432 -7.08 15.54 6.02
CA VAL A 432 -5.91 15.80 5.18
C VAL A 432 -5.16 14.50 4.91
N PHE A 433 -5.00 13.66 5.94
CA PHE A 433 -4.16 12.46 5.76
C PHE A 433 -4.74 11.46 4.77
N CYS A 434 -6.06 11.32 4.69
CA CYS A 434 -6.62 10.35 3.76
C CYS A 434 -6.53 10.83 2.32
N THR A 435 -6.61 12.15 2.11
CA THR A 435 -6.35 12.73 0.81
C THR A 435 -4.93 12.42 0.36
N ALA A 436 -3.97 12.53 1.28
CA ALA A 436 -2.59 12.22 0.94
C ALA A 436 -2.42 10.75 0.53
N ALA A 437 -3.08 9.85 1.26
CA ALA A 437 -2.98 8.42 0.95
C ALA A 437 -3.57 8.08 -0.41
N TYR A 438 -4.77 8.57 -0.71
CA TYR A 438 -5.36 8.20 -1.99
C TYR A 438 -4.72 8.92 -3.17
N VAL A 439 -4.17 10.12 -2.98
CA VAL A 439 -3.44 10.75 -4.08
C VAL A 439 -2.16 9.99 -4.39
N ARG A 440 -1.47 9.48 -3.35
CA ARG A 440 -0.25 8.72 -3.59
C ARG A 440 -0.53 7.42 -4.31
N ALA A 441 -1.53 6.67 -3.85
CA ALA A 441 -1.91 5.44 -4.53
C ALA A 441 -2.52 5.68 -5.90
N LEU A 442 -3.02 6.89 -6.17
CA LEU A 442 -3.48 7.20 -7.51
C LEU A 442 -2.31 7.45 -8.46
N PHE A 443 -1.27 8.13 -7.97
CA PHE A 443 -0.10 8.36 -8.83
C PHE A 443 0.70 7.11 -9.08
N THR A 444 0.55 6.07 -8.26
CA THR A 444 1.26 4.85 -8.65
C THR A 444 0.59 4.09 -9.80
N PHE A 445 -0.64 4.43 -10.20
CA PHE A 445 -1.34 3.63 -11.20
C PHE A 445 -1.34 4.24 -12.59
N PHE A 446 -0.96 5.50 -12.73
CA PHE A 446 -0.89 6.18 -14.02
C PHE A 446 0.58 6.41 -14.29
N GLY A 447 1.27 5.44 -14.84
CA GLY A 447 2.70 5.58 -15.03
C GLY A 447 3.13 4.89 -16.28
N ARG A 448 4.38 4.49 -16.31
CA ARG A 448 4.83 3.69 -17.43
C ARG A 448 4.46 2.23 -17.18
N PRO A 449 4.01 1.52 -18.21
CA PRO A 449 3.70 0.09 -18.04
C PRO A 449 4.93 -0.73 -17.65
N SER A 450 4.90 -1.28 -16.44
CA SER A 450 6.00 -2.06 -15.94
C SER A 450 6.00 -3.44 -16.59
N GLU A 451 7.03 -4.22 -16.33
CA GLU A 451 7.23 -5.50 -17.01
C GLU A 451 6.36 -6.62 -16.48
N LYS A 452 5.60 -6.39 -15.41
CA LYS A 452 4.76 -7.42 -14.84
C LYS A 452 3.29 -7.24 -15.19
N VAL A 453 2.95 -6.18 -15.93
CA VAL A 453 1.56 -5.83 -16.20
C VAL A 453 1.15 -6.16 -17.63
N THR A 454 2.09 -6.11 -18.59
CA THR A 454 1.81 -5.94 -20.02
C THR A 454 0.97 -7.05 -20.63
N ASN A 455 0.96 -8.22 -20.00
CA ASN A 455 0.16 -9.34 -20.47
C ASN A 455 -1.03 -9.48 -19.51
N ALA A 456 -2.10 -8.75 -19.78
CA ALA A 456 -3.26 -8.74 -18.91
C ALA A 456 -4.50 -8.38 -19.71
N ARG A 457 -5.66 -8.63 -19.11
CA ARG A 457 -6.94 -8.35 -19.73
C ARG A 457 -7.90 -7.85 -18.66
N ASP A 458 -9.17 -7.79 -19.01
CA ASP A 458 -10.29 -7.41 -18.16
C ASP A 458 -11.03 -8.65 -17.69
N PRO A 459 -11.83 -8.56 -16.61
CA PRO A 459 -12.70 -9.67 -16.26
C PRO A 459 -13.92 -9.78 -17.16
N GLY A 460 -14.79 -10.76 -16.87
CA GLY A 460 -15.92 -11.08 -17.71
C GLY A 460 -17.09 -10.13 -17.57
N ILE A 461 -18.31 -10.67 -17.53
CA ILE A 461 -19.50 -9.86 -17.35
C ILE A 461 -20.02 -9.95 -15.92
N ALA A 462 -20.06 -11.15 -15.36
CA ALA A 462 -20.58 -11.32 -14.01
C ALA A 462 -19.59 -10.89 -12.93
N MET A 463 -18.41 -10.43 -13.31
CA MET A 463 -17.52 -9.72 -12.41
C MET A 463 -17.50 -8.22 -12.72
N MET A 464 -18.24 -7.79 -13.75
CA MET A 464 -18.30 -6.41 -14.19
C MET A 464 -19.67 -5.78 -14.00
N LEU A 465 -20.72 -6.58 -13.98
CA LEU A 465 -22.08 -6.08 -13.77
C LEU A 465 -22.37 -5.47 -12.39
N PRO A 466 -21.79 -5.90 -11.26
CA PRO A 466 -22.02 -5.13 -10.02
C PRO A 466 -21.39 -3.74 -10.02
N MET A 467 -20.28 -3.56 -10.72
CA MET A 467 -19.60 -2.27 -10.77
C MET A 467 -20.51 -1.20 -11.35
N ILE A 468 -21.24 -1.54 -12.41
CA ILE A 468 -22.13 -0.61 -13.08
C ILE A 468 -23.24 -0.17 -12.16
N ILE A 469 -23.84 -1.11 -11.43
CA ILE A 469 -24.96 -0.77 -10.56
C ILE A 469 -24.50 0.08 -9.38
N LEU A 470 -23.32 -0.22 -8.84
CA LEU A 470 -22.82 0.58 -7.72
C LEU A 470 -22.46 2.00 -8.15
N VAL A 471 -21.84 2.16 -9.33
CA VAL A 471 -21.44 3.50 -9.76
C VAL A 471 -22.66 4.33 -10.14
N VAL A 472 -23.65 3.71 -10.79
CA VAL A 472 -24.88 4.43 -11.13
C VAL A 472 -25.63 4.84 -9.87
N THR A 473 -25.62 3.97 -8.85
CA THR A 473 -26.28 4.27 -7.58
C THR A 473 -25.64 5.45 -6.87
N ILE A 474 -24.30 5.46 -6.77
CA ILE A 474 -23.65 6.55 -6.04
C ILE A 474 -23.36 7.76 -6.90
N ILE A 475 -23.77 7.77 -8.16
CA ILE A 475 -23.82 9.04 -8.88
C ILE A 475 -25.21 9.65 -8.81
N VAL A 476 -26.26 8.88 -9.13
CA VAL A 476 -27.61 9.45 -9.11
C VAL A 476 -28.06 9.74 -7.68
N MET A 477 -27.49 9.04 -6.70
CA MET A 477 -27.68 9.40 -5.29
C MET A 477 -27.02 10.72 -4.95
N GLY A 478 -26.07 11.19 -5.75
CA GLY A 478 -25.41 12.45 -5.51
C GLY A 478 -26.03 13.66 -6.18
N PHE A 479 -26.97 13.46 -7.10
CA PHE A 479 -27.66 14.61 -7.68
C PHE A 479 -28.61 15.26 -6.68
N PHE A 480 -29.14 14.48 -5.74
CA PHE A 480 -30.19 14.94 -4.83
C PHE A 480 -29.77 14.80 -3.38
N PRO A 481 -28.75 15.55 -2.92
CA PRO A 481 -28.28 15.29 -1.56
C PRO A 481 -29.12 15.95 -0.49
N TRP A 482 -29.64 17.14 -0.75
CA TRP A 482 -30.36 17.89 0.26
C TRP A 482 -31.86 17.66 0.20
N GLN A 483 -32.32 16.85 -0.75
CA GLN A 483 -33.70 16.38 -0.72
C GLN A 483 -33.80 15.16 0.17
N ILE A 484 -32.80 14.28 0.10
CA ILE A 484 -32.80 13.02 0.82
C ILE A 484 -32.33 13.20 2.26
N SER A 485 -31.80 14.37 2.60
CA SER A 485 -31.37 14.67 3.95
C SER A 485 -32.42 15.41 4.76
N ASP A 486 -33.60 15.64 4.21
CA ASP A 486 -34.70 16.21 4.96
C ASP A 486 -35.95 15.36 4.96
N ARG A 487 -36.16 14.54 3.94
CA ARG A 487 -37.32 13.67 3.96
C ARG A 487 -37.06 12.42 4.78
N ILE A 488 -35.88 11.83 4.65
CA ILE A 488 -35.61 10.56 5.31
C ILE A 488 -34.85 10.71 6.62
N MET A 489 -33.66 11.31 6.58
CA MET A 489 -32.70 11.11 7.65
C MET A 489 -32.66 12.22 8.68
N VAL A 490 -33.52 13.22 8.59
CA VAL A 490 -33.87 14.01 9.77
C VAL A 490 -35.04 13.35 10.53
N PRO A 491 -36.14 12.88 9.90
CA PRO A 491 -37.13 12.15 10.72
C PRO A 491 -36.65 10.81 11.24
N THR A 492 -35.61 10.23 10.65
CA THR A 492 -35.01 9.03 11.23
C THR A 492 -34.35 9.34 12.56
N ALA A 493 -33.52 10.39 12.60
CA ALA A 493 -32.77 10.71 13.79
C ALA A 493 -33.60 11.40 14.85
N ARG A 494 -34.79 11.89 14.52
CA ARG A 494 -35.65 12.44 15.54
C ARG A 494 -36.40 11.36 16.30
N ALA A 495 -36.60 10.19 15.68
CA ALA A 495 -37.21 9.05 16.34
C ALA A 495 -36.20 8.10 16.96
N LEU A 496 -35.01 8.59 17.33
CA LEU A 496 -34.09 7.80 18.15
C LEU A 496 -34.12 8.19 19.61
N TRP A 497 -34.18 9.49 19.94
CA TRP A 497 -34.39 9.86 21.32
C TRP A 497 -35.87 10.02 21.67
N ASP A 498 -36.75 9.38 20.93
CA ASP A 498 -38.19 9.52 21.16
C ASP A 498 -38.68 8.29 21.91
N VAL A 499 -38.22 8.17 23.16
CA VAL A 499 -38.35 6.95 23.95
C VAL A 499 -39.80 6.75 24.42
N ILE A 500 -40.53 7.83 24.63
CA ILE A 500 -41.85 7.72 25.23
C ILE A 500 -42.82 7.06 24.26
N ASP A 501 -42.70 7.38 22.97
CA ASP A 501 -43.51 6.72 21.96
C ASP A 501 -43.10 5.27 21.76
N TYR A 502 -41.83 4.94 21.99
CA TYR A 502 -41.34 3.57 21.91
C TYR A 502 -42.00 2.69 22.97
N ILE A 503 -41.80 3.05 24.25
CA ILE A 503 -42.43 2.30 25.33
C ILE A 503 -43.93 2.49 25.42
N SER A 504 -44.50 3.45 24.69
CA SER A 504 -45.95 3.58 24.67
C SER A 504 -46.59 2.79 23.55
N SER A 505 -45.91 2.62 22.42
CA SER A 505 -46.42 1.74 21.39
C SER A 505 -46.16 0.29 21.70
N LEU A 506 -45.28 -0.01 22.66
CA LEU A 506 -45.23 -1.38 23.16
C LEU A 506 -46.48 -1.73 23.95
N MET A 507 -47.05 -0.75 24.65
CA MET A 507 -48.22 -1.02 25.49
C MET A 507 -49.50 -0.94 24.67
N ILE B 2 -20.56 -12.13 51.45
CA ILE B 2 -21.12 -12.58 50.19
C ILE B 2 -21.37 -14.08 50.32
N ALA B 3 -22.26 -14.65 49.51
CA ALA B 3 -22.48 -16.08 49.52
C ALA B 3 -21.30 -16.78 48.85
N PHE B 4 -21.33 -18.10 48.81
CA PHE B 4 -20.13 -18.83 48.46
C PHE B 4 -20.11 -19.30 47.02
N GLN B 5 -21.28 -19.59 46.45
CA GLN B 5 -21.34 -19.99 45.05
C GLN B 5 -20.92 -18.85 44.13
N TYR B 6 -21.36 -17.64 44.48
CA TYR B 6 -21.02 -16.44 43.73
C TYR B 6 -19.51 -16.20 43.77
N LEU B 7 -18.91 -16.39 44.93
CA LEU B 7 -17.49 -16.18 45.11
C LEU B 7 -16.67 -17.22 44.35
N THR B 8 -17.13 -18.48 44.33
CA THR B 8 -16.43 -19.52 43.58
C THR B 8 -16.49 -19.25 42.07
N ALA B 9 -17.66 -18.84 41.57
CA ALA B 9 -17.78 -18.51 40.16
C ALA B 9 -16.89 -17.33 39.77
N THR B 10 -16.76 -16.35 40.66
CA THR B 10 -15.91 -15.20 40.33
C THR B 10 -14.44 -15.58 40.32
N ILE B 11 -14.03 -16.51 41.22
CA ILE B 11 -12.65 -16.99 41.20
C ILE B 11 -12.36 -17.77 39.91
N MET B 12 -13.36 -18.52 39.43
CA MET B 12 -13.19 -19.24 38.15
C MET B 12 -12.99 -18.26 36.99
N ILE B 13 -13.73 -17.15 36.98
CA ILE B 13 -13.54 -16.17 35.91
C ILE B 13 -12.16 -15.52 35.99
N LEU B 14 -11.69 -15.23 37.20
CA LEU B 14 -10.37 -14.61 37.34
C LEU B 14 -9.25 -15.55 36.94
N LEU B 15 -9.34 -16.84 37.30
CA LEU B 15 -8.31 -17.79 36.89
C LEU B 15 -8.30 -18.00 35.38
N GLY B 16 -9.48 -17.95 34.74
CA GLY B 16 -9.51 -18.08 33.29
C GLY B 16 -8.83 -16.92 32.59
N ILE B 17 -9.17 -15.69 32.98
CA ILE B 17 -8.57 -14.54 32.31
C ILE B 17 -7.08 -14.40 32.69
N TYR B 18 -6.68 -14.90 33.86
CA TYR B 18 -5.26 -14.95 34.19
C TYR B 18 -4.51 -15.92 33.29
N ALA B 19 -5.04 -17.12 33.11
CA ALA B 19 -4.35 -18.12 32.29
C ALA B 19 -4.37 -17.77 30.82
N LEU B 20 -5.23 -16.86 30.40
CA LEU B 20 -5.21 -16.43 29.01
C LEU B 20 -4.18 -15.34 28.73
N LEU B 21 -3.51 -14.82 29.76
CA LEU B 21 -2.47 -13.80 29.56
C LEU B 21 -1.04 -14.34 29.62
N TYR B 22 -0.69 -15.17 30.60
CA TYR B 22 0.70 -15.55 30.80
C TYR B 22 1.05 -16.94 30.31
N LYS B 23 0.16 -17.58 29.56
CA LYS B 23 0.39 -18.94 29.11
C LYS B 23 0.52 -18.96 27.60
N ARG B 24 1.46 -19.76 27.11
CA ARG B 24 1.80 -19.73 25.70
C ARG B 24 1.37 -20.97 24.93
N ASN B 25 1.11 -22.08 25.59
CA ASN B 25 0.71 -23.28 24.87
C ASN B 25 -0.75 -23.19 24.52
N LEU B 26 -1.07 -23.52 23.27
CA LEU B 26 -2.31 -23.06 22.68
C LEU B 26 -3.52 -23.87 23.14
N ILE B 27 -3.30 -25.17 23.40
CA ILE B 27 -4.36 -26.02 23.94
C ILE B 27 -4.76 -25.55 25.33
N LYS B 28 -3.81 -25.00 26.08
CA LYS B 28 -4.14 -24.49 27.41
C LYS B 28 -4.99 -23.23 27.33
N LEU B 29 -4.83 -22.43 26.27
CA LEU B 29 -5.74 -21.33 26.04
C LEU B 29 -7.15 -21.81 25.75
N VAL B 30 -7.28 -22.88 24.96
CA VAL B 30 -8.62 -23.38 24.63
C VAL B 30 -9.33 -23.90 25.88
N LEU B 31 -8.58 -24.58 26.75
CA LEU B 31 -9.15 -25.02 28.01
C LEU B 31 -9.51 -23.84 28.91
N ALA B 32 -8.77 -22.73 28.82
CA ALA B 32 -9.13 -21.54 29.59
C ALA B 32 -10.45 -20.93 29.15
N LEU B 33 -10.71 -20.91 27.83
CA LEU B 33 -12.00 -20.42 27.36
C LEU B 33 -13.16 -21.29 27.85
N ASN B 34 -12.94 -22.60 27.87
CA ASN B 34 -13.96 -23.49 28.41
C ASN B 34 -14.21 -23.24 29.90
N LEU B 35 -13.15 -22.88 30.63
CA LEU B 35 -13.29 -22.60 32.05
C LEU B 35 -14.12 -21.34 32.29
N ILE B 36 -13.94 -20.30 31.45
CA ILE B 36 -14.72 -19.07 31.60
C ILE B 36 -16.21 -19.32 31.38
N ASP B 37 -16.54 -20.08 30.32
CA ASP B 37 -17.96 -20.36 30.06
C ASP B 37 -18.60 -21.19 31.18
N SER B 38 -17.87 -22.15 31.73
CA SER B 38 -18.40 -22.93 32.86
C SER B 38 -18.64 -22.04 34.09
N GLY B 39 -17.74 -21.07 34.32
CA GLY B 39 -17.93 -20.19 35.46
C GLY B 39 -19.16 -19.30 35.36
N ILE B 40 -19.41 -18.74 34.17
CA ILE B 40 -20.61 -17.92 34.00
C ILE B 40 -21.87 -18.76 34.15
N HIS B 41 -21.85 -20.01 33.69
CA HIS B 41 -23.05 -20.85 33.82
C HIS B 41 -23.34 -21.18 35.28
N LEU B 42 -22.29 -21.46 36.05
CA LEU B 42 -22.48 -21.72 37.48
C LEU B 42 -23.02 -20.50 38.20
N LEU B 43 -22.58 -19.30 37.81
CA LEU B 43 -23.16 -18.11 38.42
C LEU B 43 -24.61 -17.91 37.99
N LEU B 44 -24.97 -18.37 36.79
CA LEU B 44 -26.27 -17.98 36.27
C LEU B 44 -27.38 -18.84 36.87
N ILE B 45 -27.13 -20.12 37.13
CA ILE B 45 -28.20 -20.94 37.71
C ILE B 45 -28.40 -20.62 39.19
N SER B 46 -27.32 -20.25 39.90
CA SER B 46 -27.34 -20.15 41.36
C SER B 46 -28.25 -19.06 41.89
N GLU B 47 -28.71 -18.15 41.04
CA GLU B 47 -29.57 -17.06 41.45
C GLU B 47 -31.04 -17.33 41.17
N GLY B 48 -31.40 -18.57 40.86
CA GLY B 48 -32.79 -18.95 40.77
C GLY B 48 -33.22 -19.77 41.96
N TYR B 49 -32.26 -20.14 42.80
CA TYR B 49 -32.53 -21.01 43.94
C TYR B 49 -33.34 -20.25 44.99
N ARG B 50 -34.19 -20.98 45.70
CA ARG B 50 -35.25 -20.36 46.46
C ARG B 50 -35.43 -21.07 47.80
N MET B 51 -35.64 -20.29 48.86
CA MET B 51 -35.80 -20.80 50.23
C MET B 51 -37.01 -20.15 50.87
N GLU B 52 -38.11 -20.89 51.01
CA GLU B 52 -39.34 -20.37 51.58
C GLU B 52 -39.36 -20.37 53.10
N ASN B 53 -38.27 -20.82 53.73
CA ASN B 53 -38.11 -20.93 55.19
C ASN B 53 -39.21 -21.81 55.81
N GLY B 54 -39.15 -23.09 55.43
CA GLY B 54 -40.03 -24.08 56.02
C GLY B 54 -40.46 -25.19 55.09
N ILE B 55 -40.22 -25.03 53.79
CA ILE B 55 -40.62 -26.00 52.78
C ILE B 55 -39.40 -26.31 51.94
N PRO B 56 -39.07 -27.57 51.67
CA PRO B 56 -37.88 -27.89 50.88
C PRO B 56 -38.07 -27.58 49.41
N PRO B 57 -37.03 -27.04 48.74
CA PRO B 57 -37.17 -26.62 47.34
C PRO B 57 -37.03 -27.73 46.29
N THR B 58 -38.14 -28.34 45.89
CA THR B 58 -38.09 -29.32 44.81
C THR B 58 -37.95 -28.62 43.46
N ALA B 59 -37.70 -29.41 42.41
CA ALA B 59 -37.43 -29.06 41.03
C ALA B 59 -38.70 -29.12 40.20
N PRO B 60 -38.89 -28.22 39.22
CA PRO B 60 -40.23 -28.03 38.61
C PRO B 60 -40.67 -28.94 37.47
N ILE B 61 -41.17 -30.16 37.79
CA ILE B 61 -41.44 -31.12 36.73
C ILE B 61 -42.90 -31.55 36.66
N TYR B 62 -43.62 -31.57 37.80
CA TYR B 62 -45.05 -31.95 37.88
C TYR B 62 -45.35 -33.34 37.33
N THR B 63 -44.57 -34.34 37.72
CA THR B 63 -44.99 -35.73 37.58
C THR B 63 -44.88 -36.34 38.97
N GLY B 64 -45.98 -36.34 39.69
CA GLY B 64 -45.91 -36.70 41.09
C GLY B 64 -45.44 -35.56 41.95
N TYR B 65 -46.06 -34.40 41.82
CA TYR B 65 -45.70 -33.26 42.65
C TYR B 65 -46.25 -33.43 44.05
N GLU B 66 -45.37 -33.38 45.02
CA GLU B 66 -45.76 -33.36 46.42
C GLU B 66 -45.34 -32.03 47.02
N GLY B 67 -45.44 -31.93 48.34
CA GLY B 67 -45.19 -30.68 49.06
C GLY B 67 -43.81 -30.12 48.86
N GLY B 68 -43.72 -29.05 48.08
CA GLY B 68 -42.43 -28.47 47.77
C GLY B 68 -42.49 -27.19 46.98
N ALA B 69 -41.64 -26.25 47.35
CA ALA B 69 -41.46 -25.04 46.56
C ALA B 69 -40.69 -25.36 45.29
N MET B 70 -41.07 -24.70 44.19
CA MET B 70 -40.50 -24.97 42.88
C MET B 70 -39.64 -23.78 42.47
N VAL B 71 -38.36 -24.03 42.21
CA VAL B 71 -37.41 -22.95 41.94
C VAL B 71 -37.64 -22.39 40.55
N ALA B 72 -37.01 -21.27 40.25
CA ALA B 72 -37.28 -20.45 39.08
C ALA B 72 -36.94 -21.16 37.79
N PRO B 73 -37.90 -21.54 36.96
CA PRO B 73 -37.55 -22.27 35.75
C PRO B 73 -37.30 -21.38 34.56
N ILE B 74 -36.74 -20.20 34.72
CA ILE B 74 -36.25 -19.43 33.57
C ILE B 74 -34.79 -19.69 33.20
N PRO B 75 -33.78 -19.76 34.10
CA PRO B 75 -32.41 -19.70 33.60
C PRO B 75 -31.93 -20.98 32.95
N GLN B 76 -32.65 -22.08 33.13
CA GLN B 76 -32.17 -23.35 32.62
C GLN B 76 -32.28 -23.42 31.10
N ALA B 77 -33.27 -22.74 30.52
CA ALA B 77 -33.32 -22.60 29.07
C ALA B 77 -32.11 -21.84 28.55
N LEU B 78 -31.73 -20.76 29.23
CA LEU B 78 -30.57 -19.97 28.85
C LEU B 78 -29.29 -20.79 28.93
N VAL B 79 -29.19 -21.66 29.94
CA VAL B 79 -27.95 -22.40 30.12
C VAL B 79 -27.82 -23.51 29.07
N LEU B 80 -28.94 -24.14 28.67
CA LEU B 80 -28.85 -25.13 27.60
C LEU B 80 -28.45 -24.50 26.28
N THR B 81 -29.07 -23.35 25.96
CA THR B 81 -28.71 -22.60 24.75
C THR B 81 -27.27 -22.10 24.82
N SER B 82 -26.71 -21.91 26.00
CA SER B 82 -25.32 -21.47 26.09
C SER B 82 -24.32 -22.63 25.97
N ILE B 83 -24.67 -23.81 26.49
CA ILE B 83 -23.75 -24.97 26.40
C ILE B 83 -23.57 -25.40 24.96
N VAL B 84 -24.63 -25.25 24.14
CA VAL B 84 -24.51 -25.58 22.71
C VAL B 84 -23.48 -24.69 22.01
N ILE B 85 -23.51 -23.38 22.28
CA ILE B 85 -22.51 -22.46 21.73
C ILE B 85 -21.11 -22.77 22.25
N GLY B 86 -21.01 -23.23 23.50
CA GLY B 86 -19.71 -23.62 24.05
C GLY B 86 -19.06 -24.77 23.29
N VAL B 87 -19.84 -25.83 23.01
CA VAL B 87 -19.24 -26.96 22.30
C VAL B 87 -18.99 -26.61 20.83
N CYS B 88 -19.78 -25.67 20.26
CA CYS B 88 -19.47 -25.10 18.94
C CYS B 88 -18.09 -24.47 18.86
N VAL B 89 -17.82 -23.51 19.73
CA VAL B 89 -16.55 -22.79 19.69
C VAL B 89 -15.39 -23.72 20.00
N LEU B 90 -15.62 -24.70 20.89
CA LEU B 90 -14.60 -25.70 21.21
C LEU B 90 -14.22 -26.52 19.98
N SER B 91 -15.22 -27.00 19.23
CA SER B 91 -14.93 -27.81 18.05
C SER B 91 -14.19 -27.04 16.98
N LEU B 92 -14.58 -25.78 16.74
CA LEU B 92 -13.92 -25.04 15.67
C LEU B 92 -12.50 -24.64 16.07
N ALA B 93 -12.27 -24.36 17.35
CA ALA B 93 -10.91 -24.02 17.79
C ALA B 93 -9.99 -25.23 17.72
N ILE B 94 -10.50 -26.42 18.03
CA ILE B 94 -9.69 -27.64 17.90
C ILE B 94 -9.31 -27.89 16.45
N ALA B 95 -10.27 -27.71 15.53
CA ALA B 95 -9.99 -27.91 14.11
C ALA B 95 -8.92 -26.95 13.60
N LEU B 96 -9.03 -25.68 13.97
CA LEU B 96 -8.07 -24.69 13.50
C LEU B 96 -6.69 -24.89 14.11
N THR B 97 -6.64 -25.33 15.38
CA THR B 97 -5.36 -25.56 16.05
C THR B 97 -4.61 -26.75 15.44
N VAL B 98 -5.32 -27.86 15.23
CA VAL B 98 -4.74 -29.04 14.59
C VAL B 98 -4.24 -28.70 13.20
N ASN B 99 -4.99 -27.88 12.46
CA ASN B 99 -4.54 -27.48 11.14
C ASN B 99 -3.35 -26.54 11.18
N ALA B 100 -3.13 -25.83 12.28
CA ALA B 100 -1.99 -24.90 12.34
C ALA B 100 -0.64 -25.59 12.52
N TYR B 101 -0.61 -26.87 12.88
CA TYR B 101 0.66 -27.53 13.16
C TYR B 101 1.39 -27.90 11.88
N ARG B 102 0.67 -28.05 10.77
CA ARG B 102 1.26 -28.45 9.51
C ARG B 102 1.75 -27.28 8.69
N HIS B 103 1.99 -26.13 9.31
CA HIS B 103 2.50 -24.95 8.62
C HIS B 103 3.72 -24.36 9.26
N TYR B 104 3.93 -24.57 10.55
CA TYR B 104 5.23 -24.41 11.15
C TYR B 104 5.29 -25.38 12.31
N GLY B 105 6.50 -25.67 12.76
CA GLY B 105 6.69 -26.83 13.61
C GLY B 105 6.16 -26.69 15.02
N THR B 106 6.36 -25.54 15.64
CA THR B 106 6.08 -25.45 17.06
C THR B 106 4.60 -25.20 17.30
N LEU B 107 4.25 -25.12 18.57
CA LEU B 107 2.88 -24.90 19.02
C LEU B 107 2.86 -23.75 20.02
N ASP B 108 3.46 -22.64 19.63
CA ASP B 108 3.56 -21.46 20.46
C ASP B 108 2.66 -20.37 19.90
N VAL B 109 2.21 -19.48 20.79
CA VAL B 109 1.35 -18.38 20.39
C VAL B 109 2.12 -17.08 20.20
N THR B 110 3.36 -17.01 20.68
CA THR B 110 4.16 -15.80 20.57
C THR B 110 5.10 -15.85 19.36
N LYS B 111 4.82 -16.71 18.38
CA LYS B 111 5.62 -16.81 17.17
C LYS B 111 4.71 -16.83 15.95
N LEU B 112 3.78 -15.88 15.93
CA LEU B 112 2.86 -15.63 14.83
C LEU B 112 2.97 -14.15 14.50
N ARG B 113 3.63 -13.81 13.39
CA ARG B 113 3.92 -12.42 13.08
C ARG B 113 3.29 -12.04 11.73
N ARG B 114 2.28 -11.17 11.80
CA ARG B 114 1.40 -10.76 10.71
C ARG B 114 0.80 -11.91 9.92
N LEU C 14 -27.96 -29.97 56.74
CA LEU C 14 -26.94 -30.89 56.24
C LEU C 14 -26.53 -30.55 54.84
N ASP C 15 -27.43 -29.88 54.12
CA ASP C 15 -27.26 -29.70 52.68
C ASP C 15 -26.11 -28.76 52.36
N MET C 16 -25.96 -27.72 53.19
CA MET C 16 -24.93 -26.72 52.96
C MET C 16 -23.53 -27.33 53.06
N ILE C 17 -23.35 -28.31 53.93
CA ILE C 17 -22.02 -28.86 54.18
C ILE C 17 -21.52 -29.64 52.97
N ILE C 18 -22.39 -30.48 52.40
CA ILE C 18 -22.04 -31.25 51.20
C ILE C 18 -21.79 -30.30 50.04
N GLN C 19 -22.59 -29.23 49.97
CA GLN C 19 -22.40 -28.28 48.89
C GLN C 19 -21.10 -27.50 49.04
N PHE C 20 -20.66 -27.23 50.28
CA PHE C 20 -19.35 -26.60 50.46
C PHE C 20 -18.21 -27.55 50.10
N ILE C 21 -18.41 -28.85 50.30
CA ILE C 21 -17.38 -29.82 49.90
C ILE C 21 -17.19 -29.79 48.37
N VAL C 22 -18.29 -29.79 47.63
CA VAL C 22 -18.18 -29.79 46.17
C VAL C 22 -17.59 -28.48 45.64
N LEU C 23 -18.07 -27.34 46.17
CA LEU C 23 -17.52 -26.06 45.73
C LEU C 23 -16.08 -25.85 46.19
N GLY C 24 -15.62 -26.60 47.19
CA GLY C 24 -14.19 -26.59 47.48
C GLY C 24 -13.40 -27.41 46.49
N GLY C 25 -13.99 -28.49 45.96
CA GLY C 25 -13.28 -29.30 44.99
C GLY C 25 -13.04 -28.61 43.65
N ILE C 26 -14.00 -27.79 43.23
CA ILE C 26 -13.94 -27.18 41.88
C ILE C 26 -12.73 -26.24 41.74
N ILE C 27 -12.46 -25.44 42.77
CA ILE C 27 -11.38 -24.45 42.72
C ILE C 27 -10.02 -25.12 42.63
N LEU C 28 -9.83 -26.19 43.39
CA LEU C 28 -8.55 -26.89 43.39
C LEU C 28 -8.31 -27.59 42.06
N SER C 29 -9.37 -28.12 41.44
CA SER C 29 -9.21 -28.70 40.10
C SER C 29 -8.84 -27.63 39.07
N SER C 30 -9.41 -26.43 39.18
CA SER C 30 -9.08 -25.37 38.22
C SER C 30 -7.63 -24.92 38.36
N VAL C 31 -7.15 -24.79 39.60
CA VAL C 31 -5.76 -24.38 39.84
C VAL C 31 -4.79 -25.42 39.30
N LEU C 32 -5.07 -26.70 39.58
CA LEU C 32 -4.21 -27.78 39.09
C LEU C 32 -4.26 -27.90 37.58
N MET C 33 -5.38 -27.50 36.96
CA MET C 33 -5.41 -27.57 35.51
C MET C 33 -4.57 -26.47 34.88
N ILE C 34 -4.64 -25.24 35.40
CA ILE C 34 -3.92 -24.19 34.71
C ILE C 34 -2.43 -24.15 35.06
N VAL C 35 -2.01 -24.77 36.17
CA VAL C 35 -0.59 -24.68 36.54
C VAL C 35 0.27 -25.63 35.71
N THR C 36 -0.13 -26.89 35.58
CA THR C 36 0.76 -27.98 35.21
C THR C 36 1.22 -27.90 33.75
N ARG C 37 2.14 -28.79 33.40
CA ARG C 37 2.88 -28.73 32.14
C ARG C 37 2.64 -29.91 31.21
N ASP C 38 2.28 -31.08 31.72
CA ASP C 38 1.78 -32.13 30.85
C ASP C 38 0.40 -31.75 30.32
N LEU C 39 0.15 -32.08 29.07
CA LEU C 39 -1.20 -31.85 28.55
C LEU C 39 -2.15 -32.91 29.04
N LEU C 40 -1.65 -34.10 29.34
CA LEU C 40 -2.51 -35.22 29.70
C LEU C 40 -3.09 -35.03 31.09
N VAL C 41 -2.29 -34.49 32.01
CA VAL C 41 -2.79 -34.10 33.32
C VAL C 41 -3.82 -32.99 33.20
N ALA C 42 -3.64 -32.10 32.22
CA ALA C 42 -4.60 -31.02 32.00
C ALA C 42 -5.94 -31.58 31.53
N VAL C 43 -5.94 -32.59 30.67
CA VAL C 43 -7.20 -33.16 30.22
C VAL C 43 -7.85 -33.97 31.34
N LEU C 44 -7.06 -34.64 32.18
CA LEU C 44 -7.65 -35.32 33.33
C LEU C 44 -8.29 -34.35 34.32
N ALA C 45 -7.68 -33.20 34.55
CA ALA C 45 -8.31 -32.19 35.40
C ALA C 45 -9.54 -31.59 34.75
N SER C 46 -9.52 -31.43 33.42
CA SER C 46 -10.69 -30.93 32.71
C SER C 46 -11.84 -31.92 32.72
N ALA C 47 -11.56 -33.22 32.80
CA ALA C 47 -12.62 -34.20 32.93
C ALA C 47 -13.04 -34.44 34.36
N ALA C 48 -12.25 -33.99 35.34
CA ALA C 48 -12.75 -34.04 36.71
C ALA C 48 -13.59 -32.82 37.05
N MET C 49 -13.24 -31.65 36.49
CA MET C 49 -13.95 -30.42 36.82
C MET C 49 -15.37 -30.44 36.30
N SER C 50 -15.59 -31.02 35.11
CA SER C 50 -16.93 -31.09 34.56
C SER C 50 -17.83 -32.01 35.37
N LEU C 51 -17.27 -33.08 35.92
CA LEU C 51 -18.04 -33.92 36.84
C LEU C 51 -18.39 -33.20 38.13
N LEU C 52 -17.42 -32.54 38.74
CA LEU C 52 -17.73 -31.86 39.99
C LEU C 52 -18.63 -30.65 39.80
N LEU C 53 -18.75 -30.16 38.57
CA LEU C 53 -19.75 -29.15 38.29
C LEU C 53 -21.12 -29.77 38.00
N SER C 54 -21.13 -30.96 37.40
CA SER C 54 -22.40 -31.65 37.14
C SER C 54 -23.09 -32.07 38.43
N LEU C 55 -22.33 -32.53 39.42
CA LEU C 55 -22.94 -32.85 40.70
C LEU C 55 -23.51 -31.62 41.38
N GLU C 56 -22.89 -30.46 41.21
CA GLU C 56 -23.44 -29.25 41.80
C GLU C 56 -24.70 -28.79 41.08
N PHE C 57 -24.74 -28.90 39.75
CA PHE C 57 -25.99 -28.62 39.05
C PHE C 57 -27.07 -29.64 39.37
N TYR C 58 -26.71 -30.82 39.87
CA TYR C 58 -27.70 -31.70 40.46
C TYR C 58 -28.14 -31.24 41.84
N MET C 59 -27.25 -30.63 42.63
CA MET C 59 -27.61 -30.27 44.00
C MET C 59 -28.52 -29.06 44.06
N LEU C 60 -28.45 -28.16 43.08
CA LEU C 60 -29.30 -26.97 43.04
C LEU C 60 -30.62 -27.23 42.34
N HIS C 61 -31.00 -28.49 42.20
CA HIS C 61 -32.27 -28.94 41.64
C HIS C 61 -32.43 -28.46 40.20
N ALA C 62 -31.58 -28.98 39.33
CA ALA C 62 -31.68 -28.74 37.90
C ALA C 62 -31.18 -29.96 37.17
N PRO C 63 -32.08 -30.90 36.85
CA PRO C 63 -31.63 -32.13 36.18
C PRO C 63 -31.28 -31.93 34.72
N ASP C 64 -32.05 -31.10 34.02
CA ASP C 64 -31.87 -30.88 32.59
C ASP C 64 -30.52 -30.29 32.26
N VAL C 65 -29.96 -29.50 33.16
CA VAL C 65 -28.63 -28.98 32.90
C VAL C 65 -27.58 -30.03 33.27
N ALA C 66 -27.86 -30.87 34.26
CA ALA C 66 -26.89 -31.87 34.68
C ALA C 66 -26.66 -32.92 33.61
N ILE C 67 -27.72 -33.33 32.90
CA ILE C 67 -27.55 -34.33 31.85
C ILE C 67 -26.72 -33.77 30.70
N ALA C 68 -27.03 -32.55 30.27
CA ALA C 68 -26.30 -31.94 29.15
C ALA C 68 -24.86 -31.66 29.53
N GLU C 69 -24.62 -31.26 30.77
CA GLU C 69 -23.27 -30.97 31.24
C GLU C 69 -22.40 -32.21 31.27
N ALA C 70 -22.91 -33.31 31.85
CA ALA C 70 -22.13 -34.54 31.89
C ALA C 70 -21.95 -35.11 30.49
N ALA C 71 -22.99 -35.04 29.65
CA ALA C 71 -22.95 -35.65 28.33
C ALA C 71 -22.02 -34.90 27.39
N VAL C 72 -21.84 -33.60 27.59
CA VAL C 72 -20.85 -32.88 26.80
C VAL C 72 -19.46 -33.04 27.40
N GLY C 73 -19.29 -32.72 28.68
CA GLY C 73 -17.96 -32.69 29.25
C GLY C 73 -17.31 -34.02 29.51
N ALA C 74 -18.02 -35.14 29.36
CA ALA C 74 -17.40 -36.43 29.56
C ALA C 74 -17.05 -37.13 28.26
N GLY C 75 -18.01 -37.29 27.36
CA GLY C 75 -17.82 -38.16 26.22
C GLY C 75 -17.22 -37.51 25.00
N VAL C 76 -17.48 -36.21 24.80
CA VAL C 76 -17.13 -35.56 23.56
C VAL C 76 -15.89 -34.68 23.71
N VAL C 77 -15.77 -33.95 24.81
CA VAL C 77 -14.67 -32.98 24.95
C VAL C 77 -13.33 -33.71 25.09
N THR C 78 -13.27 -34.72 25.94
CA THR C 78 -12.01 -35.46 26.10
C THR C 78 -11.65 -36.25 24.85
N ALA C 79 -12.65 -36.87 24.21
CA ALA C 79 -12.38 -37.59 22.98
C ALA C 79 -12.17 -36.68 21.78
N LEU C 80 -12.35 -35.37 21.95
CA LEU C 80 -12.02 -34.44 20.90
C LEU C 80 -10.68 -33.77 21.14
N VAL C 81 -10.23 -33.72 22.39
CA VAL C 81 -8.94 -33.14 22.69
C VAL C 81 -7.83 -34.19 22.54
N MET C 82 -8.16 -35.47 22.69
CA MET C 82 -7.10 -36.49 22.58
C MET C 82 -6.60 -36.68 21.15
N TYR C 83 -7.46 -36.56 20.15
CA TYR C 83 -6.97 -36.54 18.77
C TYR C 83 -6.09 -35.32 18.51
N ALA C 84 -6.40 -34.20 19.16
CA ALA C 84 -5.61 -33.00 18.94
C ALA C 84 -4.22 -33.12 19.56
N ILE C 85 -4.12 -33.66 20.77
CA ILE C 85 -2.79 -33.83 21.35
C ILE C 85 -2.09 -35.05 20.80
N SER C 86 -2.80 -35.90 20.05
CA SER C 86 -2.13 -36.93 19.28
C SER C 86 -1.54 -36.39 17.99
N LYS C 87 -2.20 -35.43 17.37
CA LYS C 87 -1.71 -34.90 16.11
C LYS C 87 -0.70 -33.78 16.30
N THR C 88 -0.46 -33.36 17.54
CA THR C 88 0.56 -32.36 17.86
C THR C 88 1.47 -32.87 18.98
N GLU C 89 2.24 -31.97 19.59
CA GLU C 89 3.11 -32.38 20.67
C GLU C 89 2.33 -32.52 21.97
N ARG C 90 2.92 -33.23 22.93
CA ARG C 90 2.26 -33.46 24.20
C ARG C 90 2.84 -32.66 25.36
N TRP C 91 4.04 -32.11 25.17
CA TRP C 91 4.67 -31.33 26.23
C TRP C 91 4.58 -29.83 25.99
N MET D 1 -26.44 23.18 2.25
CA MET D 1 -25.51 24.26 2.51
C MET D 1 -25.80 25.36 1.55
N PHE D 2 -25.72 25.01 0.27
CA PHE D 2 -25.98 25.96 -0.79
C PHE D 2 -27.25 25.53 -1.49
N GLY D 3 -28.24 26.42 -1.52
CA GLY D 3 -29.50 26.23 -2.19
C GLY D 3 -30.33 25.07 -1.67
N TYR D 4 -31.33 24.72 -2.46
CA TYR D 4 -32.19 23.59 -2.18
C TYR D 4 -32.22 22.72 -3.42
N TRP D 5 -32.24 23.37 -4.58
CA TRP D 5 -32.01 22.74 -5.88
C TRP D 5 -30.66 23.10 -6.47
N ASP D 6 -29.81 23.78 -5.73
CA ASP D 6 -28.58 24.28 -6.33
C ASP D 6 -27.55 23.23 -6.75
N PRO D 7 -27.40 22.04 -6.13
CA PRO D 7 -26.49 21.04 -6.70
C PRO D 7 -26.96 20.42 -8.00
N LEU D 8 -28.06 20.88 -8.60
CA LEU D 8 -28.49 20.39 -9.88
C LEU D 8 -28.12 21.33 -11.01
N TYR D 9 -27.79 22.59 -10.71
CA TYR D 9 -27.33 23.52 -11.74
C TYR D 9 -25.87 23.28 -12.09
N PHE D 10 -25.12 22.76 -11.12
CA PHE D 10 -23.70 22.48 -11.29
C PHE D 10 -23.49 21.45 -12.39
N ILE D 11 -24.35 20.43 -12.42
CA ILE D 11 -24.30 19.41 -13.45
C ILE D 11 -24.68 19.99 -14.81
N ILE D 12 -25.60 20.94 -14.85
CA ILE D 12 -26.04 21.53 -16.11
C ILE D 12 -24.92 22.34 -16.75
N VAL D 13 -24.28 23.20 -15.97
CA VAL D 13 -23.20 24.02 -16.54
C VAL D 13 -21.99 23.16 -16.85
N PHE D 14 -21.77 22.07 -16.11
CA PHE D 14 -20.63 21.20 -16.36
C PHE D 14 -20.83 20.43 -17.66
N ILE D 15 -22.05 19.96 -17.91
CA ILE D 15 -22.33 19.22 -19.14
C ILE D 15 -22.32 20.14 -20.35
N ILE D 16 -22.82 21.37 -20.21
CA ILE D 16 -22.75 22.27 -21.36
C ILE D 16 -21.29 22.69 -21.65
N GLY D 17 -20.44 22.71 -20.62
CA GLY D 17 -19.02 22.93 -20.84
C GLY D 17 -18.36 21.79 -21.58
N LEU D 18 -18.68 20.54 -21.20
CA LEU D 18 -18.13 19.40 -21.92
C LEU D 18 -18.64 19.33 -23.35
N ILE D 19 -19.88 19.75 -23.61
CA ILE D 19 -20.41 19.72 -24.97
C ILE D 19 -19.66 20.73 -25.85
N LEU D 20 -19.40 21.93 -25.34
CA LEU D 20 -18.63 22.90 -26.14
C LEU D 20 -17.19 22.43 -26.36
N ALA D 21 -16.55 21.91 -25.31
CA ALA D 21 -15.15 21.52 -25.43
C ALA D 21 -14.96 20.26 -26.27
N TYR D 22 -15.97 19.41 -26.37
CA TYR D 22 -15.85 18.26 -27.25
C TYR D 22 -16.26 18.60 -28.67
N LEU D 23 -17.17 19.56 -28.83
CA LEU D 23 -17.53 20.04 -30.16
C LEU D 23 -16.35 20.71 -30.84
N LEU D 24 -15.45 21.32 -30.06
CA LEU D 24 -14.31 21.99 -30.69
C LEU D 24 -13.32 20.98 -31.28
N ASN D 25 -13.09 19.85 -30.61
CA ASN D 25 -12.27 18.82 -31.23
C ASN D 25 -12.98 18.15 -32.38
N LEU D 26 -14.30 18.03 -32.30
CA LEU D 26 -15.05 17.43 -33.41
C LEU D 26 -14.95 18.30 -34.66
N TRP D 27 -14.86 19.62 -34.49
CA TRP D 27 -14.56 20.47 -35.64
C TRP D 27 -13.12 20.34 -36.07
N ALA D 28 -12.17 20.45 -35.14
CA ALA D 28 -10.77 20.56 -35.53
C ALA D 28 -10.13 19.23 -35.93
N LYS D 29 -10.83 18.11 -35.78
CA LYS D 29 -10.30 16.88 -36.35
C LYS D 29 -10.53 16.82 -37.84
N LYS D 30 -11.62 17.43 -38.32
CA LYS D 30 -11.95 17.38 -39.74
C LYS D 30 -10.96 18.20 -40.56
N SER D 31 -10.77 19.46 -40.19
CA SER D 31 -9.84 20.34 -40.89
C SER D 31 -8.46 20.19 -40.26
N GLY D 32 -7.48 19.80 -41.06
CA GLY D 32 -6.17 19.44 -40.57
C GLY D 32 -5.95 17.94 -40.70
N MET D 33 -4.68 17.55 -40.57
CA MET D 33 -4.34 16.16 -40.82
C MET D 33 -4.74 15.28 -39.65
N GLY D 34 -4.54 13.97 -39.83
CA GLY D 34 -4.98 12.99 -38.84
C GLY D 34 -4.00 12.83 -37.70
N THR D 35 -3.81 11.60 -37.23
CA THR D 35 -2.86 11.31 -36.17
C THR D 35 -1.97 10.16 -36.60
N ARG D 36 -1.05 9.77 -35.73
CA ARG D 36 -0.24 8.56 -35.88
C ARG D 36 0.28 8.18 -34.51
N GLU D 37 1.06 7.10 -34.45
CA GLU D 37 1.53 6.55 -33.19
C GLU D 37 3.02 6.22 -33.30
N VAL D 38 3.87 7.10 -32.77
CA VAL D 38 5.30 6.86 -32.68
C VAL D 38 5.61 6.63 -31.22
N GLY D 39 6.71 5.94 -30.93
CA GLY D 39 7.16 5.95 -29.56
C GLY D 39 8.65 6.12 -29.36
N GLU D 40 9.04 7.28 -28.84
CA GLU D 40 10.27 7.42 -28.07
C GLU D 40 10.15 8.41 -26.92
N GLY D 41 9.08 9.21 -26.86
CA GLY D 41 8.88 10.16 -25.79
C GLY D 41 9.42 11.55 -26.03
N THR D 42 10.21 11.75 -27.09
CA THR D 42 10.92 13.03 -27.39
C THR D 42 11.75 13.49 -26.22
N LYS D 43 12.32 12.54 -25.50
CA LYS D 43 12.89 12.76 -24.18
C LYS D 43 14.31 12.22 -24.23
N ILE D 44 15.27 13.11 -24.42
CA ILE D 44 16.70 12.80 -24.55
C ILE D 44 16.93 11.79 -25.67
N PHE D 45 16.72 12.29 -26.90
CA PHE D 45 16.54 11.50 -28.13
C PHE D 45 17.61 10.47 -28.46
N ILE D 46 18.73 10.46 -27.71
CA ILE D 46 19.84 9.54 -27.93
C ILE D 46 19.45 8.07 -27.92
N SER D 47 18.48 7.70 -27.08
CA SER D 47 18.12 6.30 -26.96
C SER D 47 16.63 6.18 -26.73
N GLY D 48 16.03 5.16 -27.33
CA GLY D 48 14.64 4.81 -27.05
C GLY D 48 14.52 3.46 -26.36
N GLU D 49 15.01 2.39 -27.01
CA GLU D 49 15.07 1.05 -26.44
C GLU D 49 16.37 0.43 -26.93
N ASP D 50 17.43 0.56 -26.14
CA ASP D 50 18.74 0.05 -26.50
C ASP D 50 19.29 -0.71 -25.28
N PRO D 51 20.53 -1.17 -25.36
CA PRO D 51 21.07 -2.01 -24.31
C PRO D 51 22.21 -1.37 -23.52
N GLU D 52 23.36 -1.11 -24.15
CA GLU D 52 24.53 -0.74 -23.36
C GLU D 52 25.62 -0.14 -24.24
N LYS D 53 25.95 1.13 -23.99
CA LYS D 53 27.27 1.68 -24.28
C LYS D 53 27.90 2.15 -22.99
N VAL D 54 27.20 2.98 -22.23
CA VAL D 54 27.36 3.19 -20.81
C VAL D 54 26.04 2.79 -20.15
N ILE D 55 25.89 3.10 -18.87
CA ILE D 55 24.62 2.86 -18.21
C ILE D 55 23.54 3.80 -18.77
N PRO D 56 22.30 3.39 -18.66
CA PRO D 56 21.21 4.08 -19.34
C PRO D 56 19.95 4.00 -18.47
N GLY D 57 18.79 4.13 -19.11
CA GLY D 57 17.50 4.33 -18.45
C GLY D 57 16.97 3.02 -17.86
N PHE D 58 15.65 3.02 -17.61
CA PHE D 58 14.90 1.94 -16.93
C PHE D 58 15.40 1.75 -15.49
N GLU D 59 15.19 2.80 -14.70
CA GLU D 59 15.41 2.85 -13.26
C GLU D 59 14.23 3.51 -12.58
N HIS D 60 13.02 2.96 -12.83
CA HIS D 60 11.74 3.63 -12.66
C HIS D 60 11.50 4.12 -11.24
N LEU D 61 10.62 5.12 -11.12
CA LEU D 61 10.44 5.86 -9.89
C LEU D 61 9.26 5.30 -9.11
N GLU D 62 9.38 5.28 -7.79
CA GLU D 62 8.29 4.92 -6.90
C GLU D 62 7.49 6.16 -6.50
N GLY D 63 6.67 5.99 -5.48
CA GLY D 63 5.82 7.07 -4.98
C GLY D 63 6.63 7.97 -4.05
N TYR D 64 7.17 9.06 -4.60
CA TYR D 64 7.87 10.09 -3.85
C TYR D 64 7.23 11.41 -4.21
N TYR D 65 6.21 11.80 -3.44
CA TYR D 65 5.44 13.02 -3.70
C TYR D 65 5.85 14.15 -2.76
N THR D 66 7.14 14.25 -2.46
CA THR D 66 7.66 15.30 -1.59
C THR D 66 9.04 15.71 -2.10
N GLY D 67 9.19 16.99 -2.44
CA GLY D 67 10.47 17.55 -2.84
C GLY D 67 10.63 18.94 -2.24
N ARG D 68 10.23 19.12 -0.99
CA ARG D 68 10.23 20.43 -0.37
C ARG D 68 10.29 20.29 1.14
N ASN D 69 10.79 21.33 1.81
CA ASN D 69 10.91 21.32 3.26
C ASN D 69 10.59 22.67 3.87
N THR D 70 9.46 22.76 4.57
CA THR D 70 9.04 23.99 5.22
C THR D 70 9.79 24.21 6.53
N MET D 71 10.45 25.36 6.64
CA MET D 71 11.23 25.70 7.82
C MET D 71 12.18 24.58 8.24
N TRP D 72 12.10 23.46 7.54
CA TRP D 72 12.95 22.30 7.84
C TRP D 72 13.04 22.04 9.34
N GLY D 73 11.92 22.23 10.03
CA GLY D 73 11.83 21.88 11.44
C GLY D 73 10.58 21.07 11.76
N LEU D 74 9.85 20.59 10.74
CA LEU D 74 8.66 19.78 10.98
C LEU D 74 8.83 18.32 10.59
N VAL D 75 9.76 18.00 9.69
CA VAL D 75 9.88 16.63 9.20
C VAL D 75 10.43 15.71 10.29
N ASN D 76 11.26 16.24 11.19
CA ASN D 76 11.81 15.44 12.28
C ASN D 76 10.74 15.04 13.29
N GLY D 77 9.84 15.97 13.63
CA GLY D 77 8.75 15.64 14.53
C GLY D 77 7.74 14.69 13.92
N VAL D 78 7.50 14.81 12.61
CA VAL D 78 6.59 13.91 11.92
C VAL D 78 7.17 12.49 11.87
N LYS D 79 8.48 12.38 11.64
CA LYS D 79 9.07 11.05 11.60
C LYS D 79 9.15 10.44 12.99
N LYS D 80 9.41 11.27 14.01
CA LYS D 80 9.40 10.77 15.39
C LYS D 80 7.98 10.40 15.83
N PHE D 81 6.96 11.00 15.21
CA PHE D 81 5.59 10.57 15.47
C PHE D 81 5.30 9.23 14.80
N PHE D 82 5.68 9.09 13.53
CA PHE D 82 5.34 7.86 12.82
C PHE D 82 6.15 6.66 13.28
N ALA D 83 7.33 6.85 13.88
CA ALA D 83 8.16 5.70 14.26
C ALA D 83 7.52 4.91 15.40
N THR D 84 7.10 5.61 16.46
CA THR D 84 6.51 4.94 17.62
C THR D 84 5.18 4.30 17.27
N LEU D 85 4.37 5.02 16.50
CA LEU D 85 3.08 4.50 16.07
C LEU D 85 3.23 3.36 15.09
N LYS D 86 4.32 3.34 14.32
CA LYS D 86 4.55 2.24 13.39
C LYS D 86 4.97 0.98 14.11
N ASN D 87 5.83 1.09 15.13
CA ASN D 87 6.23 -0.10 15.85
C ASN D 87 5.45 -0.31 17.16
N ASP D 88 4.25 0.27 17.26
CA ASP D 88 3.36 -0.17 18.33
C ASP D 88 2.66 -1.47 17.97
N HIS D 89 2.29 -1.65 16.70
CA HIS D 89 1.50 -2.80 16.26
C HIS D 89 2.40 -4.02 16.16
N THR D 90 2.58 -4.69 17.30
CA THR D 90 3.50 -5.81 17.38
C THR D 90 2.91 -7.04 16.71
N GLY D 91 1.81 -7.55 17.25
CA GLY D 91 1.16 -8.71 16.66
C GLY D 91 1.13 -9.90 17.59
N LEU D 92 1.11 -9.65 18.89
CA LEU D 92 1.07 -10.70 19.88
C LEU D 92 -0.29 -10.68 20.57
N LEU D 93 -0.84 -11.85 20.85
CA LEU D 93 -2.19 -11.94 21.42
C LEU D 93 -2.38 -11.27 22.79
N PRO D 94 -1.43 -11.30 23.75
CA PRO D 94 -1.66 -10.53 24.98
C PRO D 94 -1.78 -9.04 24.81
N ASP D 95 -1.30 -8.48 23.69
CA ASP D 95 -1.54 -7.06 23.41
C ASP D 95 -3.03 -6.79 23.19
N TYR D 96 -3.67 -7.60 22.34
CA TYR D 96 -5.10 -7.53 22.08
C TYR D 96 -5.90 -7.64 23.37
N VAL D 97 -5.59 -8.66 24.16
CA VAL D 97 -6.37 -8.93 25.37
C VAL D 97 -6.18 -7.83 26.41
N SER D 98 -4.94 -7.36 26.59
CA SER D 98 -4.69 -6.31 27.56
C SER D 98 -5.33 -4.99 27.16
N TYR D 99 -5.40 -4.71 25.85
CA TYR D 99 -6.05 -3.49 25.39
C TYR D 99 -7.54 -3.49 25.71
N LEU D 100 -8.24 -4.60 25.43
CA LEU D 100 -9.67 -4.54 25.73
C LEU D 100 -9.94 -4.59 27.24
N LEU D 101 -9.05 -5.21 28.01
CA LEU D 101 -9.21 -5.19 29.47
C LEU D 101 -9.05 -3.78 30.04
N MET D 102 -8.03 -3.04 29.60
CA MET D 102 -7.87 -1.70 30.16
C MET D 102 -8.93 -0.73 29.64
N THR D 103 -9.47 -0.98 28.44
CA THR D 103 -10.60 -0.15 27.97
C THR D 103 -11.84 -0.36 28.84
N THR D 104 -12.15 -1.61 29.17
CA THR D 104 -13.29 -1.89 30.04
C THR D 104 -13.11 -1.27 31.43
N ALA D 105 -11.90 -1.36 31.99
CA ALA D 105 -11.67 -0.76 33.31
C ALA D 105 -11.75 0.76 33.28
N PHE D 106 -11.31 1.38 32.18
CA PHE D 106 -11.35 2.83 32.06
C PHE D 106 -12.78 3.36 32.04
N ILE D 107 -13.64 2.72 31.23
CA ILE D 107 -15.04 3.15 31.18
C ILE D 107 -15.74 2.88 32.51
N LEU D 108 -15.39 1.78 33.20
CA LEU D 108 -16.01 1.50 34.49
C LEU D 108 -15.65 2.54 35.54
N VAL D 109 -14.36 2.92 35.60
CA VAL D 109 -13.92 3.86 36.63
C VAL D 109 -14.52 5.23 36.39
N ILE D 110 -14.66 5.65 35.12
CA ILE D 110 -15.29 6.95 34.88
C ILE D 110 -16.78 6.91 35.20
N LEU D 111 -17.47 5.83 34.84
CA LEU D 111 -18.92 5.77 35.09
C LEU D 111 -19.28 5.63 36.56
N LEU D 112 -18.39 5.13 37.41
CA LEU D 112 -18.76 5.09 38.83
C LEU D 112 -18.81 6.46 39.45
N LEU D 113 -17.86 7.33 39.13
CA LEU D 113 -17.80 8.64 39.79
C LEU D 113 -18.88 9.56 39.28
N ARG D 114 -18.84 9.91 38.00
CA ARG D 114 -19.83 10.82 37.42
C ARG D 114 -20.54 10.22 36.23
N ILE E 3 -33.99 29.60 -16.09
CA ILE E 3 -32.92 28.63 -16.29
C ILE E 3 -32.31 28.73 -17.68
N VAL E 4 -33.14 28.95 -18.71
CA VAL E 4 -32.63 29.03 -20.07
C VAL E 4 -31.97 30.39 -20.28
N TYR E 5 -32.36 31.39 -19.50
CA TYR E 5 -31.65 32.65 -19.51
C TYR E 5 -30.31 32.59 -18.79
N GLY E 6 -29.96 31.46 -18.17
CA GLY E 6 -28.62 31.24 -17.67
C GLY E 6 -27.71 30.47 -18.58
N VAL E 7 -28.22 30.09 -19.76
CA VAL E 7 -27.40 29.45 -20.77
C VAL E 7 -26.87 30.49 -21.76
N ILE E 8 -27.69 31.50 -22.05
CA ILE E 8 -27.33 32.54 -22.99
C ILE E 8 -26.16 33.35 -22.45
N GLY E 9 -26.16 33.62 -21.15
CA GLY E 9 -25.02 34.30 -20.55
C GLY E 9 -23.76 33.46 -20.56
N LEU E 10 -23.89 32.16 -20.27
CA LEU E 10 -22.73 31.30 -20.21
C LEU E 10 -22.11 31.06 -21.59
N ILE E 11 -22.89 31.20 -22.65
CA ILE E 11 -22.28 31.13 -23.98
C ILE E 11 -21.69 32.47 -24.39
N LEU E 12 -22.42 33.56 -24.17
CA LEU E 12 -22.00 34.86 -24.69
C LEU E 12 -20.80 35.42 -23.93
N ILE E 13 -20.77 35.28 -22.61
CA ILE E 13 -19.64 35.74 -21.83
C ILE E 13 -18.40 34.91 -22.11
N TYR E 14 -18.59 33.63 -22.44
CA TYR E 14 -17.47 32.80 -22.86
C TYR E 14 -16.86 33.29 -24.17
N ILE E 15 -17.70 33.64 -25.15
CA ILE E 15 -17.16 34.16 -26.42
C ILE E 15 -16.46 35.50 -26.22
N TYR E 16 -17.01 36.34 -25.34
CA TYR E 16 -16.38 37.63 -25.02
C TYR E 16 -15.00 37.44 -24.40
N VAL E 17 -14.89 36.60 -23.38
CA VAL E 17 -13.63 36.44 -22.66
C VAL E 17 -12.59 35.74 -23.54
N SER E 18 -13.03 34.79 -24.37
CA SER E 18 -12.11 34.15 -25.30
C SER E 18 -11.63 35.09 -26.39
N VAL E 19 -12.38 36.15 -26.70
CA VAL E 19 -11.80 37.17 -27.56
C VAL E 19 -10.79 38.04 -26.81
N VAL E 20 -11.12 38.47 -25.60
CA VAL E 20 -10.34 39.55 -24.96
C VAL E 20 -9.01 39.05 -24.42
N SER E 21 -8.96 37.83 -23.88
CA SER E 21 -7.79 37.38 -23.12
C SER E 21 -6.54 37.24 -23.99
N LEU E 22 -6.70 36.66 -25.17
CA LEU E 22 -5.58 36.52 -26.10
C LEU E 22 -5.07 37.87 -26.57
N LEU E 23 -5.95 38.85 -26.68
CA LEU E 23 -5.57 40.18 -27.10
C LEU E 23 -4.75 40.88 -26.02
N PHE E 24 -5.13 40.68 -24.76
CA PHE E 24 -4.29 41.15 -23.66
C PHE E 24 -2.92 40.51 -23.67
N SER E 25 -2.85 39.21 -24.01
CA SER E 25 -1.55 38.55 -24.10
C SER E 25 -0.69 39.14 -25.22
N GLY E 26 -1.32 39.51 -26.33
CA GLY E 26 -0.57 40.13 -27.42
C GLY E 26 -0.02 41.51 -27.07
N ILE E 27 -0.83 42.32 -26.39
CA ILE E 27 -0.35 43.63 -25.92
C ILE E 27 0.79 43.47 -24.92
N ASP E 28 0.73 42.41 -24.11
CA ASP E 28 1.78 42.16 -23.13
C ASP E 28 3.09 41.81 -23.81
N ARG E 29 3.06 40.95 -24.83
CA ARG E 29 4.29 40.62 -25.55
C ARG E 29 4.85 41.81 -26.30
N LYS E 30 3.99 42.71 -26.81
CA LYS E 30 4.50 43.92 -27.45
C LYS E 30 5.21 44.85 -26.47
N LEU E 31 4.63 45.06 -25.28
CA LEU E 31 5.29 45.92 -24.28
C LEU E 31 6.61 45.35 -23.80
N VAL E 32 6.65 44.04 -23.55
CA VAL E 32 7.90 43.41 -23.13
C VAL E 32 8.95 43.48 -24.23
N ALA E 33 8.54 43.43 -25.49
CA ALA E 33 9.52 43.57 -26.56
C ALA E 33 10.05 44.99 -26.69
N ARG E 34 9.18 45.99 -26.51
CA ARG E 34 9.69 47.37 -26.58
C ARG E 34 10.57 47.73 -25.39
N MET E 35 10.45 47.02 -24.26
CA MET E 35 11.31 47.38 -23.13
C MET E 35 12.76 47.00 -23.31
N GLN E 36 13.14 46.31 -24.38
CA GLN E 36 14.52 45.93 -24.61
C GLN E 36 14.90 46.08 -26.07
N ARG E 37 14.48 47.20 -26.67
CA ARG E 37 14.91 47.70 -27.98
C ARG E 37 14.57 46.75 -29.12
N ARG E 38 13.27 46.61 -29.36
CA ARG E 38 12.83 45.66 -30.36
C ARG E 38 11.49 46.11 -30.90
N ILE E 39 11.23 45.77 -32.17
CA ILE E 39 9.92 46.07 -32.74
C ILE E 39 8.86 45.16 -32.14
N GLY E 40 9.10 43.87 -32.11
CA GLY E 40 8.16 42.94 -31.53
C GLY E 40 7.06 42.52 -32.50
N PRO E 41 6.30 41.50 -32.14
CA PRO E 41 5.32 40.93 -33.05
C PRO E 41 4.09 41.81 -33.17
N PRO E 42 3.27 41.65 -34.21
CA PRO E 42 2.01 42.39 -34.28
C PRO E 42 1.03 41.96 -33.20
N ILE E 43 0.00 42.79 -33.02
CA ILE E 43 -0.81 42.77 -31.79
C ILE E 43 -1.63 41.50 -31.71
N LEU E 44 -2.31 41.13 -32.79
CA LEU E 44 -3.08 39.90 -32.78
C LEU E 44 -2.25 38.70 -33.26
N GLN E 45 -1.09 38.53 -32.64
CA GLN E 45 -0.23 37.38 -32.89
C GLN E 45 -0.74 36.05 -32.31
N PRO E 46 -1.34 35.96 -31.10
CA PRO E 46 -1.85 34.64 -30.69
C PRO E 46 -3.00 34.09 -31.53
N PHE E 47 -3.73 34.93 -32.26
CA PHE E 47 -4.77 34.41 -33.13
C PHE E 47 -4.23 33.77 -34.40
N TYR E 48 -2.93 33.79 -34.63
CA TYR E 48 -2.33 32.97 -35.66
C TYR E 48 -1.73 31.70 -35.09
N ASP E 49 -1.10 31.82 -33.91
CA ASP E 49 -0.48 30.67 -33.28
C ASP E 49 -1.52 29.63 -32.89
N PHE E 50 -2.69 30.09 -32.46
CA PHE E 50 -3.79 29.18 -32.14
C PHE E 50 -4.23 28.39 -33.36
N LEU E 51 -4.36 29.06 -34.50
CA LEU E 51 -4.86 28.39 -35.70
C LEU E 51 -3.81 27.43 -36.27
N LYS E 52 -2.53 27.79 -36.23
CA LYS E 52 -1.53 26.84 -36.73
C LYS E 52 -1.34 25.67 -35.77
N LEU E 53 -1.62 25.84 -34.48
CA LEU E 53 -1.53 24.67 -33.61
C LEU E 53 -2.72 23.77 -33.81
N MET E 54 -3.88 24.32 -34.18
CA MET E 54 -4.98 23.44 -34.54
C MET E 54 -4.77 22.79 -35.89
N SER E 55 -3.86 23.32 -36.70
CA SER E 55 -3.67 22.81 -38.06
C SER E 55 -2.99 21.45 -38.12
N LYS E 56 -2.00 21.20 -37.26
CA LYS E 56 -1.01 20.16 -37.50
C LYS E 56 -1.52 18.75 -37.19
N GLU E 57 -0.59 17.82 -37.12
CA GLU E 57 -0.85 16.39 -36.90
C GLU E 57 -0.50 16.03 -35.47
N THR E 58 -1.49 15.53 -34.74
CA THR E 58 -1.30 15.18 -33.34
C THR E 58 -0.61 13.83 -33.22
N ILE E 59 0.31 13.71 -32.27
CA ILE E 59 1.08 12.49 -32.06
C ILE E 59 0.74 11.93 -30.69
N ILE E 60 0.37 10.65 -30.66
CA ILE E 60 0.11 9.90 -29.44
C ILE E 60 1.28 8.94 -29.23
N PRO E 61 1.92 8.95 -28.06
CA PRO E 61 2.97 7.97 -27.80
C PRO E 61 2.42 6.57 -27.62
N LYS E 62 3.32 5.60 -27.69
CA LYS E 62 2.89 4.21 -27.64
C LYS E 62 2.54 3.79 -26.22
N THR E 63 3.11 4.44 -25.23
CA THR E 63 2.78 4.21 -23.83
C THR E 63 1.97 5.41 -23.34
N ALA E 64 0.67 5.35 -23.55
CA ALA E 64 -0.21 6.44 -23.15
C ALA E 64 -1.55 5.88 -22.73
N ASN E 65 -2.15 6.47 -21.70
CA ASN E 65 -3.38 5.98 -21.13
C ASN E 65 -4.58 6.56 -21.85
N PHE E 66 -5.75 6.43 -21.24
CA PHE E 66 -6.96 7.10 -21.74
C PHE E 66 -7.08 8.50 -21.18
N MET E 67 -6.16 8.92 -20.32
CA MET E 67 -6.15 10.27 -19.78
C MET E 67 -5.27 11.22 -20.57
N PHE E 68 -4.41 10.70 -21.42
CA PHE E 68 -3.60 11.54 -22.28
C PHE E 68 -4.46 12.27 -23.29
N LYS E 69 -5.50 11.60 -23.80
CA LYS E 69 -6.40 12.19 -24.77
C LYS E 69 -7.62 12.84 -24.14
N ALA E 70 -7.70 12.90 -22.81
CA ALA E 70 -8.94 13.35 -22.18
C ALA E 70 -8.75 14.29 -21.01
N ALA E 71 -7.53 14.64 -20.65
CA ALA E 71 -7.31 15.70 -19.68
C ALA E 71 -7.35 17.10 -20.28
N PRO E 72 -6.86 17.38 -21.52
CA PRO E 72 -7.11 18.70 -22.09
C PRO E 72 -8.53 18.91 -22.61
N ILE E 73 -9.47 18.05 -22.28
CA ILE E 73 -10.88 18.37 -22.36
C ILE E 73 -11.42 18.80 -21.01
N LEU E 74 -11.04 18.08 -19.96
CA LEU E 74 -11.58 18.38 -18.63
C LEU E 74 -10.99 19.66 -18.07
N MET E 75 -9.79 20.06 -18.51
CA MET E 75 -9.24 21.34 -18.08
C MET E 75 -10.06 22.50 -18.61
N LEU E 76 -10.30 22.51 -19.91
CA LEU E 76 -11.13 23.54 -20.53
C LEU E 76 -12.57 23.47 -20.04
N ALA E 77 -13.05 22.27 -19.71
CA ALA E 77 -14.41 22.15 -19.20
C ALA E 77 -14.58 22.76 -17.82
N THR E 78 -13.65 22.52 -16.90
CA THR E 78 -13.77 23.17 -15.60
C THR E 78 -13.26 24.61 -15.60
N VAL E 79 -12.80 25.13 -16.72
CA VAL E 79 -12.66 26.58 -16.81
C VAL E 79 -13.93 27.25 -17.33
N ILE E 80 -14.53 26.67 -18.37
CA ILE E 80 -15.80 27.19 -18.88
C ILE E 80 -16.91 27.09 -17.84
N ALA E 81 -16.92 26.01 -17.05
CA ALA E 81 -17.88 25.91 -15.97
C ALA E 81 -17.54 26.83 -14.80
N LEU E 82 -16.33 27.38 -14.76
CA LEU E 82 -16.00 28.29 -13.67
C LEU E 82 -16.37 29.71 -14.02
N LEU E 83 -16.47 30.02 -15.32
CA LEU E 83 -16.90 31.36 -15.76
C LEU E 83 -18.26 31.79 -15.21
N ALA E 84 -19.14 30.84 -14.88
CA ALA E 84 -20.47 31.19 -14.44
C ALA E 84 -20.54 31.67 -12.99
N TYR E 85 -19.46 31.54 -12.22
CA TYR E 85 -19.45 31.92 -10.81
C TYR E 85 -18.62 33.14 -10.50
N THR E 86 -17.94 33.73 -11.49
CA THR E 86 -16.97 34.80 -11.33
C THR E 86 -17.62 36.17 -11.43
N PRO E 87 -17.09 37.15 -10.70
CA PRO E 87 -17.64 38.50 -10.75
C PRO E 87 -17.11 39.27 -11.95
N LEU E 88 -17.97 39.46 -12.94
CA LEU E 88 -17.58 40.20 -14.14
C LEU E 88 -17.86 41.69 -14.03
N GLY E 89 -18.22 42.17 -12.84
CA GLY E 89 -18.57 43.56 -12.64
C GLY E 89 -19.98 43.73 -12.14
N PHE E 90 -20.90 43.01 -12.73
CA PHE E 90 -22.24 42.80 -12.20
C PHE E 90 -22.21 41.54 -11.33
N PRO E 91 -23.18 41.36 -10.42
CA PRO E 91 -23.20 40.15 -9.60
C PRO E 91 -23.42 38.91 -10.46
N PRO E 92 -22.71 37.82 -10.17
CA PRO E 92 -22.67 36.68 -11.10
C PRO E 92 -24.02 35.97 -11.18
N ILE E 93 -24.10 35.03 -12.11
CA ILE E 93 -25.41 34.48 -12.45
C ILE E 93 -25.88 33.49 -11.40
N PHE E 94 -25.02 32.57 -10.98
CA PHE E 94 -25.44 31.49 -10.10
C PHE E 94 -24.95 31.68 -8.68
N GLY E 95 -24.88 32.92 -8.21
CA GLY E 95 -24.35 33.20 -6.89
C GLY E 95 -25.36 33.06 -5.76
N THR E 96 -25.23 32.00 -4.97
CA THR E 96 -26.08 31.71 -3.82
C THR E 96 -25.24 31.80 -2.55
N LYS E 97 -25.83 31.36 -1.43
CA LYS E 97 -25.27 31.57 -0.10
C LYS E 97 -23.92 30.88 0.08
N GLY E 98 -23.70 29.79 -0.65
CA GLY E 98 -22.41 29.12 -0.56
C GLY E 98 -21.47 29.80 -1.54
N ASP E 99 -20.98 29.07 -2.54
CA ASP E 99 -20.37 29.64 -3.74
C ASP E 99 -19.12 30.48 -3.51
N ILE E 100 -18.45 30.30 -2.38
CA ILE E 100 -17.03 30.63 -2.32
C ILE E 100 -16.19 29.36 -2.36
N ILE E 101 -16.65 28.30 -1.69
CA ILE E 101 -15.86 27.09 -1.68
C ILE E 101 -15.93 26.39 -3.02
N VAL E 102 -17.01 26.60 -3.77
CA VAL E 102 -17.08 26.09 -5.14
C VAL E 102 -16.05 26.79 -6.02
N PHE E 103 -15.83 28.08 -5.77
CA PHE E 103 -14.83 28.84 -6.51
C PHE E 103 -13.42 28.36 -6.17
N ILE E 104 -13.11 28.17 -4.89
CA ILE E 104 -11.77 27.72 -4.49
C ILE E 104 -11.51 26.31 -4.98
N TYR E 105 -12.53 25.46 -4.91
CA TYR E 105 -12.41 24.08 -5.35
C TYR E 105 -12.16 23.99 -6.85
N LEU E 106 -12.95 24.70 -7.66
CA LEU E 106 -12.72 24.64 -9.09
C LEU E 106 -11.50 25.42 -9.55
N LEU E 107 -10.99 26.36 -8.77
CA LEU E 107 -9.72 26.95 -9.17
C LEU E 107 -8.55 26.07 -8.77
N THR E 108 -8.72 25.21 -7.77
CA THR E 108 -7.68 24.24 -7.48
C THR E 108 -7.68 23.10 -8.48
N LEU E 109 -8.87 22.68 -8.93
CA LEU E 109 -9.01 21.38 -9.57
C LEU E 109 -8.48 21.33 -11.00
N ALA E 110 -8.41 22.48 -11.68
CA ALA E 110 -7.88 22.53 -13.04
C ALA E 110 -6.40 22.19 -13.09
N ASP E 111 -5.63 22.63 -12.10
CA ASP E 111 -4.21 22.35 -12.08
C ASP E 111 -3.93 20.88 -11.80
N PHE E 112 -4.79 20.24 -11.01
CA PHE E 112 -4.65 18.81 -10.79
C PHE E 112 -4.97 18.04 -12.05
N PHE E 113 -5.95 18.49 -12.84
CA PHE E 113 -6.16 17.86 -14.14
C PHE E 113 -4.96 18.03 -15.05
N LEU E 114 -4.30 19.19 -15.00
CA LEU E 114 -3.11 19.40 -15.82
C LEU E 114 -1.96 18.48 -15.41
N VAL E 115 -1.75 18.31 -14.11
CA VAL E 115 -0.65 17.47 -13.65
C VAL E 115 -0.94 15.99 -13.94
N VAL E 116 -2.20 15.57 -13.77
CA VAL E 116 -2.55 14.19 -14.10
C VAL E 116 -2.45 13.93 -15.60
N GLY E 117 -2.74 14.93 -16.42
CA GLY E 117 -2.57 14.75 -17.85
C GLY E 117 -1.12 14.68 -18.29
N VAL E 118 -0.25 15.44 -17.65
CA VAL E 118 1.17 15.41 -18.01
C VAL E 118 1.80 14.11 -17.54
N MET E 119 1.52 13.72 -16.31
CA MET E 119 2.16 12.58 -15.67
C MET E 119 1.68 11.26 -16.25
N SER E 120 0.52 11.24 -16.90
CA SER E 120 -0.02 10.03 -17.51
C SER E 120 0.51 9.90 -18.95
N SER E 121 1.80 9.63 -19.02
CA SER E 121 2.47 9.39 -20.28
C SER E 121 3.61 8.44 -20.03
N GLY E 122 4.59 8.41 -20.92
CA GLY E 122 5.65 7.43 -20.80
C GLY E 122 6.83 7.96 -20.00
N SER E 123 7.86 8.39 -20.71
CA SER E 123 9.18 8.86 -20.29
C SER E 123 9.18 9.73 -19.05
N PRO E 124 10.17 9.58 -18.17
CA PRO E 124 10.08 10.22 -16.85
C PRO E 124 10.51 11.68 -16.78
N TYR E 125 10.61 12.39 -17.91
CA TYR E 125 10.66 13.86 -17.80
C TYR E 125 9.34 14.43 -17.30
N GLY E 126 8.22 13.81 -17.67
CA GLY E 126 6.94 14.23 -17.12
C GLY E 126 6.76 13.83 -15.67
N ARG E 127 7.46 12.79 -15.22
CA ARG E 127 7.31 12.38 -13.83
C ARG E 127 8.04 13.33 -12.89
N ILE E 128 9.17 13.87 -13.32
CA ILE E 128 9.86 14.88 -12.53
C ILE E 128 9.22 16.25 -12.71
N GLY E 129 8.65 16.51 -13.90
CA GLY E 129 7.93 17.75 -14.12
C GLY E 129 6.51 17.79 -13.59
N ALA E 130 6.11 16.80 -12.79
CA ALA E 130 4.82 16.79 -12.12
C ALA E 130 4.93 16.83 -10.61
N ALA E 131 5.91 16.16 -10.04
CA ALA E 131 6.13 16.28 -8.61
C ALA E 131 6.66 17.64 -8.22
N ARG E 132 7.23 18.37 -9.18
CA ARG E 132 7.56 19.77 -8.94
C ARG E 132 6.32 20.65 -9.07
N GLY E 133 5.29 20.18 -9.78
CA GLY E 133 4.09 20.98 -9.91
C GLY E 133 3.23 20.97 -8.66
N ILE E 134 3.01 19.80 -8.08
CA ILE E 134 2.06 19.73 -6.97
C ILE E 134 2.64 20.23 -5.66
N ALA E 135 3.98 20.29 -5.53
CA ALA E 135 4.55 20.95 -4.36
C ALA E 135 4.24 22.44 -4.39
N LEU E 136 4.33 23.04 -5.58
CA LEU E 136 4.02 24.45 -5.70
C LEU E 136 2.52 24.70 -5.66
N LEU E 137 1.71 23.70 -6.00
CA LEU E 137 0.26 23.85 -5.85
C LEU E 137 -0.16 23.82 -4.39
N VAL E 138 0.38 22.87 -3.62
CA VAL E 138 0.05 22.81 -2.19
C VAL E 138 0.59 24.03 -1.47
N SER E 139 1.76 24.52 -1.88
CA SER E 139 2.41 25.60 -1.16
C SER E 139 1.77 26.97 -1.37
N ARG E 140 0.89 27.17 -2.36
CA ARG E 140 0.37 28.51 -2.60
C ARG E 140 -1.11 28.64 -2.30
N GLU E 141 -1.75 27.63 -1.73
CA GLU E 141 -3.15 27.83 -1.36
C GLU E 141 -3.49 27.60 0.11
N PRO E 142 -2.65 27.93 1.09
CA PRO E 142 -3.18 28.48 2.34
C PRO E 142 -3.00 29.98 2.46
N ALA E 143 -2.39 30.61 1.46
CA ALA E 143 -2.10 32.03 1.54
C ALA E 143 -3.27 32.90 1.11
N MET E 144 -4.14 32.38 0.25
CA MET E 144 -5.29 33.11 -0.23
C MET E 144 -6.55 32.80 0.55
N MET E 145 -6.63 31.60 1.15
CA MET E 145 -7.81 31.21 1.91
C MET E 145 -7.99 32.07 3.14
N LEU E 146 -6.90 32.41 3.84
CA LEU E 146 -7.01 33.26 5.02
C LEU E 146 -7.44 34.67 4.66
N GLY E 147 -6.85 35.24 3.60
CA GLY E 147 -7.21 36.60 3.22
C GLY E 147 -8.65 36.71 2.75
N VAL E 148 -9.08 35.76 1.92
CA VAL E 148 -10.44 35.84 1.39
C VAL E 148 -11.47 35.49 2.46
N PHE E 149 -11.18 34.52 3.32
CA PHE E 149 -12.14 34.22 4.39
C PHE E 149 -12.20 35.34 5.43
N ALA E 150 -11.08 36.03 5.70
CA ALA E 150 -11.13 37.14 6.63
C ALA E 150 -11.92 38.32 6.05
N VAL E 151 -11.73 38.63 4.76
CA VAL E 151 -12.48 39.75 4.22
C VAL E 151 -13.95 39.40 4.03
N MET E 152 -14.26 38.14 3.70
CA MET E 152 -15.67 37.77 3.54
C MET E 152 -16.38 37.69 4.89
N TRP E 153 -15.67 37.34 5.95
CA TRP E 153 -16.25 37.42 7.29
C TRP E 153 -16.42 38.86 7.74
N ALA E 154 -15.47 39.73 7.40
CA ALA E 154 -15.53 41.08 7.91
C ALA E 154 -16.50 41.97 7.15
N ILE E 155 -16.88 41.62 5.93
CA ILE E 155 -17.87 42.46 5.26
C ILE E 155 -19.27 41.96 5.56
N SER E 156 -19.40 41.04 6.51
CA SER E 156 -20.70 40.50 6.88
C SER E 156 -21.17 41.02 8.22
N LYS E 157 -20.39 41.87 8.88
CA LYS E 157 -20.85 42.42 10.16
C LYS E 157 -21.87 43.52 9.95
N LEU E 158 -21.66 44.37 8.95
CA LEU E 158 -22.52 45.53 8.82
C LEU E 158 -23.80 45.22 8.06
N GLY E 159 -23.95 44.01 7.54
CA GLY E 159 -25.26 43.56 7.12
C GLY E 159 -25.40 43.23 5.65
N VAL E 160 -25.73 41.97 5.36
CA VAL E 160 -25.97 41.52 3.99
C VAL E 160 -26.82 40.25 4.09
N GLU E 161 -27.49 39.89 2.99
CA GLU E 161 -28.44 38.80 2.98
C GLU E 161 -27.89 37.51 2.38
N LYS E 162 -26.82 37.57 1.59
CA LYS E 162 -26.18 36.38 1.04
C LYS E 162 -24.75 36.33 1.57
N PRO E 163 -24.54 35.87 2.79
CA PRO E 163 -23.20 35.92 3.38
C PRO E 163 -22.32 34.87 2.75
N PHE E 164 -21.01 35.16 2.75
CA PHE E 164 -19.96 34.29 2.20
C PHE E 164 -20.20 33.99 0.72
N SER E 165 -20.69 34.98 -0.02
CA SER E 165 -20.98 34.85 -1.45
C SER E 165 -20.36 36.01 -2.19
N LEU E 166 -19.92 35.76 -3.42
CA LEU E 166 -19.22 36.79 -4.18
C LEU E 166 -20.14 37.88 -4.71
N SER E 167 -21.46 37.71 -4.62
CA SER E 167 -22.36 38.81 -4.90
C SER E 167 -22.51 39.77 -3.74
N SER E 168 -22.02 39.39 -2.57
CA SER E 168 -22.05 40.22 -1.39
C SER E 168 -20.87 41.15 -1.29
N LEU E 169 -19.97 41.11 -2.27
CA LEU E 169 -18.72 41.85 -2.17
C LEU E 169 -18.83 43.19 -2.88
N TYR E 170 -20.01 43.51 -3.41
CA TYR E 170 -20.32 44.82 -3.97
C TYR E 170 -21.11 45.69 -3.01
N GLU E 171 -21.52 45.16 -1.87
CA GLU E 171 -22.29 45.95 -0.93
C GLU E 171 -21.40 46.92 -0.17
N HIS E 172 -20.44 46.40 0.58
CA HIS E 172 -19.55 47.22 1.39
C HIS E 172 -18.16 46.63 1.33
N THR E 173 -17.16 47.50 1.24
CA THR E 173 -15.79 47.07 1.03
C THR E 173 -14.96 47.20 2.31
N ILE E 174 -13.66 46.99 2.18
CA ILE E 174 -12.72 47.21 3.27
C ILE E 174 -12.55 48.68 3.62
N TRP E 175 -12.67 49.58 2.66
CA TRP E 175 -12.15 50.93 2.79
C TRP E 175 -13.07 51.87 3.57
N ASP E 176 -13.96 51.33 4.39
CA ASP E 176 -14.79 52.16 5.27
C ASP E 176 -14.94 51.51 6.64
N PHE E 177 -13.83 51.09 7.23
CA PHE E 177 -13.81 50.61 8.60
C PHE E 177 -13.01 51.49 9.54
N GLY E 178 -12.45 52.60 9.05
CA GLY E 178 -11.76 53.51 9.93
C GLY E 178 -10.27 53.47 9.71
N PRO E 179 -9.51 54.09 10.62
CA PRO E 179 -8.08 54.32 10.36
C PRO E 179 -7.22 53.07 10.39
N VAL E 180 -7.59 52.06 11.16
CA VAL E 180 -6.76 50.87 11.26
C VAL E 180 -6.87 49.99 10.02
N ALA E 181 -7.96 50.11 9.26
CA ALA E 181 -8.10 49.29 8.07
C ALA E 181 -7.18 49.73 6.94
N TRP E 182 -6.66 50.95 7.02
CA TRP E 182 -5.76 51.45 5.99
C TRP E 182 -4.42 50.73 5.98
N VAL E 183 -4.06 50.03 7.05
CA VAL E 183 -2.83 49.26 7.10
C VAL E 183 -3.05 47.84 6.61
N ALA E 184 -4.20 47.26 6.97
CA ALA E 184 -4.59 45.97 6.44
C ALA E 184 -4.83 46.03 4.94
N GLY E 185 -5.20 47.21 4.43
CA GLY E 185 -5.31 47.39 2.98
C GLY E 185 -4.01 47.18 2.24
N VAL E 186 -2.91 47.71 2.76
CA VAL E 186 -1.66 47.54 2.01
C VAL E 186 -1.00 46.19 2.31
N VAL E 187 -1.20 45.63 3.50
CA VAL E 187 -0.72 44.26 3.72
C VAL E 187 -1.49 43.27 2.85
N LEU E 188 -2.75 43.55 2.61
CA LEU E 188 -3.56 42.68 1.79
C LEU E 188 -3.30 42.92 0.30
N ILE E 189 -2.88 44.14 -0.09
CA ILE E 189 -2.44 44.38 -1.45
C ILE E 189 -1.17 43.59 -1.71
N TYR E 190 -0.32 43.44 -0.68
CA TYR E 190 0.92 42.67 -0.82
C TYR E 190 0.64 41.20 -1.04
N VAL E 191 -0.20 40.61 -0.18
CA VAL E 191 -0.43 39.17 -0.30
C VAL E 191 -1.23 38.84 -1.56
N PHE E 192 -2.11 39.73 -2.02
CA PHE E 192 -2.83 39.41 -3.24
C PHE E 192 -2.00 39.60 -4.49
N MET E 193 -1.10 40.58 -4.53
CA MET E 193 -0.21 40.66 -5.69
C MET E 193 0.75 39.48 -5.74
N ALA E 194 1.21 39.00 -4.57
CA ALA E 194 2.07 37.82 -4.56
C ALA E 194 1.33 36.56 -5.01
N TRP E 195 0.08 36.38 -4.57
CA TRP E 195 -0.69 35.23 -5.03
C TRP E 195 -0.98 35.31 -6.52
N LEU E 196 -1.27 36.50 -7.03
CA LEU E 196 -1.59 36.61 -8.45
C LEU E 196 -0.37 36.36 -9.32
N ALA E 197 0.82 36.71 -8.83
CA ALA E 197 2.02 36.40 -9.59
C ALA E 197 2.37 34.92 -9.51
N SER E 198 2.07 34.27 -8.39
CA SER E 198 2.42 32.86 -8.26
C SER E 198 1.36 31.91 -8.80
N GLU E 199 0.17 32.39 -9.15
CA GLU E 199 -0.82 31.49 -9.73
C GLU E 199 -0.67 31.35 -11.24
N ILE E 200 -0.48 32.47 -11.95
CA ILE E 200 -0.26 32.41 -13.39
C ILE E 200 1.20 32.11 -13.72
N GLU E 201 2.07 32.02 -12.71
CA GLU E 201 3.42 31.46 -12.80
C GLU E 201 4.30 32.24 -13.79
N VAL E 202 4.64 33.47 -13.41
CA VAL E 202 5.57 34.27 -14.20
C VAL E 202 6.38 35.16 -13.27
N GLY E 203 7.69 35.20 -13.50
CA GLY E 203 8.57 36.00 -12.66
C GLY E 203 9.58 35.17 -11.88
N PHE E 204 9.60 35.32 -10.55
CA PHE E 204 10.29 34.34 -9.71
C PHE E 204 9.70 32.95 -9.90
N PHE E 205 8.38 32.87 -10.00
CA PHE E 205 7.69 31.59 -9.95
C PHE E 205 7.46 31.03 -11.34
N ASN E 206 8.47 31.07 -12.19
CA ASN E 206 8.31 30.49 -13.52
C ASN E 206 9.04 29.16 -13.41
N ILE E 207 8.55 28.27 -12.53
CA ILE E 207 9.29 27.03 -12.36
C ILE E 207 8.73 25.87 -13.18
N PRO E 208 7.47 25.40 -13.05
CA PRO E 208 7.13 24.19 -13.79
C PRO E 208 6.61 24.45 -15.18
N GLU E 209 7.15 25.40 -15.94
CA GLU E 209 6.60 25.61 -17.27
C GLU E 209 7.62 25.59 -18.39
N ALA E 210 8.74 26.28 -18.22
CA ALA E 210 9.78 26.31 -19.23
C ALA E 210 11.12 25.92 -18.62
N GLU E 211 11.09 25.08 -17.59
CA GLU E 211 12.32 24.64 -16.95
C GLU E 211 12.07 23.24 -16.41
N GLN E 212 12.38 22.23 -17.23
CA GLN E 212 12.59 20.85 -16.78
C GLN E 212 14.05 20.55 -17.10
N GLU E 213 14.88 20.84 -16.09
CA GLU E 213 16.32 20.66 -15.98
C GLU E 213 17.11 21.63 -16.86
N ILE E 214 16.55 22.10 -17.97
CA ILE E 214 17.03 23.33 -18.61
C ILE E 214 15.89 24.20 -19.15
N ALA E 215 15.20 23.70 -20.19
CA ALA E 215 14.11 24.43 -20.83
C ALA E 215 13.07 23.47 -21.39
N GLU E 216 13.06 22.21 -20.92
CA GLU E 216 12.16 21.21 -21.48
C GLU E 216 10.72 21.51 -21.13
N GLY E 217 10.45 21.83 -19.87
CA GLY E 217 9.13 22.21 -19.44
C GLY E 217 8.32 21.04 -18.94
N THR E 218 7.11 21.37 -18.50
CA THR E 218 6.13 20.36 -18.14
C THR E 218 5.43 19.83 -19.37
N LEU E 219 5.03 20.74 -20.26
CA LEU E 219 4.28 20.39 -21.47
C LEU E 219 5.24 20.12 -22.63
N VAL E 220 6.13 19.16 -22.38
CA VAL E 220 7.11 18.75 -23.38
C VAL E 220 6.52 17.77 -24.38
N GLU E 221 5.30 17.30 -24.14
CA GLU E 221 4.79 16.17 -24.87
C GLU E 221 3.57 16.48 -25.73
N TYR E 222 2.71 17.40 -25.32
CA TYR E 222 1.52 17.69 -26.08
C TYR E 222 1.87 18.42 -27.37
N SER E 223 1.26 18.03 -28.46
CA SER E 223 1.85 18.35 -29.74
C SER E 223 0.92 19.01 -30.74
N GLY E 224 -0.34 18.63 -30.81
CA GLY E 224 -1.16 19.13 -31.88
C GLY E 224 -2.32 20.02 -31.48
N ARG E 225 -3.52 19.47 -31.58
CA ARG E 225 -4.71 20.17 -31.11
C ARG E 225 -4.64 20.42 -29.61
N TYR E 226 -4.09 19.46 -28.89
CA TYR E 226 -4.10 19.44 -27.43
C TYR E 226 -3.31 20.61 -26.88
N LEU E 227 -2.21 20.94 -27.54
CA LEU E 227 -1.41 22.09 -27.15
C LEU E 227 -2.18 23.39 -27.35
N GLY E 228 -2.94 23.49 -28.45
CA GLY E 228 -3.74 24.68 -28.68
C GLY E 228 -4.80 24.87 -27.62
N ILE E 229 -5.41 23.77 -27.18
CA ILE E 229 -6.44 23.87 -26.16
C ILE E 229 -5.85 24.24 -24.81
N ILE E 230 -4.66 23.74 -24.49
CA ILE E 230 -4.04 24.09 -23.21
C ILE E 230 -3.57 25.54 -23.20
N LYS E 231 -3.01 26.02 -24.31
CA LYS E 231 -2.61 27.42 -24.39
C LYS E 231 -3.80 28.37 -24.42
N LEU E 232 -4.99 27.88 -24.75
CA LEU E 232 -6.18 28.72 -24.58
C LEU E 232 -6.67 28.72 -23.13
N ALA E 233 -6.70 27.55 -22.50
CA ALA E 233 -7.26 27.43 -21.15
C ALA E 233 -6.45 28.20 -20.12
N GLU E 234 -5.12 28.18 -20.24
CA GLU E 234 -4.32 28.94 -19.28
C GLU E 234 -4.52 30.44 -19.41
N SER E 235 -4.84 30.94 -20.61
CA SER E 235 -5.11 32.37 -20.75
C SER E 235 -6.46 32.76 -20.16
N ILE E 236 -7.45 31.87 -20.29
CA ILE E 236 -8.74 32.18 -19.64
C ILE E 236 -8.57 32.19 -18.12
N LYS E 237 -7.76 31.27 -17.59
CA LYS E 237 -7.52 31.26 -16.14
C LYS E 237 -6.74 32.49 -15.68
N GLU E 238 -5.85 33.00 -16.55
CA GLU E 238 -5.18 34.28 -16.30
C GLU E 238 -6.18 35.41 -16.15
N PHE E 239 -7.22 35.44 -16.98
CA PHE E 239 -8.22 36.49 -16.82
C PHE E 239 -9.04 36.31 -15.54
N ILE E 240 -9.37 35.05 -15.20
CA ILE E 240 -10.26 34.77 -14.07
C ILE E 240 -9.62 35.17 -12.73
N ALA E 241 -8.36 34.81 -12.53
CA ALA E 241 -7.71 35.08 -11.24
C ALA E 241 -7.54 36.57 -11.00
N ALA E 242 -7.24 37.32 -12.05
CA ALA E 242 -7.12 38.76 -11.90
C ALA E 242 -8.48 39.42 -11.71
N SER E 243 -9.54 38.83 -12.26
CA SER E 243 -10.88 39.34 -11.98
C SER E 243 -11.24 39.16 -10.51
N LEU E 244 -10.83 38.05 -9.91
CA LEU E 244 -11.01 37.89 -8.46
C LEU E 244 -10.22 38.92 -7.66
N VAL E 245 -8.98 39.19 -8.08
CA VAL E 245 -8.15 40.14 -7.37
C VAL E 245 -8.72 41.55 -7.43
N VAL E 246 -9.23 41.97 -8.60
CA VAL E 246 -9.87 43.29 -8.63
C VAL E 246 -11.26 43.29 -8.02
N ALA E 247 -11.88 42.13 -7.80
CA ALA E 247 -13.16 42.16 -7.12
C ALA E 247 -12.98 42.38 -5.64
N VAL E 248 -12.00 41.71 -5.01
CA VAL E 248 -11.86 41.81 -3.56
C VAL E 248 -11.33 43.18 -3.17
N LEU E 249 -10.38 43.71 -3.94
CA LEU E 249 -9.60 44.86 -3.48
C LEU E 249 -10.39 46.16 -3.59
N PHE E 250 -10.80 46.55 -4.79
CA PHE E 250 -11.54 47.80 -4.98
C PHE E 250 -12.60 47.74 -6.07
N PRO E 251 -13.81 47.33 -5.72
CA PRO E 251 -14.95 47.47 -6.65
C PRO E 251 -15.63 48.82 -6.50
N TRP E 252 -15.46 49.68 -7.51
CA TRP E 252 -16.06 51.01 -7.55
C TRP E 252 -16.74 51.17 -8.90
N GLN E 253 -17.96 50.70 -9.00
CA GLN E 253 -18.71 50.74 -10.25
C GLN E 253 -19.77 51.83 -10.21
N LEU E 254 -20.29 52.12 -11.39
CA LEU E 254 -21.35 53.10 -11.52
C LEU E 254 -22.68 52.46 -11.16
N ASN E 255 -23.67 53.30 -10.84
CA ASN E 255 -25.00 52.75 -10.61
C ASN E 255 -25.72 52.50 -11.92
N ILE E 256 -26.00 53.58 -12.68
CA ILE E 256 -26.55 53.66 -14.05
C ILE E 256 -27.61 52.60 -14.36
N PRO E 257 -28.84 52.76 -13.85
CA PRO E 257 -29.88 51.76 -14.12
C PRO E 257 -30.28 51.73 -15.59
N GLY E 258 -30.81 50.59 -16.00
CA GLY E 258 -31.14 50.33 -17.38
C GLY E 258 -30.59 48.99 -17.84
N VAL E 259 -30.97 48.65 -19.08
CA VAL E 259 -30.53 47.39 -19.68
C VAL E 259 -29.18 47.49 -20.36
N GLN E 260 -28.50 48.62 -20.23
CA GLN E 260 -27.20 48.84 -20.84
C GLN E 260 -26.19 49.36 -19.85
N GLY E 261 -26.54 49.42 -18.57
CA GLY E 261 -25.54 49.69 -17.54
C GLY E 261 -24.70 48.48 -17.21
N TYR E 262 -25.23 47.29 -17.52
CA TYR E 262 -24.46 46.06 -17.39
C TYR E 262 -23.20 46.09 -18.25
N LEU E 263 -23.33 46.47 -19.52
CA LEU E 263 -22.17 46.44 -20.39
C LEU E 263 -21.19 47.58 -20.10
N ILE E 264 -21.69 48.71 -19.61
CA ILE E 264 -20.79 49.78 -19.19
C ILE E 264 -19.97 49.35 -17.98
N ASN E 265 -20.62 48.69 -17.01
CA ASN E 265 -19.86 48.16 -15.88
C ASN E 265 -18.93 47.04 -16.30
N LEU E 266 -19.30 46.28 -17.33
CA LEU E 266 -18.43 45.24 -17.87
C LEU E 266 -17.16 45.83 -18.49
N LEU E 267 -17.30 46.92 -19.25
CA LEU E 267 -16.12 47.59 -19.79
C LEU E 267 -15.25 48.20 -18.72
N LEU E 268 -15.87 48.72 -17.66
CA LEU E 268 -15.06 49.33 -16.60
C LEU E 268 -14.28 48.26 -15.84
N HIS E 269 -14.89 47.09 -15.64
CA HIS E 269 -14.17 45.98 -15.04
C HIS E 269 -13.05 45.46 -15.94
N THR E 270 -13.26 45.45 -17.26
CA THR E 270 -12.20 45.02 -18.17
C THR E 270 -11.01 45.98 -18.13
N LEU E 271 -11.28 47.28 -18.00
CA LEU E 271 -10.19 48.24 -17.91
C LEU E 271 -9.41 48.07 -16.60
N LYS E 272 -10.11 47.76 -15.50
CA LYS E 272 -9.39 47.54 -14.25
C LYS E 272 -8.57 46.26 -14.27
N VAL E 273 -9.04 45.23 -14.99
CA VAL E 273 -8.26 44.00 -15.19
C VAL E 273 -6.97 44.31 -15.95
N PHE E 274 -7.07 45.12 -17.00
CA PHE E 274 -5.87 45.50 -17.77
C PHE E 274 -4.85 46.24 -16.91
N ILE E 275 -5.32 47.18 -16.08
CA ILE E 275 -4.39 47.96 -15.24
C ILE E 275 -3.74 47.07 -14.17
N VAL E 276 -4.45 46.05 -13.69
CA VAL E 276 -3.81 45.18 -12.69
C VAL E 276 -2.82 44.21 -13.32
N LEU E 277 -3.11 43.68 -14.51
CA LEU E 277 -2.11 42.83 -15.19
C LEU E 277 -0.85 43.59 -15.59
N LEU E 278 -1.01 44.87 -15.99
CA LEU E 278 0.08 45.65 -16.56
C LEU E 278 1.25 45.81 -15.59
N VAL E 279 0.97 45.97 -14.30
CA VAL E 279 2.04 46.01 -13.31
C VAL E 279 2.67 44.63 -13.18
N SER E 280 1.88 43.68 -12.68
CA SER E 280 2.32 42.36 -12.23
C SER E 280 3.04 41.58 -13.31
N LYS E 281 2.31 41.19 -14.37
CA LYS E 281 2.85 40.25 -15.34
C LYS E 281 3.99 40.87 -16.15
N THR E 282 3.75 42.05 -16.74
CA THR E 282 4.75 42.68 -17.60
C THR E 282 6.00 43.09 -16.84
N ILE E 283 5.85 43.91 -15.79
CA ILE E 283 7.02 44.45 -15.12
C ILE E 283 7.76 43.35 -14.38
N PHE E 284 7.03 42.50 -13.65
CA PHE E 284 7.66 41.46 -12.87
C PHE E 284 8.24 40.35 -13.73
N ARG E 285 7.80 40.21 -15.00
CA ARG E 285 8.48 39.27 -15.88
C ARG E 285 9.74 39.87 -16.46
N THR E 286 9.71 41.14 -16.84
CA THR E 286 10.89 41.76 -17.45
C THR E 286 12.01 41.94 -16.43
N ILE E 287 11.66 42.15 -15.15
CA ILE E 287 12.64 42.68 -14.20
C ILE E 287 13.33 41.61 -13.36
N THR E 288 12.86 40.36 -13.37
CA THR E 288 13.38 39.33 -12.47
C THR E 288 13.30 37.94 -13.10
N GLY E 289 14.38 37.17 -13.00
CA GLY E 289 14.43 35.82 -13.53
C GLY E 289 13.81 34.77 -12.62
N ARG E 290 14.16 33.51 -12.88
CA ARG E 290 13.60 32.41 -12.10
C ARG E 290 14.24 32.36 -10.72
N LEU E 291 13.74 31.47 -9.87
CA LEU E 291 14.47 31.30 -8.64
C LEU E 291 15.02 29.89 -8.47
N LYS E 292 14.16 28.94 -8.11
CA LYS E 292 14.45 27.54 -7.79
C LYS E 292 13.15 26.87 -7.37
N ILE E 293 13.19 25.60 -6.97
CA ILE E 293 11.99 25.00 -6.40
C ILE E 293 12.14 24.89 -4.89
N SER E 294 13.36 24.70 -4.40
CA SER E 294 13.55 24.55 -2.97
C SER E 294 13.60 25.91 -2.31
N GLN E 295 13.67 26.97 -3.12
CA GLN E 295 13.63 28.33 -2.58
C GLN E 295 12.28 28.97 -2.85
N ALA E 296 11.50 28.39 -3.76
CA ALA E 296 10.17 28.91 -4.03
C ALA E 296 9.18 28.34 -3.04
N VAL E 297 9.56 27.29 -2.33
CA VAL E 297 8.68 26.76 -1.30
C VAL E 297 8.88 27.50 0.02
N ASN E 298 10.12 27.73 0.44
CA ASN E 298 10.32 28.38 1.72
C ASN E 298 10.15 29.89 1.67
N LEU E 299 9.67 30.44 0.56
CA LEU E 299 9.29 31.84 0.51
C LEU E 299 7.80 32.02 0.69
N LEU E 300 6.99 31.11 0.17
CA LEU E 300 5.56 31.23 0.36
C LEU E 300 5.09 30.77 1.73
N TRP E 301 5.95 30.14 2.53
CA TRP E 301 5.63 29.85 3.92
C TRP E 301 6.33 30.78 4.89
N THR E 302 7.01 31.79 4.41
CA THR E 302 7.74 32.62 5.35
C THR E 302 7.50 34.11 5.14
N ARG E 303 7.44 34.58 3.90
CA ARG E 303 7.25 35.99 3.63
C ARG E 303 5.93 36.32 2.95
N VAL E 304 5.02 35.36 2.80
CA VAL E 304 3.71 35.63 2.24
C VAL E 304 2.63 35.17 3.21
N PHE E 305 2.72 33.92 3.65
CA PHE E 305 1.75 33.37 4.59
C PHE E 305 1.84 34.04 5.95
N THR E 306 3.00 34.57 6.31
CA THR E 306 3.12 35.30 7.57
C THR E 306 2.39 36.63 7.50
N ALA E 307 2.55 37.35 6.39
CA ALA E 307 1.86 38.62 6.19
C ALA E 307 0.36 38.46 6.12
N SER E 308 -0.14 37.31 5.67
CA SER E 308 -1.58 37.07 5.70
C SER E 308 -2.10 36.98 7.13
N VAL E 309 -1.33 36.34 8.02
CA VAL E 309 -1.73 36.24 9.42
C VAL E 309 -1.69 37.61 10.09
N ILE E 310 -0.65 38.40 9.80
CA ILE E 310 -0.57 39.77 10.33
C ILE E 310 -1.73 40.61 9.86
N GLY E 311 -2.08 40.51 8.57
CA GLY E 311 -3.18 41.29 8.03
C GLY E 311 -4.53 40.87 8.58
N ALA E 312 -4.75 39.56 8.71
CA ALA E 312 -6.03 39.07 9.22
C ALA E 312 -6.21 39.40 10.69
N LEU E 313 -5.14 39.30 11.48
CA LEU E 313 -5.23 39.60 12.90
C LEU E 313 -5.43 41.10 13.13
N LEU E 314 -4.70 41.94 12.39
CA LEU E 314 -4.86 43.38 12.51
C LEU E 314 -6.21 43.86 12.01
N LEU E 315 -6.78 43.20 11.01
CA LEU E 315 -8.10 43.58 10.56
C LEU E 315 -9.19 43.03 11.47
N ALA E 316 -8.91 41.94 12.19
CA ALA E 316 -9.83 41.48 13.22
C ALA E 316 -9.87 42.43 14.40
N LEU E 317 -8.74 43.09 14.71
CA LEU E 317 -8.70 44.12 15.74
C LEU E 317 -9.17 45.47 15.25
N GLY E 318 -9.95 45.52 14.19
CA GLY E 318 -10.57 46.76 13.77
C GLY E 318 -12.07 46.69 13.92
N VAL E 319 -12.59 45.48 14.09
CA VAL E 319 -14.01 45.29 14.28
C VAL E 319 -14.26 44.58 15.60
N ASP F 4 -9.23 -52.48 17.03
CA ASP F 4 -7.78 -52.32 17.10
C ASP F 4 -7.39 -52.37 18.57
N MET F 5 -8.40 -52.57 19.42
CA MET F 5 -8.21 -52.87 20.83
C MET F 5 -8.04 -54.37 20.98
N GLY F 6 -8.21 -54.90 22.19
CA GLY F 6 -8.05 -56.32 22.41
C GLY F 6 -9.23 -57.15 21.95
N VAL F 7 -9.62 -58.12 22.76
CA VAL F 7 -10.73 -59.01 22.46
C VAL F 7 -11.94 -58.69 23.32
N ILE F 8 -11.72 -58.52 24.63
CA ILE F 8 -12.81 -58.31 25.58
C ILE F 8 -13.50 -56.97 25.34
N VAL F 9 -12.75 -55.94 24.98
CA VAL F 9 -13.30 -54.61 24.72
C VAL F 9 -14.23 -54.64 23.51
N ARG F 10 -13.90 -55.45 22.51
CA ARG F 10 -14.69 -55.46 21.29
C ARG F 10 -16.03 -56.15 21.50
N THR F 11 -16.06 -57.24 22.27
CA THR F 11 -17.32 -57.89 22.59
C THR F 11 -18.18 -57.06 23.53
N ASN F 12 -17.56 -56.31 24.44
CA ASN F 12 -18.40 -55.44 25.25
C ASN F 12 -18.92 -54.24 24.49
N ALA F 13 -18.25 -53.84 23.41
CA ALA F 13 -18.88 -52.91 22.48
C ALA F 13 -20.11 -53.53 21.83
N ARG F 14 -20.01 -54.80 21.43
CA ARG F 14 -21.16 -55.55 20.90
C ARG F 14 -22.33 -55.57 21.88
N ALA F 15 -22.04 -55.68 23.18
CA ALA F 15 -23.14 -55.72 24.13
C ALA F 15 -23.69 -54.33 24.45
N LEU F 16 -22.84 -53.30 24.47
CA LEU F 16 -23.26 -52.00 24.98
C LEU F 16 -23.86 -51.04 23.96
N ILE F 17 -23.55 -51.16 22.67
CA ILE F 17 -24.03 -50.14 21.73
C ILE F 17 -25.55 -50.10 21.59
N PRO F 18 -26.31 -51.21 21.52
CA PRO F 18 -27.76 -51.06 21.63
C PRO F 18 -28.25 -50.60 22.98
N PHE F 19 -27.53 -50.89 24.07
CA PHE F 19 -27.93 -50.43 25.40
C PHE F 19 -27.86 -48.92 25.52
N ILE F 20 -26.91 -48.29 24.83
CA ILE F 20 -26.89 -46.83 24.77
C ILE F 20 -27.93 -46.33 23.79
N GLY F 21 -28.11 -47.03 22.67
CA GLY F 21 -28.99 -46.53 21.62
C GLY F 21 -30.44 -46.47 22.04
N ILE F 22 -30.95 -47.54 22.64
CA ILE F 22 -32.36 -47.56 23.01
C ILE F 22 -32.64 -46.61 24.16
N PHE F 23 -31.65 -46.37 25.01
CA PHE F 23 -31.84 -45.43 26.11
C PHE F 23 -31.79 -43.99 25.60
N GLY F 24 -30.96 -43.73 24.61
CA GLY F 24 -30.93 -42.43 23.97
C GLY F 24 -32.18 -42.13 23.18
N ALA F 25 -32.87 -43.16 22.70
CA ALA F 25 -34.19 -42.92 22.13
C ALA F 25 -35.25 -42.74 23.20
N TYR F 26 -35.08 -43.39 24.35
CA TYR F 26 -36.01 -43.24 25.46
C TYR F 26 -36.03 -41.82 25.99
N ILE F 27 -34.86 -41.20 26.12
CA ILE F 27 -34.83 -39.81 26.59
C ILE F 27 -35.48 -38.86 25.59
N VAL F 28 -35.19 -39.04 24.29
CA VAL F 28 -35.70 -38.13 23.26
C VAL F 28 -37.21 -38.26 23.12
N THR F 29 -37.75 -39.47 23.29
CA THR F 29 -39.19 -39.65 23.13
C THR F 29 -39.96 -39.05 24.30
N HIS F 30 -39.46 -39.23 25.52
CA HIS F 30 -40.15 -38.71 26.70
C HIS F 30 -39.51 -37.40 27.12
N GLY F 31 -39.82 -36.36 26.34
CA GLY F 31 -39.34 -35.03 26.64
C GLY F 31 -40.41 -34.14 27.24
N HIS F 32 -41.62 -34.68 27.37
CA HIS F 32 -42.70 -33.92 27.99
C HIS F 32 -42.73 -34.16 29.49
N LEU F 33 -42.17 -35.28 29.92
CA LEU F 33 -42.51 -35.90 31.18
C LEU F 33 -41.34 -35.91 32.15
N THR F 34 -40.23 -36.48 31.74
CA THR F 34 -39.01 -36.64 32.49
C THR F 34 -37.99 -35.60 32.04
N PRO F 35 -36.91 -35.40 32.78
CA PRO F 35 -35.83 -34.56 32.25
C PRO F 35 -35.15 -35.23 31.07
N GLY F 36 -34.80 -34.41 30.09
CA GLY F 36 -34.22 -34.89 28.86
C GLY F 36 -34.49 -33.91 27.74
N GLY F 37 -34.98 -34.38 26.60
CA GLY F 37 -35.39 -33.46 25.57
C GLY F 37 -34.51 -33.47 24.34
N GLY F 38 -34.24 -32.29 23.80
CA GLY F 38 -33.55 -32.19 22.54
C GLY F 38 -32.05 -32.45 22.59
N PHE F 39 -31.31 -31.56 23.25
CA PHE F 39 -29.86 -31.63 23.18
C PHE F 39 -29.28 -32.74 24.05
N GLN F 40 -29.93 -33.01 25.19
CA GLN F 40 -29.45 -34.02 26.13
C GLN F 40 -29.48 -35.41 25.50
N GLY F 41 -30.52 -35.70 24.73
CA GLY F 41 -30.53 -36.91 23.95
C GLY F 41 -29.73 -36.83 22.68
N GLY F 42 -29.34 -35.62 22.27
CA GLY F 42 -28.50 -35.50 21.11
C GLY F 42 -27.08 -35.96 21.39
N ALA F 43 -26.57 -35.63 22.58
CA ALA F 43 -25.18 -35.98 22.88
C ALA F 43 -24.98 -37.46 23.18
N THR F 44 -26.02 -38.17 23.64
CA THR F 44 -25.83 -39.52 24.14
C THR F 44 -25.64 -40.52 22.99
N ILE F 45 -26.41 -40.37 21.92
CA ILE F 45 -26.21 -41.24 20.77
C ILE F 45 -24.89 -40.92 20.08
N ALA F 46 -24.42 -39.68 20.20
CA ALA F 46 -23.09 -39.35 19.72
C ALA F 46 -22.02 -40.04 20.55
N GLY F 47 -22.26 -40.19 21.86
CA GLY F 47 -21.37 -41.01 22.67
C GLY F 47 -21.33 -42.46 22.23
N ALA F 48 -22.48 -42.99 21.80
CA ALA F 48 -22.50 -44.34 21.23
C ALA F 48 -21.66 -44.42 19.95
N GLY F 49 -21.75 -43.39 19.11
CA GLY F 49 -20.92 -43.35 17.91
C GLY F 49 -19.43 -43.27 18.21
N VAL F 50 -19.06 -42.56 19.27
CA VAL F 50 -17.66 -42.47 19.69
C VAL F 50 -17.16 -43.83 20.16
N LEU F 51 -17.98 -44.56 20.95
CA LEU F 51 -17.58 -45.90 21.37
C LEU F 51 -17.46 -46.85 20.19
N PHE F 52 -18.31 -46.69 19.17
CA PHE F 52 -18.13 -47.52 17.98
C PHE F 52 -16.86 -47.18 17.23
N LEU F 53 -16.55 -45.90 17.11
CA LEU F 53 -15.41 -45.50 16.30
C LEU F 53 -14.10 -45.82 16.99
N ILE F 54 -14.10 -46.00 18.30
CA ILE F 54 -12.86 -46.29 19.01
C ILE F 54 -12.62 -47.78 19.18
N ALA F 55 -13.65 -48.56 19.53
CA ALA F 55 -13.45 -49.96 19.83
C ALA F 55 -13.21 -50.80 18.59
N PHE F 56 -13.62 -50.34 17.41
CA PHE F 56 -13.40 -51.14 16.22
C PHE F 56 -12.29 -50.63 15.33
N GLY F 57 -12.19 -49.33 15.11
CA GLY F 57 -11.03 -48.76 14.45
C GLY F 57 -11.42 -47.97 13.20
N VAL F 58 -10.38 -47.46 12.55
CA VAL F 58 -10.57 -46.62 11.38
C VAL F 58 -10.98 -47.45 10.17
N LYS F 59 -10.39 -48.63 10.02
CA LYS F 59 -10.64 -49.49 8.86
C LYS F 59 -12.08 -49.97 8.81
N ALA F 60 -12.60 -50.47 9.92
CA ALA F 60 -13.96 -50.97 9.96
C ALA F 60 -15.00 -49.86 9.95
N ALA F 61 -14.59 -48.62 10.20
CA ALA F 61 -15.53 -47.51 10.21
C ALA F 61 -15.53 -46.72 8.92
N LYS F 62 -14.48 -46.84 8.10
CA LYS F 62 -14.38 -46.02 6.90
C LYS F 62 -15.39 -46.45 5.85
N GLU F 63 -15.52 -47.76 5.63
CA GLU F 63 -16.49 -48.26 4.66
C GLU F 63 -17.82 -48.65 5.31
N LYS F 64 -18.18 -48.00 6.41
CA LYS F 64 -19.52 -48.08 6.96
C LYS F 64 -20.14 -46.72 7.22
N ILE F 65 -19.38 -45.63 7.01
CA ILE F 65 -19.87 -44.27 7.12
C ILE F 65 -19.60 -43.58 5.79
N ASN F 66 -20.66 -43.13 5.12
CA ASN F 66 -20.50 -42.35 3.91
C ASN F 66 -20.79 -40.87 4.18
N LYS F 67 -20.21 -40.01 3.36
CA LYS F 67 -20.27 -38.58 3.62
C LYS F 67 -21.64 -37.99 3.29
N ASN F 68 -22.28 -38.50 2.24
CA ASN F 68 -23.48 -37.83 1.72
C ASN F 68 -24.68 -38.04 2.62
N LEU F 69 -24.90 -39.27 3.08
CA LEU F 69 -26.06 -39.55 3.89
C LEU F 69 -25.99 -38.89 5.27
N TYR F 70 -24.79 -38.73 5.82
CA TYR F 70 -24.60 -37.94 7.02
C TYR F 70 -24.44 -36.45 6.74
N SER F 71 -24.75 -35.99 5.55
CA SER F 71 -24.79 -34.57 5.28
C SER F 71 -26.14 -34.09 4.81
N ALA F 72 -26.89 -34.95 4.12
CA ALA F 72 -28.25 -34.61 3.73
C ALA F 72 -29.23 -34.75 4.88
N LEU F 73 -28.90 -35.55 5.90
CA LEU F 73 -29.80 -35.68 7.03
C LEU F 73 -29.56 -34.61 8.09
N GLU F 74 -28.46 -33.88 8.00
CA GLU F 74 -28.30 -32.72 8.87
C GLU F 74 -29.24 -31.60 8.46
N GLY F 75 -29.59 -31.52 7.18
CA GLY F 75 -30.53 -30.53 6.71
C GLY F 75 -31.96 -30.99 6.78
N LEU F 76 -32.21 -32.27 6.49
CA LEU F 76 -33.57 -32.81 6.51
C LEU F 76 -34.12 -32.85 7.93
N GLY F 77 -33.26 -32.95 8.92
CA GLY F 77 -33.71 -32.83 10.29
C GLY F 77 -33.92 -31.41 10.77
N GLY F 78 -33.70 -30.43 9.91
CA GLY F 78 -33.93 -29.05 10.30
C GLY F 78 -35.22 -28.51 9.74
N LEU F 79 -35.55 -28.96 8.53
CA LEU F 79 -36.76 -28.50 7.85
C LEU F 79 -38.01 -28.86 8.63
N VAL F 80 -38.01 -30.04 9.26
CA VAL F 80 -39.10 -30.47 10.13
C VAL F 80 -39.25 -29.53 11.32
N PHE F 81 -38.15 -28.93 11.77
CA PHE F 81 -38.22 -27.91 12.82
C PHE F 81 -38.96 -26.67 12.32
N LEU F 82 -38.81 -26.34 11.03
CA LEU F 82 -39.66 -25.35 10.38
C LEU F 82 -40.87 -25.98 9.73
N GLY F 83 -40.98 -27.31 9.75
CA GLY F 83 -42.18 -27.93 9.21
C GLY F 83 -43.39 -27.63 10.08
N ALA F 84 -43.27 -27.90 11.37
CA ALA F 84 -44.32 -27.62 12.34
C ALA F 84 -44.27 -26.19 12.88
N ALA F 85 -43.54 -25.31 12.22
CA ALA F 85 -43.47 -23.91 12.64
C ALA F 85 -44.17 -22.98 11.66
N MET F 86 -44.80 -23.52 10.63
CA MET F 86 -45.57 -22.71 9.68
C MET F 86 -47.01 -23.16 9.62
N LEU F 87 -47.44 -24.05 10.50
CA LEU F 87 -48.81 -24.52 10.50
C LEU F 87 -49.78 -23.43 10.88
N GLY F 88 -49.56 -22.79 12.03
CA GLY F 88 -50.49 -21.80 12.49
C GLY F 88 -50.19 -20.41 11.99
N LEU F 89 -49.74 -20.30 10.74
CA LEU F 89 -49.23 -19.03 10.23
C LEU F 89 -50.35 -18.06 9.90
N SER F 90 -51.60 -18.53 9.88
CA SER F 90 -52.74 -17.63 9.71
C SER F 90 -53.08 -16.84 10.96
N VAL F 91 -52.39 -17.09 12.08
CA VAL F 91 -52.57 -16.31 13.30
C VAL F 91 -51.30 -15.58 13.68
N ALA F 92 -50.21 -16.31 13.88
CA ALA F 92 -48.90 -15.74 14.19
C ALA F 92 -47.84 -16.73 13.74
N PHE F 93 -46.61 -16.57 14.20
CA PHE F 93 -45.54 -17.36 13.62
C PHE F 93 -45.53 -18.79 14.16
N PHE F 94 -45.61 -18.98 15.47
CA PHE F 94 -45.76 -20.37 15.92
C PHE F 94 -47.19 -20.80 16.21
N TYR F 95 -47.75 -20.29 17.31
CA TYR F 95 -49.16 -20.37 17.73
C TYR F 95 -49.71 -21.76 18.03
N ASN F 96 -48.99 -22.84 17.66
CA ASN F 96 -49.25 -24.22 18.10
C ASN F 96 -50.67 -24.68 17.72
N ILE F 97 -50.90 -24.79 16.42
CA ILE F 97 -52.14 -25.43 15.91
C ILE F 97 -51.82 -26.91 15.75
N LEU F 98 -51.82 -27.60 16.87
CA LEU F 98 -52.20 -28.99 16.97
C LEU F 98 -52.97 -29.20 18.25
N TRP F 99 -53.21 -28.15 19.01
CA TRP F 99 -53.66 -28.20 20.38
C TRP F 99 -54.98 -27.46 20.60
N HIS F 100 -55.12 -26.38 19.85
CA HIS F 100 -56.29 -25.54 19.87
C HIS F 100 -57.01 -26.01 18.64
N GLU F 101 -57.55 -27.22 18.80
CA GLU F 101 -58.27 -28.02 17.79
C GLU F 101 -57.48 -28.81 16.74
N GLY F 102 -56.17 -29.03 16.90
CA GLY F 102 -55.60 -29.87 15.89
C GLY F 102 -56.18 -31.27 15.94
N PRO F 103 -55.99 -32.03 14.87
CA PRO F 103 -56.60 -33.36 14.80
C PRO F 103 -56.01 -34.38 15.76
N ILE F 104 -54.69 -34.56 15.77
CA ILE F 104 -54.15 -35.77 16.40
C ILE F 104 -53.49 -35.53 17.76
N PHE F 105 -52.50 -34.65 17.83
CA PHE F 105 -51.75 -34.46 19.06
C PHE F 105 -52.55 -33.60 20.04
N ASN F 106 -53.65 -34.17 20.55
CA ASN F 106 -54.61 -33.36 21.29
C ASN F 106 -55.20 -34.11 22.50
N SER F 107 -54.51 -35.09 23.06
CA SER F 107 -55.11 -35.91 24.10
C SER F 107 -54.94 -35.24 25.47
N SER F 108 -55.18 -36.01 26.53
CA SER F 108 -55.14 -35.46 27.88
C SER F 108 -53.70 -35.27 28.33
N PRO F 109 -53.38 -34.15 29.03
CA PRO F 109 -52.00 -33.76 29.29
C PRO F 109 -51.31 -34.50 30.43
N GLY F 110 -51.31 -35.82 30.35
CA GLY F 110 -50.47 -36.59 31.24
C GLY F 110 -49.53 -37.56 30.54
N THR F 111 -49.96 -38.07 29.40
CA THR F 111 -49.35 -39.20 28.72
C THR F 111 -48.57 -38.76 27.49
N LEU F 112 -48.20 -39.74 26.66
CA LEU F 112 -47.76 -39.48 25.30
C LEU F 112 -48.85 -38.81 24.47
N LEU F 113 -48.44 -38.34 23.29
CA LEU F 113 -49.30 -37.68 22.30
C LEU F 113 -49.98 -36.43 22.86
N SER F 114 -49.39 -35.82 23.89
CA SER F 114 -50.10 -34.81 24.67
C SER F 114 -50.01 -33.42 24.07
N ALA F 115 -48.82 -32.83 24.04
CA ALA F 115 -48.69 -31.44 23.66
C ALA F 115 -48.86 -31.28 22.15
N GLY F 116 -48.81 -30.03 21.71
CA GLY F 116 -49.14 -29.76 20.33
C GLY F 116 -48.13 -30.27 19.33
N PHE F 117 -46.95 -29.68 19.28
CA PHE F 117 -45.99 -30.09 18.27
C PHE F 117 -44.61 -30.27 18.86
N LEU F 118 -44.54 -30.50 20.17
CA LEU F 118 -43.26 -30.78 20.82
C LEU F 118 -42.57 -32.10 20.44
N PRO F 119 -43.25 -33.26 20.27
CA PRO F 119 -42.49 -34.47 19.88
C PRO F 119 -41.82 -34.36 18.55
N ILE F 120 -42.45 -33.65 17.61
CA ILE F 120 -41.88 -33.47 16.28
C ILE F 120 -40.61 -32.64 16.36
N MET F 121 -40.60 -31.61 17.20
CA MET F 121 -39.40 -30.79 17.31
C MET F 121 -38.29 -31.52 18.04
N ASN F 122 -38.62 -32.34 19.03
CA ASN F 122 -37.58 -33.11 19.71
C ASN F 122 -36.95 -34.14 18.79
N LEU F 123 -37.76 -34.79 17.96
CA LEU F 123 -37.21 -35.70 16.95
C LEU F 123 -36.32 -34.96 15.96
N GLY F 124 -36.73 -33.75 15.56
CA GLY F 124 -35.92 -32.98 14.63
C GLY F 124 -34.57 -32.57 15.19
N VAL F 125 -34.57 -32.07 16.43
CA VAL F 125 -33.32 -31.60 17.03
C VAL F 125 -32.39 -32.77 17.35
N GLY F 126 -32.93 -33.90 17.81
CA GLY F 126 -32.08 -35.06 18.07
C GLY F 126 -31.46 -35.63 16.81
N LEU F 127 -32.25 -35.74 15.74
CA LEU F 127 -31.72 -36.21 14.46
C LEU F 127 -30.69 -35.26 13.88
N LYS F 128 -30.81 -33.96 14.18
CA LYS F 128 -29.78 -33.03 13.73
C LYS F 128 -28.47 -33.21 14.50
N VAL F 129 -28.55 -33.27 15.84
CA VAL F 129 -27.35 -33.20 16.67
C VAL F 129 -26.51 -34.47 16.53
N PHE F 130 -27.17 -35.63 16.41
CA PHE F 130 -26.43 -36.90 16.26
C PHE F 130 -25.56 -36.92 15.00
N THR F 131 -26.16 -36.60 13.86
CA THR F 131 -25.42 -36.61 12.60
C THR F 131 -24.35 -35.53 12.58
N GLY F 132 -24.63 -34.38 13.20
CA GLY F 132 -23.63 -33.31 13.26
C GLY F 132 -22.38 -33.70 14.01
N LEU F 133 -22.54 -34.26 15.21
CA LEU F 133 -21.37 -34.59 16.02
C LEU F 133 -20.61 -35.78 15.45
N VAL F 134 -21.31 -36.77 14.88
CA VAL F 134 -20.60 -37.92 14.33
C VAL F 134 -19.81 -37.53 13.08
N SER F 135 -20.42 -36.76 12.17
CA SER F 135 -19.67 -36.32 11.00
C SER F 135 -18.61 -35.29 11.32
N ALA F 136 -18.71 -34.62 12.47
CA ALA F 136 -17.62 -33.73 12.86
C ALA F 136 -16.43 -34.51 13.40
N LEU F 137 -16.69 -35.60 14.13
CA LEU F 137 -15.55 -36.28 14.74
C LEU F 137 -14.87 -37.23 13.76
N PHE F 138 -15.63 -37.84 12.85
CA PHE F 138 -15.03 -38.76 11.90
C PHE F 138 -14.06 -38.05 10.95
N ALA F 139 -14.39 -36.83 10.55
CA ALA F 139 -13.49 -36.09 9.66
C ALA F 139 -12.25 -35.62 10.38
N LEU F 140 -12.24 -35.61 11.70
CA LEU F 140 -11.00 -35.33 12.43
C LEU F 140 -10.15 -36.58 12.58
N SER F 141 -10.79 -37.74 12.78
CA SER F 141 -10.01 -38.94 13.08
C SER F 141 -9.24 -39.47 11.88
N VAL F 142 -9.44 -38.90 10.70
CA VAL F 142 -8.77 -39.38 9.50
C VAL F 142 -7.60 -38.46 9.14
N PHE F 143 -7.51 -37.31 9.83
CA PHE F 143 -7.28 -35.99 9.23
C PHE F 143 -6.34 -35.95 8.03
N ARG F 144 -5.06 -36.12 8.19
CA ARG F 144 -4.32 -36.78 7.12
C ARG F 144 -3.21 -37.66 7.65
N ARG F 145 -2.45 -37.15 8.61
CA ARG F 145 -1.17 -37.69 9.05
C ARG F 145 -0.67 -36.75 10.15
N TRP F 146 0.26 -37.26 10.97
CA TRP F 146 0.95 -36.43 11.92
C TRP F 146 1.95 -35.49 11.25
N LYS F 147 2.48 -35.87 10.09
CA LYS F 147 3.48 -35.06 9.38
C LYS F 147 2.96 -34.66 8.01
N SER F 148 2.57 -33.38 7.89
CA SER F 148 2.19 -32.70 6.65
C SER F 148 1.25 -33.43 5.71
N SER G 2 -29.50 -60.88 10.53
CA SER G 2 -29.53 -61.01 11.97
C SER G 2 -30.26 -59.82 12.59
N PHE G 3 -31.33 -59.41 11.90
CA PHE G 3 -32.19 -58.35 12.38
C PHE G 3 -32.88 -58.73 13.68
N ILE G 4 -33.22 -60.01 13.83
CA ILE G 4 -34.10 -60.46 14.89
C ILE G 4 -33.43 -60.38 16.25
N THR G 5 -32.12 -60.62 16.34
CA THR G 5 -31.45 -60.61 17.63
C THR G 5 -31.37 -59.21 18.20
N ALA G 6 -30.96 -58.24 17.36
CA ALA G 6 -30.90 -56.85 17.79
C ALA G 6 -32.29 -56.32 18.09
N PHE G 7 -33.30 -56.78 17.35
CA PHE G 7 -34.67 -56.35 17.62
C PHE G 7 -35.14 -56.81 18.99
N ILE G 8 -34.85 -58.06 19.35
CA ILE G 8 -35.31 -58.56 20.65
C ILE G 8 -34.53 -57.92 21.80
N TRP G 9 -33.21 -57.81 21.66
CA TRP G 9 -32.41 -57.20 22.72
C TRP G 9 -32.66 -55.70 22.86
N ALA G 10 -33.19 -55.04 21.83
CA ALA G 10 -33.59 -53.65 22.03
C ALA G 10 -34.97 -53.56 22.65
N TYR G 11 -35.91 -54.38 22.17
CA TYR G 11 -37.30 -54.21 22.58
C TYR G 11 -37.54 -54.68 24.00
N PHE G 12 -36.78 -55.67 24.47
CA PHE G 12 -36.86 -56.05 25.86
C PHE G 12 -36.40 -54.93 26.78
N LEU G 13 -35.36 -54.20 26.39
CA LEU G 13 -34.87 -53.12 27.24
C LEU G 13 -35.80 -51.93 27.24
N TRP G 14 -36.44 -51.67 26.09
CA TRP G 14 -37.51 -50.67 26.06
C TRP G 14 -38.64 -51.06 27.01
N LEU G 15 -39.05 -52.31 26.94
CA LEU G 15 -40.25 -52.73 27.64
C LEU G 15 -40.01 -52.99 29.12
N VAL G 16 -38.76 -53.19 29.54
CA VAL G 16 -38.48 -53.17 30.96
C VAL G 16 -38.20 -51.75 31.43
N LEU G 17 -37.84 -50.85 30.54
CA LEU G 17 -37.43 -49.53 30.96
C LEU G 17 -38.60 -48.62 31.28
N THR G 18 -39.79 -48.92 30.74
CA THR G 18 -40.98 -48.12 31.01
C THR G 18 -42.06 -49.03 31.56
N ALA G 19 -42.29 -48.99 32.87
CA ALA G 19 -43.27 -49.85 33.49
C ALA G 19 -44.15 -49.10 34.48
N GLY G 20 -44.57 -47.88 34.16
CA GLY G 20 -45.40 -47.11 35.05
C GLY G 20 -46.70 -46.59 34.46
N SER G 21 -47.09 -47.00 33.27
CA SER G 21 -48.31 -46.49 32.66
C SER G 21 -49.39 -47.56 32.62
N LYS G 22 -50.63 -47.10 32.40
CA LYS G 22 -51.87 -47.88 32.54
C LYS G 22 -51.91 -48.58 33.89
N GLY G 23 -51.88 -47.77 34.93
CA GLY G 23 -51.95 -48.28 36.28
C GLY G 23 -50.61 -48.83 36.71
N MET G 24 -50.29 -50.04 36.27
CA MET G 24 -48.94 -50.56 36.49
C MET G 24 -48.42 -51.46 35.38
N LEU G 25 -49.15 -51.69 34.28
CA LEU G 25 -48.79 -52.90 33.56
C LEU G 25 -47.80 -52.64 32.43
N TRP G 26 -48.22 -52.15 31.25
CA TRP G 26 -47.31 -51.35 30.45
C TRP G 26 -47.98 -50.10 29.91
N SER G 27 -48.98 -50.29 29.04
CA SER G 27 -49.78 -49.25 28.42
C SER G 27 -50.82 -49.92 27.55
N THR G 28 -51.52 -49.12 26.74
CA THR G 28 -52.11 -49.59 25.50
C THR G 28 -51.48 -48.92 24.30
N GLN G 29 -50.60 -47.95 24.51
CA GLN G 29 -50.21 -47.00 23.49
C GLN G 29 -48.71 -46.92 23.30
N GLU G 30 -47.94 -47.27 24.32
CA GLU G 30 -46.50 -47.08 24.28
C GLU G 30 -45.80 -48.20 23.52
N LEU G 31 -46.46 -49.35 23.40
CA LEU G 31 -45.83 -50.50 22.75
C LEU G 31 -45.60 -50.28 21.27
N ILE G 32 -46.43 -49.46 20.63
CA ILE G 32 -46.28 -49.22 19.20
C ILE G 32 -45.05 -48.35 18.93
N ALA G 33 -44.86 -47.31 19.75
CA ALA G 33 -43.66 -46.49 19.66
C ALA G 33 -42.42 -47.30 20.01
N GLY G 34 -42.56 -48.24 20.96
CA GLY G 34 -41.48 -49.16 21.25
C GLY G 34 -41.11 -50.03 20.05
N LEU G 35 -42.12 -50.51 19.33
CA LEU G 35 -41.90 -51.27 18.10
C LEU G 35 -41.11 -50.47 17.07
N ILE G 36 -41.56 -49.26 16.77
CA ILE G 36 -40.89 -48.56 15.67
C ILE G 36 -39.51 -48.02 16.08
N PHE G 37 -39.32 -47.57 17.32
CA PHE G 37 -38.02 -47.06 17.72
C PHE G 37 -37.02 -48.18 17.95
N ALA G 38 -37.45 -49.30 18.53
CA ALA G 38 -36.56 -50.46 18.60
C ALA G 38 -36.29 -51.05 17.23
N SER G 39 -37.20 -50.87 16.27
CA SER G 39 -36.94 -51.35 14.92
C SER G 39 -35.88 -50.51 14.23
N ILE G 40 -35.91 -49.19 14.43
CA ILE G 40 -34.87 -48.33 13.86
C ILE G 40 -33.52 -48.62 14.49
N VAL G 41 -33.49 -48.79 15.82
CA VAL G 41 -32.25 -49.12 16.51
C VAL G 41 -31.72 -50.49 16.09
N GLY G 42 -32.63 -51.44 15.86
CA GLY G 42 -32.21 -52.76 15.43
C GLY G 42 -31.70 -52.81 14.01
N TYR G 43 -32.36 -52.12 13.08
CA TYR G 43 -31.88 -52.15 11.71
C TYR G 43 -30.60 -51.35 11.54
N SER G 44 -30.39 -50.31 12.35
CA SER G 44 -29.18 -49.51 12.21
C SER G 44 -27.95 -50.29 12.68
N THR G 45 -28.10 -51.10 13.72
CA THR G 45 -27.03 -51.95 14.21
C THR G 45 -27.47 -53.40 14.13
N ARG G 46 -27.27 -54.02 12.97
CA ARG G 46 -27.46 -55.45 12.83
C ARG G 46 -26.26 -56.17 12.30
N ASN G 47 -25.26 -55.45 11.80
CA ASN G 47 -24.03 -56.05 11.33
C ASN G 47 -22.92 -56.01 12.37
N ILE G 48 -23.21 -55.58 13.59
CA ILE G 48 -22.16 -55.62 14.61
C ILE G 48 -22.54 -56.57 15.75
N ILE G 49 -23.77 -56.48 16.23
CA ILE G 49 -24.21 -57.34 17.31
C ILE G 49 -24.35 -58.79 16.88
N GLY G 50 -24.23 -59.05 15.58
CA GLY G 50 -24.63 -60.31 15.00
C GLY G 50 -23.51 -61.34 15.02
N GLU G 51 -23.34 -62.03 13.89
CA GLU G 51 -22.31 -63.06 13.69
C GLU G 51 -22.38 -64.21 14.69
N LYS G 52 -23.26 -65.17 14.43
CA LYS G 52 -23.43 -66.31 15.33
C LYS G 52 -23.71 -65.82 16.76
N ALA G 53 -24.67 -64.90 16.87
CA ALA G 53 -25.04 -64.35 18.17
C ALA G 53 -26.47 -64.66 18.54
N SER G 54 -27.19 -65.44 17.72
CA SER G 54 -28.55 -65.81 18.00
C SER G 54 -28.66 -67.04 18.88
N ARG G 55 -27.55 -67.66 19.25
CA ARG G 55 -27.57 -68.80 20.17
C ARG G 55 -28.01 -68.40 21.57
N PHE G 56 -27.95 -67.12 21.92
CA PHE G 56 -28.36 -66.67 23.24
C PHE G 56 -29.86 -66.50 23.37
N LEU G 57 -30.62 -66.64 22.29
CA LEU G 57 -32.07 -66.64 22.36
C LEU G 57 -32.64 -68.01 22.71
N ASN G 58 -31.79 -69.02 22.80
CA ASN G 58 -32.22 -70.35 23.21
C ASN G 58 -32.60 -70.30 24.68
N PRO G 59 -33.84 -70.64 25.06
CA PRO G 59 -34.27 -70.46 26.45
C PRO G 59 -33.59 -71.38 27.43
N VAL G 60 -33.07 -72.53 26.98
CA VAL G 60 -32.41 -73.47 27.88
C VAL G 60 -31.10 -72.90 28.41
N LYS G 61 -30.54 -71.88 27.76
CA LYS G 61 -29.40 -71.17 28.32
C LYS G 61 -29.79 -70.35 29.52
N TRP G 62 -31.01 -69.76 29.49
CA TRP G 62 -31.33 -68.64 30.37
C TRP G 62 -31.41 -69.07 31.83
N ILE G 63 -32.05 -70.22 32.08
CA ILE G 63 -32.11 -70.80 33.41
C ILE G 63 -30.70 -71.12 33.92
N LEU G 64 -29.82 -71.54 33.00
CA LEU G 64 -28.43 -71.79 33.34
C LEU G 64 -27.73 -70.53 33.84
N PHE G 65 -28.11 -69.35 33.33
CA PHE G 65 -27.55 -68.10 33.83
C PHE G 65 -27.88 -67.89 35.30
N VAL G 66 -29.09 -68.28 35.71
CA VAL G 66 -29.46 -68.19 37.11
C VAL G 66 -28.62 -69.16 37.93
N ALA G 67 -28.30 -70.32 37.34
CA ALA G 67 -27.41 -71.28 37.98
C ALA G 67 -25.99 -70.76 38.12
N TYR G 68 -25.63 -69.70 37.40
CA TYR G 68 -24.33 -69.08 37.55
C TYR G 68 -24.37 -67.87 38.49
N ALA G 69 -25.56 -67.37 38.82
CA ALA G 69 -25.67 -66.15 39.60
C ALA G 69 -25.18 -66.21 41.06
N PRO G 70 -25.46 -67.24 41.87
CA PRO G 70 -24.98 -67.16 43.26
C PRO G 70 -23.48 -67.35 43.41
N VAL G 71 -22.87 -68.22 42.58
CA VAL G 71 -21.46 -68.57 42.74
C VAL G 71 -20.58 -67.35 42.51
N LEU G 72 -20.85 -66.62 41.43
CA LEU G 72 -20.17 -65.35 41.17
C LEU G 72 -20.40 -64.35 42.28
N PHE G 73 -21.56 -64.40 42.93
CA PHE G 73 -21.74 -63.56 44.10
C PHE G 73 -21.01 -64.13 45.30
N TRP G 74 -21.08 -65.46 45.49
CA TRP G 74 -20.54 -66.04 46.72
C TRP G 74 -19.02 -66.01 46.71
N GLY G 75 -18.42 -66.08 45.54
CA GLY G 75 -16.99 -65.86 45.46
C GLY G 75 -16.58 -64.41 45.57
N MET G 76 -17.52 -63.48 45.40
CA MET G 76 -17.16 -62.08 45.45
C MET G 76 -17.04 -61.59 46.89
N VAL G 77 -17.83 -62.17 47.79
CA VAL G 77 -17.77 -61.81 49.21
C VAL G 77 -16.43 -62.20 49.81
N LYS G 78 -15.90 -63.36 49.40
CA LYS G 78 -14.57 -63.77 49.85
C LYS G 78 -13.46 -62.99 49.16
N ALA G 79 -13.77 -62.10 48.24
CA ALA G 79 -12.72 -61.29 47.63
C ALA G 79 -12.37 -60.09 48.49
N ASN G 80 -13.34 -59.19 48.69
CA ASN G 80 -13.10 -57.91 49.35
C ASN G 80 -12.68 -58.10 50.80
N LEU G 81 -13.26 -59.09 51.45
CA LEU G 81 -12.90 -59.45 52.81
C LEU G 81 -11.42 -59.77 52.91
N ASP G 82 -10.90 -60.55 51.94
CA ASP G 82 -9.47 -60.84 51.90
C ASP G 82 -8.67 -59.57 51.66
N VAL G 83 -9.22 -58.63 50.88
CA VAL G 83 -8.61 -57.33 50.66
C VAL G 83 -8.43 -56.60 51.99
N ALA G 84 -9.43 -56.72 52.87
CA ALA G 84 -9.32 -56.13 54.20
C ALA G 84 -8.14 -56.71 54.96
N TYR G 85 -7.95 -58.03 54.85
CA TYR G 85 -6.84 -58.68 55.54
C TYR G 85 -5.50 -58.25 54.96
N ARG G 86 -5.48 -57.78 53.71
CA ARG G 86 -4.21 -57.32 53.17
C ARG G 86 -3.94 -55.85 53.45
N VAL G 87 -4.90 -55.12 54.01
CA VAL G 87 -4.65 -53.71 54.27
C VAL G 87 -4.10 -53.49 55.67
N ILE G 88 -4.71 -54.11 56.67
CA ILE G 88 -4.23 -53.99 58.04
C ILE G 88 -3.13 -55.03 58.22
N THR G 89 -1.87 -54.58 58.07
CA THR G 89 -0.64 -55.37 58.24
C THR G 89 -0.66 -56.59 57.30
N GLY G 90 -0.55 -56.29 56.02
CA GLY G 90 -0.54 -57.35 55.03
C GLY G 90 0.83 -57.55 54.41
N LYS G 91 1.02 -58.71 53.80
CA LYS G 91 2.22 -59.00 53.03
C LYS G 91 1.82 -59.25 51.59
N ILE G 92 2.70 -58.87 50.67
CA ILE G 92 2.41 -58.87 49.24
C ILE G 92 3.57 -59.53 48.53
N ARG G 93 3.27 -60.47 47.63
CA ARG G 93 4.24 -60.96 46.65
C ARG G 93 3.57 -60.85 45.29
N PRO G 94 3.88 -59.81 44.51
CA PRO G 94 3.19 -59.61 43.25
C PRO G 94 3.90 -60.25 42.07
N GLY G 95 3.11 -60.64 41.07
CA GLY G 95 3.71 -61.16 39.85
C GLY G 95 2.68 -61.23 38.75
N ILE G 96 3.18 -61.44 37.53
CA ILE G 96 2.33 -61.67 36.37
C ILE G 96 2.61 -63.08 35.89
N VAL G 97 1.57 -63.89 35.80
CA VAL G 97 1.70 -65.32 35.58
C VAL G 97 0.86 -65.70 34.36
N ARG G 98 1.44 -66.45 33.43
CA ARG G 98 0.71 -66.92 32.26
C ARG G 98 -0.05 -68.20 32.60
N VAL G 99 -1.27 -68.30 32.08
CA VAL G 99 -2.18 -69.39 32.42
C VAL G 99 -2.67 -70.07 31.16
N PRO G 100 -2.42 -71.36 30.97
CA PRO G 100 -2.83 -72.04 29.73
C PRO G 100 -4.29 -72.42 29.69
N VAL G 101 -5.15 -71.51 29.26
CA VAL G 101 -6.58 -71.74 29.18
C VAL G 101 -6.90 -72.46 27.87
N GLU G 102 -7.88 -73.37 27.91
CA GLU G 102 -8.14 -74.27 26.79
C GLU G 102 -9.55 -74.02 26.23
N LEU G 103 -9.84 -72.78 25.90
CA LEU G 103 -11.14 -72.43 25.33
C LEU G 103 -11.05 -72.20 23.83
N GLU G 104 -12.20 -71.93 23.24
CA GLU G 104 -12.34 -71.50 21.85
C GLU G 104 -13.47 -70.50 21.81
N ASN G 105 -13.92 -70.16 20.59
CA ASN G 105 -15.26 -69.61 20.33
C ASN G 105 -15.50 -68.27 21.05
N ASP G 106 -14.89 -67.23 20.50
CA ASP G 106 -14.40 -66.00 21.14
C ASP G 106 -15.10 -65.46 22.38
N ALA G 107 -16.44 -65.44 22.38
CA ALA G 107 -17.19 -64.77 23.45
C ALA G 107 -17.00 -65.42 24.81
N GLN G 108 -16.68 -66.71 24.84
CA GLN G 108 -16.41 -67.40 26.09
C GLN G 108 -15.18 -66.84 26.78
N TYR G 109 -14.19 -66.38 25.99
CA TYR G 109 -13.01 -65.72 26.55
C TYR G 109 -13.36 -64.48 27.36
N THR G 110 -14.50 -63.86 27.07
CA THR G 110 -14.91 -62.71 27.86
C THR G 110 -15.37 -63.14 29.24
N ILE G 111 -16.18 -64.19 29.31
CA ILE G 111 -16.86 -64.51 30.55
C ILE G 111 -15.88 -65.13 31.53
N LEU G 112 -14.85 -65.82 31.01
CA LEU G 112 -13.78 -66.25 31.89
C LEU G 112 -12.92 -65.08 32.32
N SER G 113 -12.86 -64.02 31.53
CA SER G 113 -11.94 -62.94 31.83
C SER G 113 -12.44 -62.06 32.96
N ASN G 114 -13.68 -61.56 32.84
CA ASN G 114 -14.25 -60.68 33.85
C ASN G 114 -14.46 -61.36 35.20
N SER G 115 -14.63 -62.68 35.21
CA SER G 115 -14.70 -63.39 36.48
C SER G 115 -13.35 -63.56 37.13
N ILE G 116 -12.25 -63.37 36.42
CA ILE G 116 -10.95 -63.36 37.07
C ILE G 116 -10.74 -62.07 37.85
N THR G 117 -11.07 -60.94 37.25
CA THR G 117 -10.88 -59.63 37.87
C THR G 117 -11.98 -59.23 38.80
N LEU G 118 -12.79 -60.17 39.26
CA LEU G 118 -13.88 -59.84 40.16
C LEU G 118 -13.99 -60.83 41.31
N THR G 119 -13.26 -61.94 41.29
CA THR G 119 -13.31 -63.01 42.28
C THR G 119 -11.90 -63.14 42.89
N PRO G 120 -11.61 -64.13 43.86
CA PRO G 120 -11.00 -63.78 45.15
C PRO G 120 -9.89 -62.74 45.16
N GLY G 121 -8.83 -62.98 44.41
CA GLY G 121 -7.94 -61.87 44.12
C GLY G 121 -6.94 -62.18 43.05
N THR G 122 -6.99 -61.40 41.98
CA THR G 122 -6.37 -61.58 40.68
C THR G 122 -6.66 -60.30 39.90
N LEU G 123 -6.12 -60.24 38.68
CA LEU G 123 -6.28 -59.12 37.77
C LEU G 123 -6.03 -59.66 36.37
N THR G 124 -6.78 -59.21 35.37
CA THR G 124 -6.58 -59.74 34.03
C THR G 124 -5.86 -58.75 33.15
N VAL G 125 -4.85 -59.22 32.42
CA VAL G 125 -4.13 -58.45 31.41
C VAL G 125 -3.96 -59.32 30.17
N GLU G 126 -4.43 -58.83 29.02
CA GLU G 126 -4.04 -59.31 27.68
C GLU G 126 -4.36 -60.80 27.48
N ALA G 127 -5.64 -61.08 27.33
CA ALA G 127 -6.06 -62.42 26.94
C ALA G 127 -5.82 -62.61 25.45
N CYS G 128 -4.78 -63.42 25.08
CA CYS G 128 -4.48 -63.79 23.69
C CYS G 128 -5.18 -65.09 23.33
N PRO G 129 -5.95 -65.14 22.25
CA PRO G 129 -6.64 -66.39 21.91
C PRO G 129 -5.76 -67.35 21.12
N GLU G 130 -4.80 -66.82 20.35
CA GLU G 130 -4.03 -67.67 19.45
C GLU G 130 -3.03 -68.52 20.22
N GLU G 131 -2.41 -67.95 21.24
CA GLU G 131 -1.47 -68.69 22.06
C GLU G 131 -2.16 -69.50 23.14
N LYS G 132 -3.49 -69.35 23.25
CA LYS G 132 -4.36 -70.11 24.14
C LYS G 132 -3.97 -69.94 25.62
N ALA G 133 -3.93 -68.69 26.06
CA ALA G 133 -3.49 -68.39 27.41
C ALA G 133 -4.02 -67.03 27.85
N LEU G 134 -3.89 -66.79 29.16
CA LEU G 134 -4.17 -65.49 29.78
C LEU G 134 -2.93 -65.07 30.55
N TYR G 135 -2.89 -63.80 30.94
CA TYR G 135 -1.76 -63.26 31.69
C TYR G 135 -2.34 -62.56 32.91
N VAL G 136 -2.41 -63.28 34.01
CA VAL G 136 -3.11 -62.84 35.20
C VAL G 136 -2.10 -62.27 36.19
N HIS G 137 -2.42 -61.13 36.79
CA HIS G 137 -1.57 -60.52 37.81
C HIS G 137 -1.99 -61.01 39.19
N TRP G 138 -1.16 -61.86 39.79
CA TRP G 138 -1.33 -62.33 41.16
C TRP G 138 -0.74 -61.38 42.19
N ILE G 139 -1.35 -61.36 43.37
CA ILE G 139 -0.93 -60.52 44.49
C ILE G 139 -0.27 -61.35 45.58
N ASN G 140 -0.37 -62.67 45.55
CA ASN G 140 0.13 -63.52 46.64
C ASN G 140 1.23 -64.47 46.18
N ILE G 141 1.02 -65.19 45.09
CA ILE G 141 1.87 -66.18 44.43
C ILE G 141 2.55 -67.16 45.41
N PRO G 142 1.81 -68.09 45.98
CA PRO G 142 2.32 -68.88 47.10
C PRO G 142 3.26 -70.00 46.68
N GLU G 143 4.55 -69.85 47.04
CA GLU G 143 5.54 -70.92 47.24
C GLU G 143 5.74 -71.81 46.01
N GLY G 144 6.33 -71.21 44.99
CA GLY G 144 6.88 -72.00 43.90
C GLY G 144 5.87 -72.49 42.89
N LEU G 145 4.81 -71.73 42.66
CA LEU G 145 3.85 -71.99 41.60
C LEU G 145 3.91 -70.90 40.55
N GLU G 146 5.13 -70.49 40.19
CA GLU G 146 5.30 -69.41 39.25
C GLU G 146 4.98 -69.82 37.82
N TRP G 147 4.85 -71.12 37.55
CA TRP G 147 4.61 -71.62 36.21
C TRP G 147 3.58 -72.74 36.32
N PRO G 148 2.29 -72.42 36.20
CA PRO G 148 1.25 -73.37 36.59
C PRO G 148 0.90 -74.35 35.47
N GLU G 149 0.36 -75.49 35.89
CA GLU G 149 -0.06 -76.51 34.94
C GLU G 149 -1.42 -76.17 34.35
N ASN G 150 -2.45 -76.14 35.19
CA ASN G 150 -3.79 -75.74 34.79
C ASN G 150 -4.24 -74.62 35.69
N SER G 151 -5.41 -74.05 35.39
CA SER G 151 -5.91 -72.91 36.16
C SER G 151 -6.70 -73.36 37.38
N GLU G 152 -6.15 -74.29 38.13
CA GLU G 152 -6.72 -74.61 39.44
C GLU G 152 -6.21 -73.68 40.56
N PRO G 153 -4.92 -73.35 40.68
CA PRO G 153 -4.55 -72.38 41.71
C PRO G 153 -4.89 -70.95 41.37
N VAL G 154 -5.25 -70.64 40.13
CA VAL G 154 -5.42 -69.26 39.69
C VAL G 154 -6.85 -68.81 39.94
N SER G 155 -7.79 -69.48 39.32
CA SER G 155 -9.19 -69.26 39.60
C SER G 155 -9.68 -70.38 40.51
N GLY G 156 -10.99 -70.41 40.72
CA GLY G 156 -11.63 -71.61 41.19
C GLY G 156 -12.12 -72.39 39.99
N PRO G 157 -13.33 -72.89 40.06
CA PRO G 157 -13.90 -73.63 38.93
C PRO G 157 -14.63 -72.74 37.93
N PHE G 158 -13.98 -71.64 37.52
CA PHE G 158 -14.66 -70.71 36.62
C PHE G 158 -14.51 -71.10 35.17
N GLU G 159 -13.44 -71.83 34.81
CA GLU G 159 -13.26 -72.27 33.44
C GLU G 159 -14.29 -73.31 33.04
N LYS G 160 -14.78 -74.10 34.00
CA LYS G 160 -15.83 -75.05 33.68
C LYS G 160 -17.16 -74.35 33.40
N TRP G 161 -17.44 -73.27 34.13
CA TRP G 161 -18.67 -72.52 33.84
C TRP G 161 -18.54 -71.75 32.53
N ALA G 162 -17.37 -71.17 32.27
CA ALA G 162 -17.21 -70.42 31.03
C ALA G 162 -16.97 -71.31 29.82
N ARG G 163 -16.73 -72.60 30.01
CA ARG G 163 -16.69 -73.52 28.88
C ARG G 163 -18.08 -73.83 28.38
N ARG G 164 -19.06 -73.80 29.28
CA ARG G 164 -20.46 -73.67 28.89
C ARG G 164 -20.74 -72.20 28.61
N LEU G 165 -22.03 -71.84 28.53
CA LEU G 165 -22.49 -70.50 28.17
C LEU G 165 -21.95 -70.10 26.80
N GLY G 166 -22.36 -70.85 25.78
CA GLY G 166 -21.89 -70.63 24.43
C GLY G 166 -22.04 -71.87 23.57
N MET H 1 5.64 -4.01 31.15
CA MET H 1 5.02 -3.47 29.95
C MET H 1 3.51 -3.44 30.06
N LYS H 2 2.85 -3.92 29.01
CA LYS H 2 1.40 -3.77 28.88
C LYS H 2 0.67 -4.70 29.84
N ARG H 3 1.16 -5.92 30.00
CA ARG H 3 0.42 -6.94 30.71
C ARG H 3 0.37 -6.71 32.22
N ALA H 4 1.27 -5.89 32.76
CA ALA H 4 1.09 -5.44 34.15
C ALA H 4 -0.15 -4.56 34.29
N LEU H 5 -0.37 -3.66 33.34
CA LEU H 5 -1.58 -2.86 33.35
C LEU H 5 -2.81 -3.71 33.05
N GLY H 6 -2.64 -4.76 32.24
CA GLY H 6 -3.74 -5.70 32.02
C GLY H 6 -4.15 -6.41 33.29
N PHE H 7 -3.18 -6.84 34.09
CA PHE H 7 -3.51 -7.49 35.35
C PHE H 7 -4.09 -6.51 36.37
N LEU H 8 -3.64 -5.25 36.35
CA LEU H 8 -4.22 -4.26 37.25
C LEU H 8 -5.69 -4.00 36.90
N SER H 9 -6.00 -3.92 35.59
CA SER H 9 -7.39 -3.77 35.17
C SER H 9 -8.23 -4.99 35.51
N LEU H 10 -7.63 -6.18 35.45
CA LEU H 10 -8.31 -7.39 35.89
C LEU H 10 -8.65 -7.33 37.38
N LEU H 11 -7.73 -6.82 38.19
CA LEU H 11 -8.00 -6.71 39.61
C LEU H 11 -9.11 -5.70 39.90
N VAL H 12 -9.13 -4.60 39.15
CA VAL H 12 -10.17 -3.58 39.32
C VAL H 12 -11.55 -4.13 38.96
N ILE H 13 -11.67 -4.83 37.83
CA ILE H 13 -12.97 -5.35 37.44
C ILE H 13 -13.41 -6.50 38.36
N PHE H 14 -12.45 -7.25 38.91
CA PHE H 14 -12.78 -8.29 39.90
C PHE H 14 -13.35 -7.69 41.17
N ALA H 15 -12.71 -6.63 41.68
CA ALA H 15 -13.18 -5.99 42.91
C ALA H 15 -14.54 -5.32 42.70
N SER H 16 -14.75 -4.73 41.53
CA SER H 16 -16.03 -4.09 41.25
C SER H 16 -17.16 -5.09 41.16
N LEU H 17 -16.93 -6.21 40.46
CA LEU H 17 -17.96 -7.24 40.37
C LEU H 17 -18.21 -7.90 41.71
N LEU H 18 -17.18 -7.97 42.57
CA LEU H 18 -17.38 -8.51 43.91
C LEU H 18 -18.19 -7.56 44.77
N VAL H 19 -18.05 -6.25 44.56
CA VAL H 19 -18.94 -5.28 45.19
C VAL H 19 -20.37 -5.47 44.70
N ALA H 20 -20.54 -5.81 43.42
CA ALA H 20 -21.86 -5.87 42.82
C ALA H 20 -22.72 -7.00 43.39
N LEU H 21 -22.13 -8.20 43.56
CA LEU H 21 -22.90 -9.37 43.97
C LEU H 21 -23.18 -9.42 45.47
N SER H 22 -22.75 -8.43 46.25
CA SER H 22 -22.94 -8.45 47.69
C SER H 22 -24.38 -8.10 48.05
N PRO H 23 -24.90 -8.65 49.15
CA PRO H 23 -26.28 -8.33 49.55
C PRO H 23 -26.44 -6.97 50.20
N GLU H 24 -25.36 -6.25 50.45
CA GLU H 24 -25.51 -4.94 51.09
C GLU H 24 -25.75 -3.85 50.06
N TYR H 25 -25.10 -3.95 48.90
CA TYR H 25 -25.24 -2.97 47.85
C TYR H 25 -26.05 -3.44 46.65
N GLY H 26 -26.14 -4.76 46.43
CA GLY H 26 -26.67 -5.27 45.18
C GLY H 26 -27.58 -6.47 45.27
N ILE H 27 -27.22 -7.54 44.55
CA ILE H 27 -28.11 -8.66 44.31
C ILE H 27 -28.18 -9.56 45.54
N LYS H 28 -29.20 -10.41 45.60
CA LYS H 28 -29.54 -11.15 46.80
C LYS H 28 -29.55 -12.64 46.51
N PHE H 29 -28.88 -13.42 47.35
CA PHE H 29 -28.90 -14.88 47.25
C PHE H 29 -29.94 -15.47 48.18
N GLY H 30 -30.64 -16.49 47.69
CA GLY H 30 -31.59 -17.21 48.50
C GLY H 30 -32.84 -16.40 48.77
N VAL H 31 -33.52 -15.99 47.70
CA VAL H 31 -34.74 -15.22 47.85
C VAL H 31 -35.83 -16.11 48.39
N GLY H 32 -36.81 -15.49 49.05
CA GLY H 32 -37.90 -16.27 49.59
C GLY H 32 -38.83 -15.49 50.51
N GLY H 33 -40.12 -15.71 50.35
CA GLY H 33 -41.12 -15.00 51.11
C GLY H 33 -41.79 -13.92 50.30
N GLU H 34 -41.47 -12.67 50.60
CA GLU H 34 -42.08 -11.54 49.90
C GLU H 34 -41.33 -11.19 48.63
N ASP H 35 -40.01 -11.40 48.59
CA ASP H 35 -39.20 -11.02 47.45
C ASP H 35 -39.45 -11.87 46.22
N TRP H 36 -40.11 -13.03 46.40
CA TRP H 36 -40.45 -13.88 45.28
C TRP H 36 -41.48 -13.24 44.36
N LEU H 37 -42.28 -12.31 44.88
CA LEU H 37 -43.22 -11.59 44.02
C LEU H 37 -42.68 -10.24 43.57
N LYS H 38 -41.48 -9.86 43.98
CA LYS H 38 -40.92 -8.59 43.55
C LYS H 38 -39.76 -8.77 42.59
N TYR H 39 -39.03 -9.88 42.68
CA TYR H 39 -37.88 -10.09 41.83
C TYR H 39 -38.03 -11.24 40.83
N ARG H 40 -38.97 -12.15 41.05
CA ARG H 40 -39.11 -13.32 40.20
C ARG H 40 -40.57 -13.52 39.83
N TYR H 41 -41.23 -12.46 39.36
CA TYR H 41 -42.66 -12.52 39.10
C TYR H 41 -42.99 -13.26 37.81
N THR H 42 -42.13 -13.13 36.81
CA THR H 42 -42.39 -13.78 35.51
C THR H 42 -42.31 -15.29 35.66
N ASP H 43 -41.39 -15.77 36.50
CA ASP H 43 -41.26 -17.19 36.73
C ASP H 43 -42.44 -17.74 37.50
N ASN H 44 -43.03 -16.91 38.37
CA ASN H 44 -44.25 -17.30 39.04
C ASN H 44 -45.40 -17.43 38.05
N TYR H 45 -45.44 -16.57 37.04
CA TYR H 45 -46.45 -16.75 36.01
C TYR H 45 -46.22 -18.00 35.18
N TYR H 46 -44.95 -18.34 34.89
CA TYR H 46 -44.69 -19.54 34.11
C TYR H 46 -45.00 -20.81 34.90
N ILE H 47 -44.83 -20.77 36.22
CA ILE H 47 -45.17 -21.93 37.03
C ILE H 47 -46.69 -22.11 37.12
N GLU H 48 -47.42 -21.02 37.34
CA GLU H 48 -48.85 -21.14 37.60
C GLU H 48 -49.65 -21.56 36.37
N HIS H 49 -49.62 -20.76 35.32
CA HIS H 49 -50.46 -20.98 34.16
C HIS H 49 -49.76 -21.80 33.08
N GLY H 50 -48.86 -22.70 33.46
CA GLY H 50 -48.05 -23.37 32.46
C GLY H 50 -48.66 -24.60 31.85
N ILE H 51 -49.52 -25.29 32.60
CA ILE H 51 -50.02 -26.58 32.16
C ILE H 51 -51.04 -26.42 31.04
N GLU H 52 -52.07 -25.62 31.27
CA GLU H 52 -53.20 -25.52 30.37
C GLU H 52 -53.06 -24.44 29.30
N GLU H 53 -51.90 -23.80 29.20
CA GLU H 53 -51.58 -22.97 28.04
C GLU H 53 -51.00 -23.80 26.90
N VAL H 54 -50.11 -24.73 27.24
CA VAL H 54 -49.39 -25.50 26.24
C VAL H 54 -49.77 -26.97 26.30
N GLY H 55 -49.69 -27.57 27.47
CA GLY H 55 -49.74 -29.01 27.52
C GLY H 55 -48.33 -29.57 27.51
N GLY H 56 -48.15 -30.68 28.20
CA GLY H 56 -46.81 -31.14 28.47
C GLY H 56 -46.43 -30.74 29.86
N THR H 57 -46.30 -31.72 30.75
CA THR H 57 -46.21 -31.45 32.16
C THR H 57 -44.86 -30.89 32.58
N ASN H 58 -43.82 -30.99 31.76
CA ASN H 58 -42.56 -30.37 32.10
C ASN H 58 -42.67 -28.85 31.92
N ILE H 59 -41.73 -28.12 32.52
CA ILE H 59 -41.71 -26.68 32.46
C ILE H 59 -40.51 -26.15 31.68
N VAL H 60 -39.34 -26.76 31.88
CA VAL H 60 -38.15 -26.27 31.21
C VAL H 60 -38.18 -26.62 29.72
N THR H 61 -38.64 -27.82 29.38
CA THR H 61 -38.94 -28.14 27.99
C THR H 61 -40.33 -27.70 27.57
N ASP H 62 -40.88 -26.71 28.26
CA ASP H 62 -42.11 -26.04 27.85
C ASP H 62 -41.81 -24.62 27.40
N ILE H 63 -41.05 -23.86 28.19
CA ILE H 63 -40.70 -22.50 27.79
C ILE H 63 -39.53 -22.47 26.83
N VAL H 64 -38.89 -23.60 26.56
CA VAL H 64 -37.80 -23.60 25.60
C VAL H 64 -38.27 -24.04 24.24
N PHE H 65 -39.47 -24.60 24.12
CA PHE H 65 -40.02 -24.95 22.82
C PHE H 65 -41.32 -24.25 22.45
N ASP H 66 -41.99 -23.56 23.38
CA ASP H 66 -43.25 -22.89 23.03
C ASP H 66 -43.21 -21.38 23.15
N TYR H 67 -42.92 -20.84 24.34
CA TYR H 67 -42.87 -19.39 24.49
C TYR H 67 -41.64 -18.83 23.79
N ARG H 68 -40.46 -19.30 24.19
CA ARG H 68 -39.20 -18.85 23.61
C ARG H 68 -38.67 -19.87 22.62
N GLY H 69 -39.40 -20.06 21.52
CA GLY H 69 -38.99 -21.07 20.56
C GLY H 69 -37.99 -20.56 19.55
N TYR H 70 -38.03 -19.25 19.35
CA TYR H 70 -37.20 -18.59 18.36
C TYR H 70 -35.73 -18.62 18.76
N ASP H 71 -35.45 -18.64 20.06
CA ASP H 71 -34.08 -18.78 20.52
C ASP H 71 -33.54 -20.19 20.28
N THR H 72 -34.39 -21.22 20.40
CA THR H 72 -33.94 -22.57 20.08
C THR H 72 -33.69 -22.72 18.59
N LEU H 73 -34.46 -22.01 17.75
CA LEU H 73 -34.17 -21.98 16.32
C LEU H 73 -32.82 -21.33 16.03
N GLY H 74 -32.52 -20.22 16.71
CA GLY H 74 -31.21 -19.60 16.55
C GLY H 74 -30.07 -20.48 17.04
N GLU H 75 -30.30 -21.20 18.14
CA GLU H 75 -29.31 -22.16 18.65
C GLU H 75 -29.02 -23.28 17.66
N ALA H 76 -30.06 -23.83 17.04
CA ALA H 76 -29.86 -24.89 16.05
C ALA H 76 -29.10 -24.37 14.84
N THR H 77 -29.32 -23.10 14.47
CA THR H 77 -28.57 -22.53 13.37
C THR H 77 -27.09 -22.35 13.75
N VAL H 78 -26.82 -22.00 15.01
CA VAL H 78 -25.43 -21.91 15.51
C VAL H 78 -24.72 -23.26 15.36
N LEU H 79 -25.37 -24.33 15.80
CA LEU H 79 -24.72 -25.64 15.71
C LEU H 79 -24.53 -26.09 14.26
N PHE H 80 -25.46 -25.72 13.38
CA PHE H 80 -25.30 -26.09 11.97
C PHE H 80 -24.11 -25.38 11.34
N THR H 81 -23.89 -24.10 11.65
CA THR H 81 -22.72 -23.44 11.09
C THR H 81 -21.42 -23.89 11.76
N ALA H 82 -21.49 -24.32 13.02
CA ALA H 82 -20.31 -24.90 13.66
C ALA H 82 -19.85 -26.15 12.95
N ILE H 83 -20.80 -27.02 12.59
CA ILE H 83 -20.42 -28.26 11.93
C ILE H 83 -19.96 -28.00 10.50
N ALA H 84 -20.60 -27.06 9.80
CA ALA H 84 -20.17 -26.71 8.45
C ALA H 84 -18.76 -26.11 8.45
N GLY H 85 -18.46 -25.27 9.43
CA GLY H 85 -17.13 -24.70 9.51
C GLY H 85 -16.08 -25.70 9.95
N ALA H 86 -16.41 -26.58 10.89
CA ALA H 86 -15.43 -27.53 11.38
C ALA H 86 -15.18 -28.66 10.41
N VAL H 87 -16.05 -28.90 9.45
CA VAL H 87 -15.72 -29.85 8.40
C VAL H 87 -15.06 -29.17 7.20
N ALA H 88 -15.47 -27.95 6.89
CA ALA H 88 -15.06 -27.31 5.64
C ALA H 88 -13.59 -26.92 5.63
N LEU H 89 -13.00 -26.66 6.79
CA LEU H 89 -11.59 -26.28 6.84
C LEU H 89 -10.70 -27.43 7.28
N LEU H 90 -11.24 -28.64 7.35
CA LEU H 90 -10.48 -29.82 7.73
C LEU H 90 -10.31 -30.76 6.57
N ARG H 91 -10.62 -30.29 5.36
CA ARG H 91 -10.51 -31.06 4.13
C ARG H 91 -9.03 -31.26 3.77
N PRO H 92 -8.73 -32.18 2.86
CA PRO H 92 -7.34 -32.30 2.37
C PRO H 92 -6.94 -31.09 1.56
N TRP H 93 -5.62 -30.92 1.42
CA TRP H 93 -5.10 -29.75 0.76
C TRP H 93 -4.99 -30.01 -0.73
N ALA I 3 -38.92 -54.21 59.84
CA ALA I 3 -38.13 -54.50 58.65
C ALA I 3 -37.30 -53.30 58.24
N TYR I 4 -37.03 -52.42 59.19
CA TYR I 4 -36.16 -51.28 58.92
C TYR I 4 -34.70 -51.59 59.13
N TYR I 5 -34.40 -52.74 59.75
CA TYR I 5 -33.03 -53.07 60.10
C TYR I 5 -32.19 -53.38 58.87
N LEU I 6 -32.83 -53.83 57.79
CA LEU I 6 -32.13 -54.08 56.54
C LEU I 6 -31.53 -52.79 55.98
N ILE I 7 -32.22 -51.67 56.18
CA ILE I 7 -31.75 -50.39 55.68
C ILE I 7 -30.47 -49.96 56.39
N ILE I 8 -30.48 -50.03 57.72
CA ILE I 8 -29.30 -49.64 58.50
C ILE I 8 -28.13 -50.59 58.22
N ALA I 9 -28.42 -51.89 58.12
CA ALA I 9 -27.36 -52.86 57.85
C ALA I 9 -26.75 -52.68 56.47
N PHE I 10 -27.58 -52.47 55.44
CA PHE I 10 -27.08 -52.28 54.08
C PHE I 10 -26.28 -50.99 53.95
N LEU I 11 -26.77 -49.91 54.55
CA LEU I 11 -26.02 -48.65 54.52
C LEU I 11 -24.69 -48.78 55.25
N GLY I 12 -24.68 -49.53 56.36
CA GLY I 12 -23.44 -49.71 57.10
C GLY I 12 -22.41 -50.49 56.31
N ILE I 13 -22.84 -51.59 55.67
CA ILE I 13 -21.89 -52.39 54.89
C ILE I 13 -21.41 -51.62 53.67
N SER I 14 -22.31 -50.85 53.04
CA SER I 14 -21.96 -50.05 51.87
C SER I 14 -20.90 -49.00 52.20
N VAL I 15 -21.10 -48.27 53.30
CA VAL I 15 -20.13 -47.23 53.59
C VAL I 15 -18.84 -47.80 54.18
N THR I 16 -18.89 -48.91 54.91
CA THR I 16 -17.67 -49.51 55.42
C THR I 16 -16.86 -50.23 54.36
N PHE I 17 -17.44 -50.53 53.20
CA PHE I 17 -16.58 -50.98 52.11
C PHE I 17 -16.16 -49.85 51.19
N ASN I 18 -16.94 -48.78 51.05
CA ASN I 18 -16.49 -47.64 50.26
C ASN I 18 -15.31 -46.92 50.92
N MET I 19 -15.34 -46.81 52.25
CA MET I 19 -14.21 -46.22 52.95
C MET I 19 -12.97 -47.10 52.85
N LEU I 20 -13.15 -48.42 52.89
CA LEU I 20 -12.01 -49.32 52.76
C LEU I 20 -11.46 -49.31 51.35
N GLY I 21 -12.32 -49.08 50.36
CA GLY I 21 -11.84 -48.98 49.00
C GLY I 21 -11.06 -47.72 48.74
N SER I 22 -11.60 -46.58 49.13
CA SER I 22 -10.89 -45.34 48.86
C SER I 22 -9.76 -45.10 49.85
N ILE I 23 -9.67 -45.86 50.94
CA ILE I 23 -8.52 -45.74 51.84
C ILE I 23 -7.35 -46.54 51.32
N ALA I 24 -7.57 -47.42 50.35
CA ALA I 24 -6.53 -48.32 49.84
C ALA I 24 -5.73 -47.69 48.72
N LEU I 25 -5.24 -46.48 48.94
CA LEU I 25 -4.32 -45.86 48.01
C LEU I 25 -3.07 -45.30 48.66
N HIS I 26 -3.13 -44.88 49.91
CA HIS I 26 -1.93 -44.54 50.67
C HIS I 26 -1.51 -45.69 51.57
N ARG I 27 -1.67 -46.91 51.04
CA ARG I 27 -1.28 -48.11 51.76
C ARG I 27 -0.43 -49.06 50.91
N PHE I 28 -0.64 -49.10 49.59
CA PHE I 28 0.04 -50.04 48.72
C PHE I 28 1.17 -49.36 47.96
N PRO I 29 2.25 -50.09 47.64
CA PRO I 29 3.38 -49.47 46.95
C PRO I 29 3.13 -49.07 45.51
N ASP I 30 2.66 -50.01 44.70
CA ASP I 30 2.69 -49.86 43.25
C ASP I 30 1.27 -49.75 42.71
N VAL I 31 1.18 -49.36 41.43
CA VAL I 31 -0.08 -49.00 40.77
C VAL I 31 -1.06 -50.18 40.75
N TYR I 32 -0.57 -51.35 40.37
CA TYR I 32 -1.39 -52.54 40.15
C TYR I 32 -2.17 -52.93 41.39
N THR I 33 -1.45 -53.05 42.52
CA THR I 33 -2.08 -53.32 43.80
C THR I 33 -3.08 -52.23 44.17
N ARG I 34 -2.78 -51.00 43.78
CA ARG I 34 -3.68 -49.89 44.01
C ARG I 34 -4.96 -50.17 43.22
N LEU I 35 -4.81 -50.50 41.94
CA LEU I 35 -5.95 -50.84 41.11
C LEU I 35 -6.59 -52.13 41.55
N HIS I 36 -5.84 -52.98 42.24
CA HIS I 36 -6.43 -54.20 42.75
C HIS I 36 -7.29 -53.94 43.97
N GLY I 37 -7.16 -52.76 44.57
CA GLY I 37 -7.98 -52.45 45.72
C GLY I 37 -9.20 -51.63 45.37
N ALA I 38 -9.03 -50.64 44.49
CA ALA I 38 -10.10 -49.71 44.21
C ALA I 38 -11.19 -50.32 43.35
N THR I 39 -10.83 -51.20 42.44
CA THR I 39 -11.79 -51.80 41.53
C THR I 39 -12.68 -52.81 42.23
N LYS I 40 -12.11 -53.67 43.07
CA LYS I 40 -12.89 -54.74 43.65
C LYS I 40 -13.79 -54.26 44.78
N CYS I 41 -13.34 -53.27 45.56
CA CYS I 41 -14.10 -52.86 46.73
C CYS I 41 -15.29 -51.99 46.35
N THR I 42 -15.03 -50.86 45.70
CA THR I 42 -16.05 -49.84 45.48
C THR I 42 -17.15 -50.32 44.55
N THR I 43 -16.78 -51.03 43.48
CA THR I 43 -17.77 -51.63 42.59
C THR I 43 -18.61 -52.67 43.32
N PHE I 44 -18.07 -53.28 44.37
CA PHE I 44 -18.92 -54.06 45.27
C PHE I 44 -19.82 -53.16 46.11
N GLY I 45 -19.24 -52.15 46.75
CA GLY I 45 -19.98 -51.40 47.75
C GLY I 45 -21.13 -50.60 47.17
N THR I 46 -20.95 -50.10 45.93
CA THR I 46 -22.01 -49.39 45.24
C THR I 46 -23.23 -50.28 44.99
N ILE I 47 -23.01 -51.59 44.87
CA ILE I 47 -24.13 -52.54 44.79
C ILE I 47 -25.01 -52.42 46.03
N PHE I 48 -24.39 -52.45 47.21
CA PHE I 48 -25.17 -52.29 48.43
C PHE I 48 -25.64 -50.86 48.64
N ALA I 49 -25.19 -49.91 47.82
CA ALA I 49 -25.92 -48.66 47.75
C ALA I 49 -27.28 -48.88 47.10
N ALA I 50 -27.26 -49.40 45.87
CA ALA I 50 -28.46 -49.37 45.04
C ALA I 50 -29.52 -50.31 45.56
N LEU I 51 -29.11 -51.47 46.07
CA LEU I 51 -30.05 -52.42 46.63
C LEU I 51 -30.68 -51.86 47.89
N ALA I 52 -29.94 -51.05 48.65
CA ALA I 52 -30.51 -50.41 49.82
C ALA I 52 -31.56 -49.36 49.48
N VAL I 53 -31.59 -48.92 48.22
CA VAL I 53 -32.68 -48.05 47.79
C VAL I 53 -33.94 -48.88 47.53
N ILE I 54 -33.76 -50.09 47.02
CA ILE I 54 -34.90 -50.89 46.54
C ILE I 54 -35.79 -51.30 47.70
N THR I 55 -35.18 -51.72 48.80
CA THR I 55 -35.94 -52.03 50.02
C THR I 55 -36.61 -50.79 50.57
N HIS I 56 -36.00 -49.62 50.38
CA HIS I 56 -36.65 -48.37 50.76
C HIS I 56 -37.83 -48.04 49.86
N ALA I 57 -37.81 -48.54 48.62
CA ALA I 57 -38.82 -48.11 47.66
C ALA I 57 -40.13 -48.86 47.86
N ILE I 58 -40.08 -50.19 47.79
CA ILE I 58 -41.29 -51.00 47.70
C ILE I 58 -42.09 -50.98 48.99
N VAL I 59 -41.43 -50.72 50.13
CA VAL I 59 -42.14 -50.50 51.39
C VAL I 59 -43.07 -49.31 51.27
N LYS I 60 -42.58 -48.22 50.70
CA LYS I 60 -43.42 -47.08 50.42
C LYS I 60 -44.44 -47.38 49.33
N LEU I 61 -44.24 -48.43 48.54
CA LEU I 61 -45.27 -48.86 47.61
C LEU I 61 -46.36 -49.64 48.32
N GLN I 62 -46.04 -50.30 49.42
CA GLN I 62 -47.05 -51.09 50.11
C GLN I 62 -47.96 -50.25 50.98
N ALA I 63 -47.60 -49.01 51.27
CA ALA I 63 -48.48 -48.13 52.01
C ALA I 63 -49.51 -47.49 51.09
N THR I 64 -49.04 -46.70 50.13
CA THR I 64 -49.91 -45.97 49.20
C THR I 64 -49.53 -46.36 47.78
N GLY I 65 -50.47 -46.97 47.06
CA GLY I 65 -50.17 -47.46 45.73
C GLY I 65 -50.09 -46.38 44.66
N ASN I 66 -48.86 -46.09 44.20
CA ASN I 66 -48.65 -45.10 43.15
C ASN I 66 -47.40 -45.43 42.35
N PRO I 67 -47.44 -45.27 41.03
CA PRO I 67 -46.36 -45.83 40.18
C PRO I 67 -45.01 -45.13 40.28
N LYS I 68 -44.93 -43.98 40.97
CA LYS I 68 -43.64 -43.32 41.14
C LYS I 68 -42.69 -44.10 42.03
N TYR I 69 -43.20 -45.02 42.85
CA TYR I 69 -42.35 -45.86 43.66
C TYR I 69 -42.07 -47.21 43.00
N LEU I 70 -42.86 -47.59 41.99
CA LEU I 70 -42.53 -48.77 41.21
C LEU I 70 -41.46 -48.46 40.19
N GLN I 71 -41.52 -47.26 39.58
CA GLN I 71 -40.58 -46.90 38.53
C GLN I 71 -39.15 -46.72 39.05
N MET I 72 -39.05 -46.33 40.32
CA MET I 72 -37.77 -46.06 40.96
C MET I 72 -36.90 -47.31 41.09
N ALA I 73 -37.52 -48.45 41.40
CA ALA I 73 -36.76 -49.67 41.63
C ALA I 73 -36.15 -50.20 40.33
N ILE I 74 -36.92 -50.21 39.25
CA ILE I 74 -36.40 -50.61 37.95
C ILE I 74 -35.29 -49.69 37.49
N HIS I 75 -35.48 -48.37 37.66
CA HIS I 75 -34.42 -47.49 37.18
C HIS I 75 -33.23 -47.41 38.13
N SER I 76 -33.27 -48.04 39.30
CA SER I 76 -32.05 -48.27 40.05
C SER I 76 -31.37 -49.58 39.65
N PHE I 77 -32.16 -50.62 39.38
CA PHE I 77 -31.62 -51.92 38.99
C PHE I 77 -30.87 -51.83 37.67
N VAL I 78 -31.36 -51.00 36.74
CA VAL I 78 -30.68 -50.84 35.45
C VAL I 78 -29.31 -50.20 35.63
N ALA I 79 -29.20 -49.23 36.54
CA ALA I 79 -27.91 -48.59 36.80
C ALA I 79 -26.95 -49.56 37.46
N MET I 80 -27.47 -50.42 38.33
CA MET I 80 -26.64 -51.46 38.93
C MET I 80 -26.06 -52.39 37.87
N LEU I 81 -26.90 -52.83 36.93
CA LEU I 81 -26.42 -53.71 35.86
C LEU I 81 -25.40 -53.03 34.95
N ALA I 82 -25.63 -51.75 34.63
CA ALA I 82 -24.73 -51.03 33.73
C ALA I 82 -23.36 -50.87 34.34
N LEU I 83 -23.32 -50.45 35.62
CA LEU I 83 -22.05 -50.33 36.33
C LEU I 83 -21.35 -51.69 36.44
N LEU I 84 -22.13 -52.74 36.69
CA LEU I 84 -21.58 -54.09 36.85
C LEU I 84 -20.87 -54.57 35.60
N LEU I 85 -21.46 -54.35 34.43
CA LEU I 85 -20.81 -54.87 33.22
C LEU I 85 -19.97 -53.82 32.51
N THR I 86 -19.80 -52.62 33.06
CA THR I 86 -18.87 -51.72 32.42
C THR I 86 -17.61 -51.40 33.24
N ASN I 87 -17.56 -51.69 34.54
CA ASN I 87 -16.35 -51.29 35.27
C ASN I 87 -15.11 -52.19 35.11
N PRO I 88 -15.18 -53.54 35.23
CA PRO I 88 -13.93 -54.32 35.19
C PRO I 88 -13.21 -54.32 33.85
N VAL I 89 -13.93 -54.04 32.76
CA VAL I 89 -13.30 -53.90 31.46
C VAL I 89 -12.45 -52.65 31.42
N GLY I 90 -12.92 -51.58 32.06
CA GLY I 90 -12.10 -50.40 32.23
C GLY I 90 -10.87 -50.69 33.06
N ALA I 91 -11.01 -51.55 34.07
CA ALA I 91 -9.84 -51.93 34.88
C ALA I 91 -8.80 -52.69 34.05
N HIS I 92 -9.25 -53.60 33.20
CA HIS I 92 -8.36 -54.28 32.25
C HIS I 92 -7.62 -53.30 31.35
N ALA I 93 -8.37 -52.37 30.75
CA ALA I 93 -7.78 -51.46 29.77
C ALA I 93 -6.74 -50.55 30.41
N ILE I 94 -7.01 -50.06 31.62
CA ILE I 94 -6.03 -49.20 32.25
C ILE I 94 -4.82 -50.00 32.74
N ALA I 95 -5.02 -51.27 33.13
CA ALA I 95 -3.87 -52.08 33.57
C ALA I 95 -2.93 -52.40 32.41
N LYS I 96 -3.48 -52.80 31.27
CA LYS I 96 -2.63 -53.11 30.14
C LYS I 96 -2.01 -51.86 29.54
N ALA I 97 -2.72 -50.74 29.56
CA ALA I 97 -2.13 -49.49 29.09
C ALA I 97 -1.07 -48.98 30.05
N ALA I 98 -1.18 -49.33 31.34
CA ALA I 98 -0.16 -48.92 32.28
C ALA I 98 1.10 -49.75 32.12
N HIS I 99 0.97 -51.04 31.78
CA HIS I 99 2.16 -51.89 31.69
C HIS I 99 3.07 -51.47 30.56
N LYS I 100 2.51 -51.11 29.42
CA LYS I 100 3.32 -50.60 28.34
C LYS I 100 3.84 -49.21 28.75
N THR I 101 4.99 -48.84 28.17
CA THR I 101 5.79 -47.67 28.53
C THR I 101 6.25 -47.76 29.99
N GLY I 102 7.14 -48.72 30.23
CA GLY I 102 7.92 -48.77 31.44
C GLY I 102 7.42 -49.79 32.44
N TYR I 103 7.54 -49.46 33.74
CA TYR I 103 6.82 -50.13 34.83
C TYR I 103 7.17 -51.61 34.97
N LEU I 104 8.35 -51.84 35.49
CA LEU I 104 8.54 -53.06 36.25
C LEU I 104 7.60 -53.00 37.47
N PRO I 105 6.85 -54.05 37.74
CA PRO I 105 6.02 -54.06 38.96
C PRO I 105 6.87 -54.29 40.20
N LYS I 106 7.33 -53.19 40.81
CA LYS I 106 8.63 -53.00 41.47
C LYS I 106 9.27 -54.22 42.11
N ARG I 107 8.55 -54.86 43.03
CA ARG I 107 9.05 -56.06 43.72
C ARG I 107 8.53 -57.33 43.07
N ALA I 108 8.71 -57.45 41.76
CA ALA I 108 8.19 -58.58 41.01
C ALA I 108 9.03 -59.83 41.27
N VAL I 109 8.36 -60.91 41.66
CA VAL I 109 9.02 -62.20 41.80
C VAL I 109 9.34 -62.79 40.43
N VAL I 110 8.31 -63.02 39.62
CA VAL I 110 8.48 -63.47 38.24
C VAL I 110 7.62 -62.57 37.36
N ASP I 111 8.06 -62.35 36.13
CA ASP I 111 7.34 -61.51 35.19
C ASP I 111 7.30 -62.22 33.85
N ALA I 112 6.14 -62.77 33.51
CA ALA I 112 5.99 -63.63 32.34
C ALA I 112 5.33 -62.89 31.18
N TYR I 113 5.66 -61.63 31.02
CA TYR I 113 5.11 -60.84 29.93
C TYR I 113 6.15 -60.05 29.17
N LEU I 114 7.35 -59.88 29.71
CA LEU I 114 8.43 -59.18 29.03
C LEU I 114 9.10 -60.01 27.95
N GLU I 115 8.84 -61.32 27.90
CA GLU I 115 9.60 -62.19 27.01
C GLU I 115 9.19 -62.03 25.55
N LYS I 116 8.05 -61.41 25.28
CA LYS I 116 7.67 -61.13 23.91
C LYS I 116 8.49 -59.98 23.37
N ILE J 2 -32.10 -40.16 57.46
CA ILE J 2 -31.10 -41.22 57.60
C ILE J 2 -30.26 -41.30 56.32
N PHE J 3 -30.82 -40.85 55.21
CA PHE J 3 -30.14 -40.90 53.92
C PHE J 3 -29.23 -39.72 53.66
N PHE J 4 -28.94 -38.87 54.64
CA PHE J 4 -27.99 -37.80 54.43
C PHE J 4 -26.64 -38.06 55.08
N TYR J 5 -26.60 -38.85 56.14
CA TYR J 5 -25.36 -39.02 56.90
C TYR J 5 -24.36 -39.87 56.12
N ALA J 6 -24.85 -40.92 55.47
CA ALA J 6 -23.98 -41.76 54.64
C ALA J 6 -23.46 -41.00 53.43
N THR J 7 -24.19 -40.00 52.97
CA THR J 7 -23.71 -39.16 51.89
C THR J 7 -22.48 -38.35 52.32
N LEU J 8 -22.50 -37.81 53.54
CA LEU J 8 -21.33 -37.12 54.05
C LEU J 8 -20.18 -38.08 54.31
N LEU J 9 -20.51 -39.31 54.73
CA LEU J 9 -19.48 -40.31 54.93
C LEU J 9 -18.80 -40.73 53.62
N ILE J 10 -19.56 -40.79 52.52
CA ILE J 10 -18.95 -41.06 51.22
C ILE J 10 -18.18 -39.83 50.74
N GLY J 11 -18.64 -38.63 51.10
CA GLY J 11 -17.91 -37.42 50.75
C GLY J 11 -16.55 -37.32 51.40
N ILE J 12 -16.39 -37.92 52.58
CA ILE J 12 -15.06 -38.02 53.18
C ILE J 12 -14.11 -38.85 52.31
N ALA J 13 -14.59 -39.99 51.79
CA ALA J 13 -13.80 -40.79 50.86
C ALA J 13 -13.56 -40.05 49.55
N GLY J 14 -14.50 -39.19 49.15
CA GLY J 14 -14.27 -38.34 48.00
C GLY J 14 -13.13 -37.36 48.22
N ILE J 15 -13.03 -36.82 49.44
CA ILE J 15 -11.91 -35.93 49.78
C ILE J 15 -10.60 -36.70 49.73
N ILE J 16 -10.58 -37.88 50.35
CA ILE J 16 -9.34 -38.65 50.44
C ILE J 16 -8.96 -39.27 49.10
N THR J 17 -9.88 -39.30 48.13
CA THR J 17 -9.58 -39.75 46.78
C THR J 17 -9.11 -38.61 45.89
N PHE J 18 -9.73 -37.43 46.01
CA PHE J 18 -9.26 -36.28 45.26
C PHE J 18 -7.89 -35.83 45.70
N ILE J 19 -7.52 -36.11 46.97
CA ILE J 19 -6.19 -35.74 47.44
C ILE J 19 -5.09 -36.60 46.82
N ARG J 20 -5.44 -37.72 46.18
CA ARG J 20 -4.46 -38.49 45.44
C ARG J 20 -4.20 -37.90 44.06
N LEU J 21 -5.20 -37.29 43.44
CA LEU J 21 -5.00 -36.71 42.11
C LEU J 21 -4.14 -35.46 42.17
N ALA J 22 -4.07 -34.79 43.32
CA ALA J 22 -3.22 -33.62 43.46
C ALA J 22 -1.75 -33.97 43.28
N LEU J 23 -1.22 -34.82 44.15
CA LEU J 23 0.13 -35.37 43.99
C LEU J 23 0.05 -36.61 43.10
N GLY J 24 1.07 -37.46 43.17
CA GLY J 24 1.13 -38.62 42.33
C GLY J 24 2.28 -38.49 41.39
N PRO J 25 3.30 -39.34 41.55
CA PRO J 25 4.57 -39.09 40.87
C PRO J 25 4.53 -39.30 39.36
N THR J 26 3.53 -40.02 38.86
CA THR J 26 3.45 -40.41 37.46
C THR J 26 2.09 -40.03 36.89
N VAL J 27 1.91 -40.32 35.60
CA VAL J 27 0.62 -40.16 34.95
C VAL J 27 -0.32 -41.36 35.14
N PRO J 28 0.06 -42.64 34.94
CA PRO J 28 -0.93 -43.71 35.13
C PRO J 28 -1.33 -43.95 36.57
N ASP J 29 -0.63 -43.37 37.55
CA ASP J 29 -1.13 -43.38 38.90
C ASP J 29 -2.31 -42.43 39.07
N ARG J 30 -2.47 -41.47 38.16
CA ARG J 30 -3.45 -40.43 38.35
C ARG J 30 -4.82 -40.80 37.79
N VAL J 31 -4.89 -41.83 36.94
CA VAL J 31 -6.15 -42.14 36.30
C VAL J 31 -7.03 -43.00 37.20
N VAL J 32 -6.42 -43.80 38.07
CA VAL J 32 -7.21 -44.63 38.98
C VAL J 32 -7.96 -43.79 40.00
N ALA J 33 -7.50 -42.57 40.27
CA ALA J 33 -8.27 -41.66 41.11
C ALA J 33 -9.58 -41.27 40.44
N VAL J 34 -9.53 -40.95 39.15
CA VAL J 34 -10.74 -40.62 38.39
C VAL J 34 -11.66 -41.84 38.30
N ASP J 35 -11.06 -43.02 38.10
CA ASP J 35 -11.84 -44.24 37.98
C ASP J 35 -12.51 -44.63 39.30
N THR J 36 -11.90 -44.28 40.43
CA THR J 36 -12.59 -44.46 41.70
C THR J 36 -13.67 -43.40 41.88
N LEU J 37 -13.36 -42.16 41.50
CA LEU J 37 -14.21 -41.02 41.84
C LEU J 37 -15.51 -41.05 41.07
N ASN J 38 -15.49 -41.62 39.86
CA ASN J 38 -16.72 -41.74 39.10
C ASN J 38 -17.71 -42.69 39.76
N THR J 39 -17.25 -43.86 40.21
CA THR J 39 -18.18 -44.77 40.85
C THR J 39 -18.59 -44.29 42.23
N LEU J 40 -17.76 -43.48 42.89
CA LEU J 40 -18.22 -42.83 44.12
C LEU J 40 -19.37 -41.87 43.84
N ILE J 41 -19.28 -41.09 42.76
CA ILE J 41 -20.35 -40.13 42.51
C ILE J 41 -21.60 -40.82 41.97
N VAL J 42 -21.45 -41.96 41.29
CA VAL J 42 -22.64 -42.77 40.98
C VAL J 42 -23.26 -43.31 42.26
N ALA J 43 -22.43 -43.65 43.25
CA ALA J 43 -22.98 -44.09 44.52
C ALA J 43 -23.67 -42.95 45.27
N ILE J 44 -23.26 -41.70 45.04
CA ILE J 44 -23.89 -40.59 45.74
C ILE J 44 -25.26 -40.27 45.16
N MET J 45 -25.38 -40.22 43.83
CA MET J 45 -26.64 -39.80 43.22
C MET J 45 -27.75 -40.83 43.28
N LEU J 46 -27.52 -42.00 43.86
CA LEU J 46 -28.61 -42.93 44.14
C LEU J 46 -29.14 -42.82 45.56
N LEU J 47 -28.36 -42.25 46.47
CA LEU J 47 -28.84 -42.06 47.83
C LEU J 47 -29.59 -40.74 47.97
N LEU J 48 -29.15 -39.70 47.29
CA LEU J 48 -29.84 -38.42 47.36
C LEU J 48 -31.15 -38.43 46.60
N GLY J 49 -31.30 -39.32 45.61
CA GLY J 49 -32.55 -39.44 44.89
C GLY J 49 -33.70 -39.99 45.73
N ALA J 50 -33.39 -40.62 46.85
CA ALA J 50 -34.41 -41.01 47.80
C ALA J 50 -34.49 -40.07 49.00
N ALA J 51 -33.44 -39.27 49.25
CA ALA J 51 -33.52 -38.31 50.34
C ALA J 51 -34.45 -37.16 50.00
N TYR J 52 -34.57 -36.84 48.71
CA TYR J 52 -35.52 -35.85 48.23
C TYR J 52 -36.88 -36.45 47.97
N GLU J 53 -36.97 -37.78 47.99
CA GLU J 53 -38.21 -38.55 47.83
C GLU J 53 -38.89 -38.27 46.49
N ARG J 54 -38.07 -38.09 45.46
CA ARG J 54 -38.58 -37.84 44.13
C ARG J 54 -37.81 -38.70 43.15
N ALA J 55 -38.55 -39.44 42.32
CA ALA J 55 -37.99 -40.58 41.61
C ALA J 55 -37.82 -40.34 40.13
N ILE J 56 -37.42 -39.14 39.71
CA ILE J 56 -36.99 -38.89 38.35
C ILE J 56 -35.53 -38.52 38.28
N TYR J 57 -34.87 -38.36 39.41
CA TYR J 57 -33.45 -38.06 39.42
C TYR J 57 -32.60 -39.26 39.09
N ILE J 58 -33.12 -40.47 39.32
CA ILE J 58 -32.38 -41.73 39.21
C ILE J 58 -31.95 -41.92 37.78
N ASP J 59 -32.78 -41.44 36.85
CA ASP J 59 -32.49 -41.50 35.41
C ASP J 59 -31.32 -40.62 34.99
N ILE J 60 -30.73 -39.84 35.90
CA ILE J 60 -29.46 -39.19 35.60
C ILE J 60 -28.31 -40.16 35.80
N ALA J 61 -28.37 -40.98 36.85
CA ALA J 61 -27.24 -41.80 37.26
C ALA J 61 -26.91 -42.86 36.21
N ILE J 62 -27.94 -43.46 35.64
CA ILE J 62 -27.76 -44.41 34.54
C ILE J 62 -27.17 -43.73 33.30
N VAL J 63 -27.43 -42.44 33.11
CA VAL J 63 -26.72 -41.70 32.07
C VAL J 63 -25.27 -41.56 32.44
N TYR J 64 -24.99 -41.25 33.70
CA TYR J 64 -23.61 -40.93 34.04
C TYR J 64 -22.75 -42.17 34.13
N ALA J 65 -23.32 -43.33 34.47
CA ALA J 65 -22.52 -44.53 34.61
C ALA J 65 -22.18 -45.19 33.27
N LEU J 66 -22.54 -44.59 32.15
CA LEU J 66 -22.18 -45.10 30.83
C LEU J 66 -21.13 -44.28 30.13
N LEU J 67 -20.93 -43.02 30.51
CA LEU J 67 -20.06 -42.14 29.74
C LEU J 67 -18.68 -41.99 30.35
N SER J 68 -18.54 -42.24 31.65
CA SER J 68 -17.21 -42.32 32.24
C SER J 68 -16.40 -43.48 31.66
N TYR J 69 -17.10 -44.52 31.18
CA TYR J 69 -16.45 -45.63 30.50
C TYR J 69 -15.75 -45.18 29.22
N VAL J 70 -16.41 -44.35 28.40
CA VAL J 70 -15.73 -43.93 27.18
C VAL J 70 -14.65 -42.91 27.51
N GLY J 71 -14.84 -42.14 28.58
CA GLY J 71 -13.78 -41.23 29.01
C GLY J 71 -12.53 -41.95 29.46
N THR J 72 -12.69 -43.12 30.07
CA THR J 72 -11.54 -43.93 30.44
C THR J 72 -10.86 -44.52 29.20
N LEU J 73 -11.67 -45.09 28.29
CA LEU J 73 -11.11 -45.84 27.18
C LEU J 73 -10.34 -44.96 26.21
N VAL J 74 -10.71 -43.69 26.06
CA VAL J 74 -9.97 -42.81 25.14
C VAL J 74 -8.55 -42.60 25.62
N ILE J 75 -8.37 -42.28 26.90
CA ILE J 75 -7.05 -42.02 27.47
C ILE J 75 -6.21 -43.29 27.47
N ALA J 76 -6.84 -44.42 27.81
CA ALA J 76 -6.11 -45.68 27.82
C ALA J 76 -5.68 -46.10 26.42
N LYS J 77 -6.52 -45.86 25.41
CA LYS J 77 -6.12 -46.17 24.05
C LYS J 77 -5.06 -45.20 23.54
N TYR J 78 -5.05 -43.96 24.05
CA TYR J 78 -4.01 -43.02 23.66
C TYR J 78 -2.64 -43.47 24.10
N LEU J 79 -2.45 -43.66 25.41
CA LEU J 79 -1.12 -44.06 25.86
C LEU J 79 -0.91 -45.57 25.77
N GLN J 80 -1.83 -46.30 25.16
CA GLN J 80 -1.65 -47.71 24.88
C GLN J 80 -0.93 -47.94 23.56
N GLY J 81 -1.12 -47.09 22.56
CA GLY J 81 -0.32 -47.20 21.36
C GLY J 81 -0.99 -46.87 20.04
N GLY J 82 -2.32 -46.91 20.00
CA GLY J 82 -3.04 -46.63 18.78
C GLY J 82 -3.18 -45.14 18.51
N LEU J 83 -3.84 -44.85 17.39
CA LEU J 83 -4.07 -43.50 16.84
C LEU J 83 -2.87 -42.55 16.88
N ARG K 13 -3.61 16.35 -49.48
CA ARG K 13 -2.91 15.78 -48.34
C ARG K 13 -2.22 16.88 -47.54
N ILE K 14 -2.49 18.13 -47.90
CA ILE K 14 -1.77 19.27 -47.37
C ILE K 14 -2.81 20.33 -47.00
N ALA K 15 -3.97 19.85 -46.54
CA ALA K 15 -5.26 20.26 -47.07
C ALA K 15 -5.52 21.74 -47.33
N GLN K 16 -5.83 22.54 -46.32
CA GLN K 16 -6.08 23.94 -46.61
C GLN K 16 -5.66 24.91 -45.51
N LEU K 17 -5.76 24.52 -44.24
CA LEU K 17 -5.60 25.47 -43.14
C LEU K 17 -4.14 25.49 -42.72
N CYS K 18 -3.28 25.80 -43.67
CA CYS K 18 -1.85 25.82 -43.40
C CYS K 18 -1.19 27.03 -44.02
N LYS K 19 -1.97 28.00 -44.51
CA LYS K 19 -1.42 29.29 -44.88
C LYS K 19 -0.90 30.02 -43.65
N PHE K 20 -1.44 29.70 -42.48
CA PHE K 20 -1.07 30.37 -41.25
C PHE K 20 0.35 30.02 -40.78
N ILE K 21 0.87 28.84 -41.12
CA ILE K 21 2.23 28.52 -40.68
C ILE K 21 3.26 29.28 -41.49
N GLY K 22 2.88 29.91 -42.59
CA GLY K 22 3.74 30.88 -43.23
C GLY K 22 3.81 32.21 -42.52
N ARG K 23 2.94 32.44 -41.53
CA ARG K 23 2.99 33.65 -40.72
C ARG K 23 3.31 33.38 -39.26
N SER K 24 3.75 32.17 -38.93
CA SER K 24 4.17 31.84 -37.57
C SER K 24 5.07 30.61 -37.44
N PRO K 25 6.26 30.57 -38.02
CA PRO K 25 7.05 29.35 -37.92
C PRO K 25 7.80 29.26 -36.59
N TRP K 26 7.94 28.04 -36.08
CA TRP K 26 8.67 27.78 -34.85
C TRP K 26 9.84 26.85 -35.16
N VAL K 27 11.02 27.17 -34.64
CA VAL K 27 12.25 26.49 -35.06
C VAL K 27 12.84 25.72 -33.89
N PHE K 28 13.77 24.82 -34.22
CA PHE K 28 14.42 23.94 -33.24
C PHE K 28 15.67 23.39 -33.92
N HIS K 29 16.85 23.80 -33.51
CA HIS K 29 18.01 23.45 -34.31
C HIS K 29 18.68 22.20 -33.74
N VAL K 30 19.22 21.38 -34.62
CA VAL K 30 19.75 20.07 -34.27
C VAL K 30 21.25 20.12 -34.51
N ASN K 31 22.03 20.27 -33.46
CA ASN K 31 23.48 20.19 -33.61
C ASN K 31 23.86 18.75 -33.78
N SER K 32 24.69 18.47 -34.78
CA SER K 32 25.33 17.15 -34.90
C SER K 32 26.78 17.41 -35.25
N GLY K 33 27.61 17.61 -34.23
CA GLY K 33 29.03 17.69 -34.44
C GLY K 33 29.56 18.95 -35.09
N SER K 34 29.01 20.11 -34.78
CA SER K 34 29.53 21.33 -35.34
C SER K 34 30.73 21.81 -34.55
N CYS K 35 31.32 22.93 -34.97
CA CYS K 35 32.31 23.60 -34.15
C CYS K 35 31.82 24.96 -33.67
N ASN K 36 30.51 25.10 -33.49
CA ASN K 36 29.88 26.23 -32.78
C ASN K 36 30.10 27.55 -33.48
N GLY K 37 30.24 27.53 -34.79
CA GLY K 37 30.34 28.76 -35.52
C GLY K 37 29.01 29.21 -36.03
N CYS K 38 28.16 28.25 -36.43
CA CYS K 38 26.85 28.61 -36.93
C CYS K 38 25.82 28.67 -35.83
N ASP K 39 26.09 28.02 -34.70
CA ASP K 39 25.15 28.07 -33.58
C ASP K 39 25.08 29.47 -32.99
N ILE K 40 26.18 30.21 -33.04
CA ILE K 40 26.16 31.62 -32.72
C ILE K 40 25.27 32.37 -33.68
N GLU K 41 25.31 32.02 -34.96
CA GLU K 41 24.48 32.72 -35.93
C GLU K 41 23.01 32.34 -35.81
N ILE K 42 22.69 31.16 -35.28
CA ILE K 42 21.31 30.88 -34.94
C ILE K 42 20.89 31.71 -33.75
N ILE K 43 21.76 31.84 -32.76
CA ILE K 43 21.41 32.61 -31.57
C ILE K 43 21.46 34.10 -31.84
N ALA K 44 22.44 34.58 -32.59
CA ALA K 44 22.55 36.02 -32.80
C ALA K 44 21.62 36.53 -33.88
N ALA K 45 20.81 35.69 -34.51
CA ALA K 45 19.77 36.15 -35.42
C ALA K 45 18.47 36.42 -34.70
N LEU K 46 18.52 36.73 -33.43
CA LEU K 46 17.34 36.95 -32.64
C LEU K 46 17.57 38.03 -31.59
N THR K 47 18.77 38.58 -31.52
CA THR K 47 19.12 39.70 -30.67
C THR K 47 18.54 40.99 -31.25
N PRO K 48 18.52 42.10 -30.50
CA PRO K 48 17.88 43.32 -31.01
C PRO K 48 18.47 43.96 -32.27
N ARG K 49 19.64 43.56 -32.75
CA ARG K 49 20.13 44.25 -33.94
C ARG K 49 19.67 43.56 -35.22
N TYR K 50 19.56 42.23 -35.20
CA TYR K 50 19.17 41.45 -36.37
C TYR K 50 17.81 40.78 -36.14
N ASP K 51 16.85 41.54 -35.62
CA ASP K 51 15.71 40.94 -34.92
C ASP K 51 14.81 40.12 -35.84
N ALA K 52 14.31 39.00 -35.31
CA ALA K 52 13.52 38.07 -36.09
C ALA K 52 12.20 37.69 -35.47
N GLU K 53 11.91 38.11 -34.24
CA GLU K 53 10.64 37.75 -33.62
C GLU K 53 9.46 38.45 -34.30
N ARG K 54 9.70 39.56 -34.99
CA ARG K 54 8.63 40.29 -35.69
C ARG K 54 8.08 39.52 -36.88
N PHE K 55 8.73 38.45 -37.32
CA PHE K 55 8.09 37.52 -38.24
C PHE K 55 7.30 36.47 -37.50
N GLY K 56 7.73 36.11 -36.30
CA GLY K 56 7.00 35.20 -35.46
C GLY K 56 7.80 34.01 -34.99
N VAL K 57 9.09 33.96 -35.32
CA VAL K 57 9.91 32.81 -34.96
C VAL K 57 10.23 32.86 -33.48
N LYS K 58 10.45 31.69 -32.90
CA LYS K 58 10.40 31.54 -31.45
C LYS K 58 11.11 30.24 -31.13
N LEU K 59 12.32 30.32 -30.56
CA LEU K 59 13.12 29.14 -30.26
C LEU K 59 12.40 28.25 -29.25
N VAL K 60 11.96 27.10 -29.72
CA VAL K 60 11.14 26.21 -28.93
C VAL K 60 12.03 25.09 -28.43
N GLY K 61 11.56 24.37 -27.42
CA GLY K 61 12.42 23.45 -26.70
C GLY K 61 12.21 21.97 -26.86
N SER K 62 11.46 21.52 -27.86
CA SER K 62 11.16 20.11 -28.03
C SER K 62 10.72 19.89 -29.46
N PRO K 63 11.06 18.75 -30.08
CA PRO K 63 10.69 18.56 -31.48
C PRO K 63 9.22 18.24 -31.71
N ARG K 64 8.41 18.09 -30.67
CA ARG K 64 6.98 17.94 -30.90
C ARG K 64 6.35 19.23 -31.39
N HIS K 65 6.87 20.37 -30.93
CA HIS K 65 6.24 21.64 -31.23
C HIS K 65 6.63 22.17 -32.60
N ALA K 66 7.91 22.05 -32.95
CA ALA K 66 8.49 22.80 -34.05
C ALA K 66 8.04 22.30 -35.40
N ASP K 67 8.25 23.13 -36.42
CA ASP K 67 8.00 22.75 -37.80
C ASP K 67 9.07 23.18 -38.79
N ILE K 68 10.17 23.77 -38.37
CA ILE K 68 11.32 23.98 -39.22
C ILE K 68 12.53 23.46 -38.45
N LEU K 69 13.15 22.40 -38.96
CA LEU K 69 14.40 21.95 -38.38
C LEU K 69 15.53 22.73 -39.01
N LEU K 70 16.65 22.83 -38.29
CA LEU K 70 17.63 23.83 -38.64
C LEU K 70 19.04 23.28 -38.54
N VAL K 71 19.28 22.15 -39.22
CA VAL K 71 20.41 21.26 -38.96
C VAL K 71 21.73 21.91 -39.36
N THR K 72 22.70 21.89 -38.44
CA THR K 72 24.07 22.35 -38.66
C THR K 72 25.05 21.20 -38.48
N GLY K 73 26.33 21.48 -38.71
CA GLY K 73 27.40 20.54 -38.43
C GLY K 73 27.51 19.39 -39.41
N PRO K 74 28.73 18.85 -39.59
CA PRO K 74 28.89 17.65 -40.41
C PRO K 74 28.45 16.44 -39.61
N VAL K 75 27.76 15.53 -40.28
CA VAL K 75 27.05 14.46 -39.59
C VAL K 75 28.08 13.50 -39.03
N THR K 76 28.35 13.58 -37.74
CA THR K 76 29.37 12.76 -37.14
C THR K 76 28.75 11.41 -36.78
N ASN K 77 29.51 10.35 -37.05
CA ASN K 77 29.17 8.93 -36.93
C ASN K 77 28.39 8.57 -35.68
N GLN K 78 28.76 9.20 -34.57
CA GLN K 78 28.07 8.92 -33.31
C GLN K 78 26.68 9.54 -33.30
N SER K 79 26.48 10.64 -34.02
CA SER K 79 25.20 11.33 -34.04
C SER K 79 24.40 11.01 -35.28
N LEU K 80 24.46 9.77 -35.76
CA LEU K 80 23.85 9.43 -37.02
C LEU K 80 22.46 8.82 -36.86
N GLU K 81 22.18 8.17 -35.74
CA GLU K 81 20.82 7.70 -35.54
C GLU K 81 19.94 8.79 -34.95
N ARG K 82 20.53 9.68 -34.16
CA ARG K 82 19.80 10.77 -33.51
C ARG K 82 19.14 11.67 -34.54
N VAL K 83 19.87 12.00 -35.61
CA VAL K 83 19.32 12.78 -36.71
C VAL K 83 18.21 12.00 -37.42
N LYS K 84 18.35 10.69 -37.54
CA LYS K 84 17.24 9.94 -38.11
C LYS K 84 16.16 9.65 -37.10
N LEU K 85 16.37 9.95 -35.82
CA LEU K 85 15.35 9.66 -34.82
C LEU K 85 14.48 10.87 -34.55
N VAL K 86 15.04 12.07 -34.62
CA VAL K 86 14.30 13.29 -34.37
C VAL K 86 13.56 13.76 -35.60
N TYR K 87 13.68 13.05 -36.70
CA TYR K 87 12.95 13.43 -37.90
C TYR K 87 11.53 12.91 -37.92
N GLU K 88 11.24 11.80 -37.23
CA GLU K 88 9.86 11.34 -37.17
C GLU K 88 9.01 12.17 -36.23
N GLN K 89 9.58 12.62 -35.13
CA GLN K 89 8.77 13.22 -34.07
C GLN K 89 8.29 14.61 -34.39
N THR K 90 8.83 15.26 -35.39
CA THR K 90 8.21 16.51 -35.77
C THR K 90 6.97 16.23 -36.59
N PRO K 91 5.88 16.92 -36.31
CA PRO K 91 4.60 16.65 -36.97
C PRO K 91 4.61 17.16 -38.42
N ASP K 92 3.45 17.10 -39.04
CA ASP K 92 3.31 17.41 -40.46
C ASP K 92 3.37 18.92 -40.68
N PRO K 93 3.03 19.44 -41.85
CA PRO K 93 4.03 20.02 -42.74
C PRO K 93 5.25 20.61 -42.07
N LYS K 94 6.42 20.08 -42.43
CA LYS K 94 7.68 20.60 -41.93
C LYS K 94 8.69 20.58 -43.06
N ILE K 95 9.68 21.46 -42.96
CA ILE K 95 10.76 21.59 -43.92
C ILE K 95 12.06 21.33 -43.18
N VAL K 96 13.15 21.23 -43.93
CA VAL K 96 14.49 21.08 -43.36
C VAL K 96 15.40 22.06 -44.07
N ILE K 97 16.05 22.92 -43.29
CA ILE K 97 17.01 23.89 -43.81
C ILE K 97 18.37 23.52 -43.29
N ALA K 98 19.33 23.36 -44.19
CA ALA K 98 20.69 22.99 -43.84
C ALA K 98 21.55 24.23 -43.91
N ILE K 99 22.23 24.55 -42.81
CA ILE K 99 22.96 25.80 -42.69
C ILE K 99 24.46 25.53 -42.64
N GLY K 100 25.20 26.13 -43.55
CA GLY K 100 26.64 26.16 -43.49
C GLY K 100 27.27 25.46 -44.69
N ALA K 101 28.59 25.38 -44.65
CA ALA K 101 29.33 24.58 -45.59
C ALA K 101 29.77 23.26 -45.00
N CYS K 102 29.16 22.83 -43.93
CA CYS K 102 29.28 21.42 -43.58
C CYS K 102 27.95 20.71 -43.33
N PRO K 103 26.86 21.02 -43.96
CA PRO K 103 25.94 19.95 -44.32
C PRO K 103 26.01 19.66 -45.80
N THR K 104 26.74 20.50 -46.53
CA THR K 104 26.75 20.47 -47.98
C THR K 104 27.96 19.70 -48.52
N GLY K 105 28.52 18.82 -47.71
CA GLY K 105 29.58 17.94 -48.15
C GLY K 105 30.85 18.04 -47.31
N GLY K 106 30.74 18.42 -46.04
CA GLY K 106 31.90 18.74 -45.24
C GLY K 106 32.55 20.02 -45.72
N SER K 107 33.48 20.55 -44.94
CA SER K 107 34.35 21.57 -45.48
C SER K 107 35.80 21.12 -45.50
N VAL K 108 36.39 20.94 -44.33
CA VAL K 108 37.74 20.42 -44.24
C VAL K 108 37.72 18.98 -43.77
N PHE K 109 36.52 18.46 -43.49
CA PHE K 109 36.32 17.13 -42.96
C PHE K 109 35.62 16.27 -43.98
N TYR K 110 36.02 16.35 -45.25
CA TYR K 110 35.46 15.48 -46.28
C TYR K 110 36.22 14.17 -46.39
N GLU K 111 37.35 14.06 -45.69
CA GLU K 111 38.19 12.88 -45.88
C GLU K 111 38.43 12.18 -44.55
N SER K 112 37.40 11.86 -43.79
CA SER K 112 37.55 11.24 -42.50
C SER K 112 36.89 9.88 -42.50
N PRO K 113 37.25 9.00 -41.56
CA PRO K 113 36.45 7.79 -41.36
C PRO K 113 35.29 7.98 -40.42
N PHE K 114 34.96 9.21 -40.08
CA PHE K 114 33.99 9.50 -39.03
C PHE K 114 32.84 10.38 -39.49
N THR K 115 33.02 11.20 -40.53
CA THR K 115 32.00 12.15 -40.94
C THR K 115 31.44 11.72 -42.29
N ASN K 116 30.25 11.13 -42.28
CA ASN K 116 29.49 10.91 -43.51
C ASN K 116 28.71 12.16 -43.85
N ALA K 117 29.21 12.89 -44.84
CA ALA K 117 28.81 14.15 -45.44
C ALA K 117 27.61 13.93 -46.37
N PRO K 118 27.32 14.84 -47.35
CA PRO K 118 26.13 15.68 -47.29
C PRO K 118 24.90 15.14 -46.61
N LEU K 119 24.21 16.04 -45.90
CA LEU K 119 23.03 15.70 -45.12
C LEU K 119 21.85 15.26 -45.99
N ASP K 120 21.96 15.36 -47.31
CA ASP K 120 20.90 14.91 -48.21
C ASP K 120 20.78 13.41 -48.24
N ARG K 121 21.88 12.67 -48.05
CA ARG K 121 21.81 11.21 -48.08
C ARG K 121 21.27 10.62 -46.79
N ILE K 122 20.88 11.44 -45.82
CA ILE K 122 20.28 10.98 -44.58
C ILE K 122 18.79 11.33 -44.53
N ILE K 123 18.45 12.57 -44.79
CA ILE K 123 17.07 13.05 -44.75
C ILE K 123 16.84 14.05 -45.87
N PRO K 124 15.58 14.19 -46.34
CA PRO K 124 15.31 15.06 -47.51
C PRO K 124 15.35 16.57 -47.28
N VAL K 125 16.52 17.17 -47.50
CA VAL K 125 16.74 18.61 -47.36
C VAL K 125 15.95 19.38 -48.40
N ASP K 126 15.63 20.64 -48.09
CA ASP K 126 14.92 21.54 -49.00
C ASP K 126 15.73 22.74 -49.45
N VAL K 127 16.38 23.47 -48.54
CA VAL K 127 17.10 24.70 -48.87
C VAL K 127 18.48 24.66 -48.23
N PHE K 128 19.52 24.85 -49.04
CA PHE K 128 20.90 24.94 -48.58
C PHE K 128 21.35 26.39 -48.53
N VAL K 129 22.16 26.76 -47.54
CA VAL K 129 22.77 28.09 -47.49
C VAL K 129 24.28 28.00 -47.34
N PRO K 130 25.03 28.24 -48.41
CA PRO K 130 26.50 28.23 -48.32
C PRO K 130 27.10 29.39 -47.53
N GLY K 131 28.43 29.37 -47.39
CA GLY K 131 29.14 30.26 -46.52
C GLY K 131 29.82 29.52 -45.38
N CYS K 132 30.73 30.22 -44.72
CA CYS K 132 31.49 29.61 -43.61
C CYS K 132 31.93 30.68 -42.63
N PRO K 133 31.08 31.05 -41.67
CA PRO K 133 29.66 30.76 -41.52
C PRO K 133 28.85 31.83 -42.23
N PRO K 134 27.58 31.59 -42.54
CA PRO K 134 26.80 32.62 -43.21
C PRO K 134 26.51 33.77 -42.28
N ARG K 135 26.44 34.97 -42.84
CA ARG K 135 25.97 36.13 -42.10
C ARG K 135 24.49 35.96 -41.78
N PRO K 136 24.01 36.56 -40.68
CA PRO K 136 22.63 36.29 -40.27
C PRO K 136 21.55 36.81 -41.21
N GLU K 137 21.84 37.74 -42.12
CA GLU K 137 20.85 38.08 -43.13
C GLU K 137 20.63 36.96 -44.13
N ALA K 138 21.65 36.15 -44.40
CA ALA K 138 21.50 35.04 -45.33
C ALA K 138 20.57 33.98 -44.76
N ILE K 139 20.53 33.81 -43.44
CA ILE K 139 19.62 32.84 -42.84
C ILE K 139 18.17 33.30 -42.98
N LEU K 140 17.92 34.60 -42.78
CA LEU K 140 16.59 35.17 -42.99
C LEU K 140 16.16 35.00 -44.44
N HIS K 141 17.08 35.24 -45.37
CA HIS K 141 16.81 35.05 -46.78
C HIS K 141 16.48 33.60 -47.10
N GLY K 142 17.19 32.66 -46.47
CA GLY K 142 16.91 31.26 -46.69
C GLY K 142 15.56 30.81 -46.16
N VAL K 143 15.18 31.30 -44.97
CA VAL K 143 13.89 30.85 -44.43
C VAL K 143 12.74 31.49 -45.19
N VAL K 144 12.91 32.71 -45.72
CA VAL K 144 11.88 33.33 -46.55
C VAL K 144 11.71 32.55 -47.85
N LEU K 145 12.83 32.09 -48.42
CA LEU K 145 12.75 31.35 -49.67
C LEU K 145 12.08 29.99 -49.48
N ALA K 146 12.42 29.28 -48.39
CA ALA K 146 11.79 27.98 -48.15
C ALA K 146 10.32 28.11 -47.82
N LEU K 147 9.96 29.17 -47.08
CA LEU K 147 8.57 29.36 -46.72
C LEU K 147 7.72 29.75 -47.92
N GLU K 148 8.28 30.49 -48.89
CA GLU K 148 7.49 30.75 -50.09
C GLU K 148 7.41 29.53 -50.99
N LYS K 149 8.36 28.60 -50.90
CA LYS K 149 8.15 27.30 -51.56
C LYS K 149 6.97 26.56 -50.97
N LEU K 150 6.85 26.55 -49.65
CA LEU K 150 5.75 25.78 -49.06
C LEU K 150 4.40 26.47 -49.20
N ALA K 151 4.37 27.83 -49.33
CA ALA K 151 3.16 28.57 -49.82
C ALA K 151 2.80 28.23 -51.26
N LYS K 152 3.79 28.01 -52.12
CA LYS K 152 3.49 27.52 -53.47
C LYS K 152 2.93 26.11 -53.41
N MET K 153 3.44 25.28 -52.51
CA MET K 153 3.06 23.88 -52.43
C MET K 153 1.63 23.70 -51.94
N ILE K 154 1.12 24.65 -51.15
CA ILE K 154 -0.28 24.56 -50.68
C ILE K 154 -1.25 24.64 -51.85
N LYS K 155 -1.08 25.64 -52.70
CA LYS K 155 -1.99 25.86 -53.82
C LYS K 155 -1.63 25.01 -55.03
N ALA L 4 64.80 27.99 -12.25
CA ALA L 4 65.61 28.65 -13.25
C ALA L 4 66.45 27.65 -14.05
N GLU L 5 67.65 28.06 -14.41
CA GLU L 5 68.56 27.24 -15.21
C GLU L 5 69.40 26.28 -14.36
N MET L 6 69.18 26.23 -13.05
CA MET L 6 69.97 25.41 -12.16
C MET L 6 69.39 24.03 -11.92
N VAL L 7 68.15 23.77 -12.35
CA VAL L 7 67.50 22.50 -12.09
C VAL L 7 68.07 21.40 -12.97
N ALA L 8 68.66 21.77 -14.12
CA ALA L 8 69.34 20.81 -14.97
C ALA L 8 70.51 20.17 -14.24
N ASN L 9 71.32 20.99 -13.56
CA ASN L 9 72.45 20.47 -12.79
C ASN L 9 71.98 19.63 -11.61
N LYS L 10 70.86 20.00 -11.00
CA LYS L 10 70.37 19.28 -9.83
C LYS L 10 69.82 17.91 -10.22
N ILE L 11 69.18 17.80 -11.37
CA ILE L 11 68.76 16.48 -11.82
C ILE L 11 69.97 15.71 -12.36
N LYS L 12 70.97 16.42 -12.87
CA LYS L 12 72.14 15.76 -13.48
C LYS L 12 73.02 15.10 -12.42
N GLU L 13 73.35 15.83 -11.36
CA GLU L 13 74.26 15.30 -10.34
C GLU L 13 73.62 14.22 -9.49
N ARG L 14 72.29 14.15 -9.47
CA ARG L 14 71.61 13.14 -8.69
C ARG L 14 71.39 11.86 -9.48
N PHE L 15 71.01 11.98 -10.75
CA PHE L 15 70.66 10.83 -11.58
C PHE L 15 71.57 10.71 -12.78
N PRO L 16 72.60 9.86 -12.73
CA PRO L 16 73.44 9.62 -13.90
C PRO L 16 72.72 8.68 -14.89
N ASN L 17 73.40 8.46 -16.03
CA ASN L 17 72.93 7.65 -17.15
C ASN L 17 71.61 8.15 -17.72
N ALA L 18 71.43 9.47 -17.77
CA ALA L 18 70.26 10.07 -18.39
C ALA L 18 70.72 11.17 -19.33
N GLU L 19 69.81 11.60 -20.20
CA GLU L 19 70.12 12.55 -21.27
C GLU L 19 69.50 13.90 -20.95
N VAL L 20 70.22 14.73 -20.23
CA VAL L 20 69.76 16.08 -19.91
C VAL L 20 70.27 17.03 -20.98
N VAL L 21 69.37 17.84 -21.54
CA VAL L 21 69.80 18.87 -22.50
C VAL L 21 68.92 20.10 -22.35
N VAL L 22 69.46 21.25 -22.72
CA VAL L 22 68.81 22.55 -22.61
C VAL L 22 68.65 23.13 -24.01
N LYS L 23 67.45 23.61 -24.33
CA LYS L 23 67.16 24.17 -25.64
C LYS L 23 66.61 25.58 -25.52
N THR L 24 67.20 26.52 -26.27
CA THR L 24 66.74 27.89 -26.35
C THR L 24 66.41 28.22 -27.80
N ASN L 25 65.29 28.92 -28.02
CA ASN L 25 64.80 29.13 -29.38
C ASN L 25 64.19 30.53 -29.58
N LYS L 26 65.05 31.47 -30.00
CA LYS L 26 64.71 32.61 -30.85
C LYS L 26 63.89 33.74 -30.25
N TRP L 27 63.35 33.58 -29.04
CA TRP L 27 62.84 34.77 -28.38
C TRP L 27 63.13 34.74 -26.88
N GLY L 28 64.11 33.94 -26.46
CA GLY L 28 64.57 33.96 -25.09
C GLY L 28 63.80 33.05 -24.17
N ARG L 29 63.54 31.83 -24.62
CA ARG L 29 62.82 30.86 -23.82
C ARG L 29 63.60 29.55 -23.81
N GLU L 30 63.78 28.98 -22.64
CA GLU L 30 64.59 27.79 -22.47
C GLU L 30 63.77 26.65 -21.90
N ARG L 31 63.99 25.46 -22.44
CA ARG L 31 63.23 24.27 -22.04
C ARG L 31 64.20 23.12 -21.91
N VAL L 32 64.06 22.32 -20.86
CA VAL L 32 64.97 21.22 -20.60
C VAL L 32 64.30 19.90 -20.96
N TRP L 33 65.08 19.02 -21.59
CA TRP L 33 64.61 17.76 -22.16
C TRP L 33 65.37 16.64 -21.48
N VAL L 34 64.65 15.55 -21.16
CA VAL L 34 65.30 14.40 -20.53
C VAL L 34 64.62 13.12 -20.99
N ARG L 35 65.44 12.09 -21.22
CA ARG L 35 65.02 10.79 -21.76
C ARG L 35 65.43 9.69 -20.78
N ILE L 36 64.47 8.90 -20.34
CA ILE L 36 64.67 8.04 -19.17
C ILE L 36 64.52 6.58 -19.59
N SER L 37 65.07 5.69 -18.77
CA SER L 37 64.69 4.29 -18.74
C SER L 37 63.43 4.14 -17.87
N ARG L 38 63.06 2.90 -17.53
CA ARG L 38 61.75 2.62 -16.95
C ARG L 38 61.71 2.93 -15.45
N GLU L 39 62.55 2.24 -14.69
CA GLU L 39 62.51 2.32 -13.24
C GLU L 39 62.95 3.69 -12.76
N GLU L 40 63.90 4.28 -13.50
CA GLU L 40 64.32 5.64 -13.21
C GLU L 40 63.22 6.65 -13.53
N TYR L 41 62.34 6.32 -14.48
CA TYR L 41 61.16 7.16 -14.74
C TYR L 41 60.22 7.19 -13.56
N LYS L 42 59.92 6.02 -12.99
CA LYS L 42 59.05 6.03 -11.81
C LYS L 42 59.72 6.75 -10.64
N GLU L 43 61.03 6.57 -10.46
CA GLU L 43 61.72 7.23 -9.37
C GLU L 43 61.80 8.75 -9.57
N LEU L 44 61.90 9.20 -10.82
CA LEU L 44 61.95 10.63 -11.08
C LEU L 44 60.57 11.26 -10.92
N MET L 45 59.50 10.53 -11.22
CA MET L 45 58.17 11.06 -10.94
C MET L 45 57.88 11.06 -9.45
N LYS L 46 58.55 10.20 -8.70
CA LYS L 46 58.53 10.36 -7.25
C LYS L 46 59.31 11.59 -6.82
N PHE L 47 60.41 11.88 -7.51
CA PHE L 47 61.36 12.89 -7.04
C PHE L 47 60.93 14.32 -7.34
N ILE L 48 60.15 14.51 -8.40
CA ILE L 48 59.68 15.83 -8.78
C ILE L 48 58.67 16.38 -7.78
N ARG L 49 57.86 15.50 -7.21
CA ARG L 49 56.84 15.88 -6.24
C ARG L 49 57.45 16.21 -4.88
N GLU L 50 58.62 15.66 -4.57
CA GLU L 50 59.33 15.99 -3.35
C GLU L 50 60.32 17.13 -3.53
N LEU L 51 60.73 17.40 -4.78
CA LEU L 51 61.62 18.52 -5.03
C LEU L 51 60.93 19.86 -4.79
N ASP L 52 59.62 19.91 -4.98
CA ASP L 52 58.87 21.15 -4.84
C ASP L 52 57.42 20.77 -4.58
N PRO L 53 56.71 21.49 -3.71
CA PRO L 53 55.29 21.22 -3.49
C PRO L 53 54.47 21.50 -4.74
N GLU L 54 53.26 20.94 -4.75
CA GLU L 54 52.54 20.43 -5.92
C GLU L 54 52.62 21.28 -7.18
N ALA L 55 53.16 20.68 -8.24
CA ALA L 55 53.32 21.34 -9.53
C ALA L 55 52.42 20.66 -10.55
N HIS L 56 51.69 21.46 -11.31
CA HIS L 56 50.74 20.89 -12.26
C HIS L 56 51.43 20.58 -13.57
N TYR L 57 50.88 19.65 -14.31
CA TYR L 57 51.49 19.25 -15.56
C TYR L 57 50.44 19.20 -16.65
N SER L 58 50.87 19.48 -17.88
CA SER L 58 49.93 19.77 -18.95
C SER L 58 49.42 18.52 -19.66
N ILE L 59 50.29 17.81 -20.36
CA ILE L 59 49.87 16.95 -21.46
C ILE L 59 50.37 15.53 -21.26
N GLY L 60 49.76 14.63 -22.01
CA GLY L 60 49.96 13.20 -21.90
C GLY L 60 50.20 12.53 -23.23
N ILE L 61 51.06 13.12 -24.07
CA ILE L 61 51.26 12.70 -25.45
C ILE L 61 51.77 11.26 -25.52
N GLU L 62 51.09 10.44 -26.28
CA GLU L 62 51.68 9.20 -26.76
C GLU L 62 51.88 9.30 -28.27
N GLN L 63 52.68 8.39 -28.81
CA GLN L 63 52.97 8.38 -30.24
C GLN L 63 53.49 7.00 -30.63
N ASP L 64 54.12 6.92 -31.80
CA ASP L 64 54.56 5.65 -32.38
C ASP L 64 55.75 5.91 -33.29
N TRP L 65 56.90 5.34 -32.96
CA TRP L 65 58.09 5.52 -33.79
C TRP L 65 58.46 4.25 -34.55
N GLY L 66 57.55 3.28 -34.62
CA GLY L 66 57.85 1.98 -35.17
C GLY L 66 57.50 0.89 -34.17
N ASP L 67 58.47 0.08 -33.77
CA ASP L 67 58.30 -0.81 -32.64
C ASP L 67 59.10 -0.32 -31.43
N GLU L 68 59.16 1.00 -31.28
CA GLU L 68 59.78 1.69 -30.15
C GLU L 68 58.85 2.80 -29.64
N LEU L 69 57.60 2.42 -29.35
CA LEU L 69 56.56 3.30 -28.78
C LEU L 69 57.06 4.12 -27.60
N GLY L 70 56.57 5.35 -27.48
CA GLY L 70 57.06 6.27 -26.48
C GLY L 70 55.94 6.88 -25.68
N PHE L 71 56.32 7.82 -24.81
CA PHE L 71 55.39 8.59 -24.00
C PHE L 71 56.15 9.79 -23.45
N LEU L 72 55.50 10.96 -23.40
CA LEU L 72 56.21 12.14 -22.95
C LEU L 72 55.28 13.08 -22.21
N ASN L 73 55.86 13.92 -21.34
CA ASN L 73 55.11 14.77 -20.43
C ASN L 73 55.80 16.13 -20.28
N HIS L 74 55.00 17.13 -19.87
CA HIS L 74 55.38 18.56 -19.82
C HIS L 74 55.11 19.13 -18.42
N ILE L 75 55.74 18.53 -17.41
CA ILE L 75 55.62 19.02 -16.05
C ILE L 75 56.23 20.42 -15.93
N LEU L 76 55.54 21.33 -15.24
CA LEU L 76 55.97 22.71 -15.08
C LEU L 76 55.97 23.10 -13.61
N LEU L 77 57.02 23.80 -13.17
CA LEU L 77 57.23 24.12 -11.77
C LEU L 77 58.03 25.42 -11.64
N PHE L 78 58.16 25.90 -10.40
CA PHE L 78 58.78 27.19 -10.03
C PHE L 78 58.16 28.36 -10.80
N TYR L 79 56.86 28.53 -10.60
CA TYR L 79 56.10 29.56 -11.32
C TYR L 79 55.70 30.67 -10.34
N ASP L 80 56.49 30.85 -9.30
CA ASP L 80 56.30 31.93 -8.35
C ASP L 80 56.93 33.23 -8.83
N GLU L 81 57.70 33.19 -9.91
CA GLU L 81 58.39 34.35 -10.43
C GLU L 81 58.23 34.38 -11.96
N PRO L 82 58.20 35.55 -12.56
CA PRO L 82 57.94 35.65 -14.01
C PRO L 82 59.01 35.07 -14.93
N PRO L 83 60.26 34.74 -14.49
CA PRO L 83 61.08 33.88 -15.38
C PRO L 83 60.52 32.48 -15.65
N GLY L 84 60.26 31.68 -14.62
CA GLY L 84 59.68 30.37 -14.81
C GLY L 84 60.56 29.32 -15.46
N VAL L 85 60.16 28.05 -15.37
CA VAL L 85 60.89 26.95 -15.98
C VAL L 85 59.88 25.83 -16.26
N SER L 86 60.22 24.96 -17.21
CA SER L 86 59.33 23.89 -17.64
C SER L 86 60.15 22.74 -18.18
N LEU L 87 60.02 21.56 -17.58
CA LEU L 87 60.78 20.40 -18.03
C LEU L 87 59.93 19.47 -18.87
N LEU L 88 60.61 18.62 -19.62
CA LEU L 88 60.00 17.68 -20.53
C LEU L 88 60.65 16.32 -20.35
N ILE L 89 59.84 15.29 -20.11
CA ILE L 89 60.37 13.94 -19.92
C ILE L 89 59.84 13.07 -21.05
N ASP L 90 60.61 12.05 -21.43
CA ASP L 90 60.04 11.01 -22.27
C ASP L 90 60.70 9.65 -22.01
N VAL L 91 59.89 8.60 -22.19
CA VAL L 91 60.35 7.23 -22.07
C VAL L 91 59.88 6.45 -23.31
N HIS L 92 60.46 5.27 -23.47
CA HIS L 92 60.24 4.43 -24.64
C HIS L 92 59.89 3.03 -24.18
N ALA L 93 59.32 2.24 -25.09
CA ALA L 93 58.93 0.89 -24.76
C ALA L 93 59.02 0.05 -26.02
N PRO L 94 59.37 -1.22 -25.91
CA PRO L 94 59.32 -2.11 -27.07
C PRO L 94 57.90 -2.58 -27.36
N LYS L 95 57.69 -2.94 -28.63
CA LYS L 95 56.40 -3.53 -29.01
C LYS L 95 56.29 -4.98 -28.57
N ASP L 96 57.43 -5.63 -28.28
CA ASP L 96 57.39 -7.02 -27.81
C ASP L 96 56.80 -7.12 -26.40
N ASN L 97 56.98 -6.09 -25.58
CA ASN L 97 56.36 -6.04 -24.26
C ASN L 97 55.75 -4.65 -24.06
N PRO L 98 54.51 -4.43 -24.51
CA PRO L 98 53.92 -3.08 -24.37
C PRO L 98 53.40 -2.80 -22.97
N VAL L 99 54.32 -2.64 -22.02
CA VAL L 99 53.95 -2.24 -20.66
C VAL L 99 54.80 -1.05 -20.24
N LEU L 100 54.28 -0.28 -19.29
CA LEU L 100 54.96 0.91 -18.79
C LEU L 100 54.30 1.24 -17.47
N PRO L 101 55.06 1.67 -16.46
CA PRO L 101 54.44 1.93 -15.15
C PRO L 101 53.64 3.20 -15.13
N ASP L 102 52.51 3.16 -14.44
CA ASP L 102 51.67 4.35 -14.32
C ASP L 102 52.16 5.26 -13.20
N THR L 103 51.75 6.53 -13.28
CA THR L 103 52.11 7.51 -12.26
C THR L 103 50.86 8.12 -11.61
N SER L 104 49.73 7.44 -11.66
CA SER L 104 48.47 7.97 -11.12
C SER L 104 48.34 7.69 -9.62
N ASP L 105 49.37 8.05 -8.87
CA ASP L 105 49.40 7.99 -7.43
C ASP L 105 49.95 9.32 -6.97
N ILE L 106 50.76 9.92 -7.84
CA ILE L 106 51.36 11.23 -7.59
C ILE L 106 50.58 12.33 -8.28
N PHE L 107 50.35 12.20 -9.59
CA PHE L 107 49.55 13.14 -10.35
C PHE L 107 48.26 12.44 -10.71
N PRO L 108 47.15 12.74 -10.03
CA PRO L 108 45.93 11.92 -10.17
C PRO L 108 45.14 12.16 -11.44
N ILE L 109 45.66 12.91 -12.41
CA ILE L 109 44.97 13.13 -13.67
C ILE L 109 45.51 12.24 -14.79
N SER L 110 46.64 11.57 -14.56
CA SER L 110 47.30 10.80 -15.61
C SER L 110 46.50 9.60 -16.07
N LEU L 111 45.51 9.17 -15.28
CA LEU L 111 44.58 8.13 -15.74
C LEU L 111 43.78 8.61 -16.94
N GLN L 112 43.45 9.89 -16.98
CA GLN L 112 42.59 10.41 -18.03
C GLN L 112 43.33 10.52 -19.35
N PHE L 113 44.63 10.76 -19.35
CA PHE L 113 45.41 10.62 -20.57
C PHE L 113 45.76 9.18 -20.86
N GLU L 114 45.81 8.34 -19.83
CA GLU L 114 46.17 6.93 -20.02
C GLU L 114 45.05 6.17 -20.73
N ARG L 115 43.79 6.57 -20.51
CA ARG L 115 42.68 5.93 -21.20
C ARG L 115 42.73 6.22 -22.69
N GLU L 116 42.96 7.49 -23.05
CA GLU L 116 43.20 7.88 -24.42
C GLU L 116 44.43 7.20 -25.00
N GLY L 117 45.45 7.00 -24.19
CA GLY L 117 46.64 6.31 -24.66
C GLY L 117 46.41 4.85 -24.97
N MET L 118 45.61 4.17 -24.15
CA MET L 118 45.23 2.80 -24.44
C MET L 118 44.42 2.73 -25.72
N GLU L 119 43.47 3.64 -25.88
CA GLU L 119 42.52 3.40 -26.96
C GLU L 119 43.06 3.90 -28.30
N MET L 120 43.99 4.86 -28.30
CA MET L 120 44.51 5.33 -29.58
C MET L 120 45.63 4.43 -30.12
N VAL L 121 46.77 4.38 -29.43
CA VAL L 121 47.94 3.64 -29.93
C VAL L 121 48.46 2.70 -28.84
N GLY L 122 48.07 1.43 -28.92
CA GLY L 122 48.60 0.31 -28.11
C GLY L 122 48.80 0.54 -26.63
N LEU L 123 49.98 0.18 -26.13
CA LEU L 123 50.58 0.73 -24.92
C LEU L 123 49.73 0.52 -23.67
N ASP L 124 49.62 -0.72 -23.23
CA ASP L 124 48.87 -1.04 -22.02
C ASP L 124 49.74 -0.76 -20.80
N PHE L 125 49.29 0.16 -19.94
CA PHE L 125 50.09 0.51 -18.76
C PHE L 125 49.91 -0.54 -17.67
N GLU L 126 50.33 -0.15 -16.47
CA GLU L 126 50.27 -0.97 -15.26
C GLU L 126 48.80 -1.07 -14.81
N GLY L 127 48.54 -1.74 -13.69
CA GLY L 127 47.19 -1.96 -13.21
C GLY L 127 46.54 -0.69 -12.68
N ALA L 128 46.25 0.24 -13.58
CA ALA L 128 45.54 1.45 -13.25
C ALA L 128 44.12 1.11 -12.81
N PRO L 129 43.51 1.92 -11.93
CA PRO L 129 42.17 1.59 -11.41
C PRO L 129 41.06 1.52 -12.45
N ASP L 130 41.19 2.21 -13.58
CA ASP L 130 40.17 2.15 -14.62
C ASP L 130 40.85 1.97 -15.97
N LYS L 131 40.37 0.98 -16.73
CA LYS L 131 40.85 0.74 -18.08
C LYS L 131 39.73 0.89 -19.10
N ARG L 132 38.66 1.58 -18.71
CA ARG L 132 37.56 1.80 -19.62
C ARG L 132 37.91 2.92 -20.59
N ARG L 133 37.36 2.86 -21.79
CA ARG L 133 37.70 3.73 -22.89
C ARG L 133 36.90 5.03 -22.84
N LEU L 134 37.41 6.06 -23.52
CA LEU L 134 36.68 7.30 -23.72
C LEU L 134 37.04 7.95 -25.05
N PHE L 135 36.04 8.63 -25.62
CA PHE L 135 35.88 9.08 -27.00
C PHE L 135 36.45 8.14 -28.04
N LEU L 136 36.02 6.90 -27.97
CA LEU L 136 36.03 6.09 -29.18
C LEU L 136 34.79 5.23 -29.03
N PRO L 137 33.96 5.10 -30.08
CA PRO L 137 32.67 4.42 -29.95
C PRO L 137 32.78 2.96 -29.57
N ASP L 138 31.73 2.38 -28.98
CA ASP L 138 31.79 0.97 -28.62
C ASP L 138 31.50 0.07 -29.81
N ASP L 139 30.62 0.48 -30.71
CA ASP L 139 30.34 -0.28 -31.94
C ASP L 139 31.51 -0.10 -32.92
N PHE L 140 32.63 -0.71 -32.60
CA PHE L 140 33.88 -0.37 -33.25
C PHE L 140 34.84 -1.52 -32.99
N PRO L 141 35.68 -1.91 -33.95
CA PRO L 141 36.51 -3.11 -33.79
C PRO L 141 37.61 -2.92 -32.74
N GLU L 142 38.29 -4.04 -32.45
CA GLU L 142 39.12 -4.14 -31.26
C GLU L 142 40.55 -3.62 -31.48
N GLY L 143 41.32 -4.31 -32.31
CA GLY L 143 42.74 -4.04 -32.42
C GLY L 143 43.08 -3.16 -33.61
N ILE L 144 42.29 -2.11 -33.80
CA ILE L 144 42.22 -1.41 -35.08
C ILE L 144 42.70 0.02 -34.86
N TYR L 145 43.67 0.18 -33.95
CA TYR L 145 44.31 1.38 -33.42
C TYR L 145 44.51 2.48 -34.46
N PRO L 146 43.80 3.61 -34.33
CA PRO L 146 43.67 4.53 -35.47
C PRO L 146 44.91 5.35 -35.78
N LEU L 147 45.62 5.82 -34.77
CA LEU L 147 46.80 6.64 -34.99
C LEU L 147 48.06 5.81 -35.14
N ARG L 148 47.92 4.50 -35.31
CA ARG L 148 49.06 3.65 -35.62
C ARG L 148 49.40 3.80 -37.10
N THR L 149 50.70 3.91 -37.38
CA THR L 149 51.18 4.26 -38.72
C THR L 149 50.88 3.23 -39.80
N ASP L 150 51.48 2.04 -39.70
CA ASP L 150 51.44 1.10 -40.82
C ASP L 150 51.03 -0.32 -40.44
N GLU L 151 50.97 -0.64 -39.15
CA GLU L 151 50.65 -2.00 -38.74
C GLU L 151 49.17 -2.31 -38.96
N LYS L 152 48.29 -1.48 -38.39
CA LYS L 152 46.85 -1.73 -38.42
C LYS L 152 46.07 -0.43 -38.67
N GLY L 153 46.53 0.36 -39.65
CA GLY L 153 45.79 1.48 -40.18
C GLY L 153 44.45 1.03 -40.73
N VAL L 154 43.38 1.73 -40.34
CA VAL L 154 42.19 1.10 -39.76
C VAL L 154 41.63 -0.05 -40.63
N PRO L 155 40.88 0.15 -41.71
CA PRO L 155 41.30 -0.44 -42.99
C PRO L 155 41.89 0.63 -43.87
N GLU L 156 42.13 0.27 -45.13
CA GLU L 156 42.22 1.27 -46.17
C GLU L 156 40.84 1.64 -46.71
N GLU L 157 39.82 0.83 -46.45
CA GLU L 157 38.58 0.87 -47.22
C GLU L 157 37.40 1.52 -46.51
N MET L 158 37.54 1.93 -45.26
CA MET L 158 36.48 2.68 -44.57
C MET L 158 36.82 4.16 -44.49
N VAL L 159 37.41 4.70 -45.55
CA VAL L 159 37.65 6.14 -45.66
C VAL L 159 36.71 6.65 -46.73
N LYS L 160 35.65 7.33 -46.31
CA LYS L 160 34.60 7.81 -47.20
C LYS L 160 34.90 9.25 -47.62
N ASN L 161 34.50 9.59 -48.84
CA ASN L 161 35.00 10.80 -49.49
C ASN L 161 33.97 11.89 -49.69
N ALA L 162 32.73 11.54 -50.07
CA ALA L 162 31.68 12.48 -50.48
C ALA L 162 32.18 13.40 -51.60
N GLY L 163 32.49 12.78 -52.73
CA GLY L 163 33.26 13.39 -53.79
C GLY L 163 32.62 14.49 -54.60
N HIS L 164 33.27 14.81 -55.70
CA HIS L 164 32.99 16.00 -56.48
C HIS L 164 31.79 15.74 -57.38
N PRO L 165 31.16 16.79 -57.93
CA PRO L 165 30.19 16.54 -59.00
C PRO L 165 30.79 16.40 -60.38
N TYR L 166 32.01 16.88 -60.63
CA TYR L 166 32.60 16.64 -61.94
C TYR L 166 33.00 15.19 -62.14
N LEU L 167 33.42 14.52 -61.08
CA LEU L 167 33.82 13.13 -61.21
C LEU L 167 32.64 12.18 -61.37
N LEU L 168 31.41 12.67 -61.27
CA LEU L 168 30.23 11.86 -61.51
C LEU L 168 29.52 12.24 -62.80
N ARG L 169 30.19 12.98 -63.68
CA ARG L 169 29.61 13.36 -64.96
C ARG L 169 30.62 13.17 -66.09
N TRP M 7 17.17 4.92 -6.76
CA TRP M 7 17.92 5.76 -7.68
C TRP M 7 17.30 5.72 -9.06
N VAL M 8 17.26 6.86 -9.72
CA VAL M 8 16.70 6.99 -11.07
C VAL M 8 17.82 7.36 -12.01
N LYS M 9 17.82 6.76 -13.19
CA LYS M 9 18.87 6.95 -14.19
C LYS M 9 18.27 7.73 -15.36
N ILE M 10 18.58 9.02 -15.45
CA ILE M 10 18.18 9.85 -16.57
C ILE M 10 19.45 10.42 -17.18
N PRO M 11 19.53 10.54 -18.51
CA PRO M 11 20.70 11.18 -19.12
C PRO M 11 20.57 12.70 -19.12
N PHE M 12 21.49 13.35 -19.81
CA PHE M 12 21.41 14.79 -19.98
C PHE M 12 21.04 15.20 -21.40
N GLY M 13 21.32 14.35 -22.38
CA GLY M 13 20.85 14.56 -23.72
C GLY M 13 21.84 15.29 -24.60
N PRO M 14 22.16 14.70 -25.76
CA PRO M 14 22.98 15.44 -26.74
C PRO M 14 22.21 16.56 -27.40
N ILE M 15 20.93 16.33 -27.70
CA ILE M 15 20.09 17.33 -28.33
C ILE M 15 19.19 17.99 -27.29
N HIS M 16 19.58 19.18 -26.85
CA HIS M 16 18.79 19.90 -25.84
C HIS M 16 18.40 21.29 -26.32
N PRO M 17 17.55 21.94 -25.54
CA PRO M 17 17.48 23.40 -25.49
C PRO M 17 18.50 23.90 -24.50
N GLY M 18 19.08 25.07 -24.75
CA GLY M 18 20.07 25.61 -23.84
C GLY M 18 21.49 25.39 -24.32
N LEU M 19 21.78 24.16 -24.75
CA LEU M 19 23.13 23.81 -25.15
C LEU M 19 23.42 23.97 -26.63
N GLU M 20 24.69 24.23 -26.92
CA GLU M 20 25.16 24.39 -28.30
C GLU M 20 26.00 23.22 -28.80
N GLU M 21 26.29 22.25 -27.95
CA GLU M 21 27.09 21.10 -28.37
C GLU M 21 26.54 19.80 -27.79
N PRO M 22 26.72 18.69 -28.51
CA PRO M 22 26.20 17.41 -27.99
C PRO M 22 27.18 16.74 -27.04
N GLU M 23 26.69 16.26 -25.89
CA GLU M 23 27.50 15.45 -24.99
C GLU M 23 26.58 14.61 -24.11
N LYS M 24 27.18 13.81 -23.23
CA LYS M 24 26.45 12.97 -22.29
C LYS M 24 27.12 13.07 -20.93
N PHE M 25 26.38 13.62 -19.97
CA PHE M 25 26.81 13.77 -18.58
C PHE M 25 25.86 12.92 -17.76
N ILE M 26 26.21 11.66 -17.53
CA ILE M 26 25.27 10.74 -16.91
C ILE M 26 25.28 10.96 -15.39
N ILE M 27 24.09 10.98 -14.81
CA ILE M 27 23.90 11.34 -13.41
C ILE M 27 22.97 10.35 -12.74
N THR M 28 23.34 9.96 -11.52
CA THR M 28 22.51 9.13 -10.65
C THR M 28 21.92 10.06 -9.59
N LEU M 29 20.61 10.26 -9.62
CA LEU M 29 20.00 11.27 -8.78
C LEU M 29 19.10 10.63 -7.73
N ASP M 30 19.30 11.05 -6.48
CA ASP M 30 18.51 10.56 -5.33
C ASP M 30 17.30 11.47 -5.14
N GLY M 31 16.37 11.38 -6.09
CA GLY M 31 15.17 12.19 -6.05
C GLY M 31 15.40 13.64 -6.45
N GLU M 32 16.13 14.38 -5.63
CA GLU M 32 16.49 15.76 -5.93
C GLU M 32 17.98 16.05 -5.81
N ARG M 33 18.75 15.21 -5.13
CA ARG M 33 20.18 15.44 -4.98
C ARG M 33 20.93 14.63 -6.03
N ILE M 34 22.26 14.69 -6.00
CA ILE M 34 23.11 13.99 -6.95
C ILE M 34 24.11 13.16 -6.16
N VAL M 35 24.06 11.84 -6.34
CA VAL M 35 24.95 11.00 -5.55
C VAL M 35 26.20 10.65 -6.36
N ASN M 36 26.08 10.60 -7.70
CA ASN M 36 27.28 10.49 -8.53
C ASN M 36 26.99 11.03 -9.91
N VAL M 37 28.04 11.58 -10.53
CA VAL M 37 28.01 12.11 -11.89
C VAL M 37 29.28 11.66 -12.62
N ASP M 38 29.11 11.08 -13.80
CA ASP M 38 30.24 10.76 -14.66
C ASP M 38 30.01 11.34 -16.05
N VAL M 39 31.10 11.41 -16.81
CA VAL M 39 31.17 12.16 -18.05
C VAL M 39 31.63 11.23 -19.16
N LYS M 40 30.89 11.18 -20.27
CA LYS M 40 31.42 10.54 -21.46
C LYS M 40 31.29 11.50 -22.61
N LEU M 41 32.19 11.37 -23.59
CA LEU M 41 32.28 12.34 -24.65
C LEU M 41 32.73 11.63 -25.92
N GLY M 42 32.71 12.36 -27.03
CA GLY M 42 33.01 11.74 -28.31
C GLY M 42 31.91 11.95 -29.34
N TYR M 43 31.16 13.04 -29.23
CA TYR M 43 30.13 13.37 -30.19
C TYR M 43 30.59 14.38 -31.23
N ASN M 44 31.64 15.14 -30.96
CA ASN M 44 32.25 16.00 -31.96
C ASN M 44 33.47 15.35 -32.59
N LEU M 45 33.61 14.03 -32.45
CA LEU M 45 34.85 13.37 -32.84
C LEU M 45 34.96 13.29 -34.35
N ARG M 46 35.61 14.29 -34.94
CA ARG M 46 35.76 14.41 -36.38
C ARG M 46 37.07 13.81 -36.86
N GLY M 47 37.91 13.34 -35.96
CA GLY M 47 39.15 12.68 -36.29
C GLY M 47 40.26 13.62 -36.67
N VAL M 48 40.48 14.66 -35.86
CA VAL M 48 41.25 15.82 -36.29
C VAL M 48 42.72 15.47 -36.50
N GLN M 49 43.29 14.61 -35.64
CA GLN M 49 44.66 14.17 -35.84
C GLN M 49 44.80 13.34 -37.11
N TRP M 50 43.78 12.57 -37.46
CA TRP M 50 43.92 11.65 -38.58
C TRP M 50 43.90 12.39 -39.90
N ILE M 51 43.05 13.40 -40.05
CA ILE M 51 43.14 14.24 -41.24
C ILE M 51 44.42 15.05 -41.20
N GLY M 52 44.82 15.51 -40.01
CA GLY M 52 46.02 16.32 -39.93
C GLY M 52 47.31 15.54 -40.12
N MET M 53 47.25 14.22 -40.23
CA MET M 53 48.45 13.42 -40.39
C MET M 53 48.94 13.40 -41.83
N ARG M 54 48.09 13.68 -42.81
CA ARG M 54 48.48 13.59 -44.21
C ARG M 54 48.27 14.87 -45.00
N ARG M 55 48.01 15.98 -44.35
CA ARG M 55 47.99 17.28 -45.01
C ARG M 55 49.35 17.93 -44.85
N ASN M 56 49.65 18.90 -45.71
CA ASN M 56 50.96 19.55 -45.60
C ASN M 56 50.89 20.65 -44.55
N TYR M 57 51.91 21.53 -44.53
CA TYR M 57 52.01 22.50 -43.45
C TYR M 57 50.99 23.62 -43.55
N VAL M 58 50.63 24.03 -44.77
CA VAL M 58 49.74 25.17 -44.93
C VAL M 58 48.30 24.81 -44.63
N GLN M 59 47.89 23.61 -45.02
CA GLN M 59 46.49 23.20 -44.86
C GLN M 59 46.12 22.96 -43.41
N ILE M 60 47.07 22.60 -42.55
CA ILE M 60 46.74 22.44 -41.14
C ILE M 60 46.55 23.79 -40.47
N MET M 61 47.14 24.86 -41.02
CA MET M 61 46.93 26.21 -40.50
C MET M 61 45.48 26.66 -40.65
N TYR M 62 44.72 26.05 -41.56
CA TYR M 62 43.31 26.34 -41.73
C TYR M 62 42.42 25.25 -41.19
N LEU M 63 42.92 24.03 -41.07
CA LEU M 63 42.17 23.02 -40.36
C LEU M 63 42.21 23.27 -38.86
N ALA M 64 43.17 24.05 -38.39
CA ALA M 64 43.31 24.29 -36.97
C ALA M 64 42.37 25.36 -36.45
N GLU M 65 42.07 26.38 -37.23
CA GLU M 65 41.19 27.42 -36.72
C GLU M 65 39.72 27.03 -36.80
N ARG M 66 39.33 26.13 -37.69
CA ARG M 66 37.96 25.62 -37.70
C ARG M 66 37.76 24.49 -36.72
N MET M 67 38.68 24.29 -35.80
CA MET M 67 38.50 23.26 -34.79
C MET M 67 37.52 23.69 -33.73
N CYS M 68 37.41 25.00 -33.51
CA CYS M 68 36.41 25.56 -32.63
C CYS M 68 36.06 26.97 -33.08
N GLY M 69 34.91 27.45 -32.64
CA GLY M 69 34.40 28.68 -33.17
C GLY M 69 34.66 29.89 -32.32
N ILE M 70 34.55 29.74 -31.01
CA ILE M 70 34.69 30.89 -30.12
C ILE M 70 36.15 31.30 -30.01
N CYS M 71 37.01 30.34 -29.68
CA CYS M 71 38.43 30.59 -29.58
C CYS M 71 39.06 30.13 -30.89
N SER M 72 38.85 30.91 -31.93
CA SER M 72 39.33 30.57 -33.25
C SER M 72 40.63 31.28 -33.61
N PHE M 73 41.12 32.16 -32.75
CA PHE M 73 42.43 32.76 -32.96
C PHE M 73 43.53 32.05 -32.22
N SER M 74 43.20 31.35 -31.13
CA SER M 74 44.23 30.74 -30.30
C SER M 74 44.83 29.51 -30.98
N HIS M 75 43.98 28.65 -31.53
CA HIS M 75 44.47 27.48 -32.25
C HIS M 75 45.21 27.88 -33.52
N ASN M 76 44.91 29.03 -34.09
CA ASN M 76 45.68 29.53 -35.21
C ASN M 76 46.99 30.16 -34.76
N HIS M 77 47.11 30.52 -33.49
CA HIS M 77 48.28 31.20 -32.98
C HIS M 77 49.35 30.22 -32.51
N THR M 78 48.98 29.31 -31.60
CA THR M 78 49.98 28.42 -31.00
C THR M 78 50.57 27.45 -32.02
N TYR M 79 49.80 27.08 -33.04
CA TYR M 79 50.34 26.22 -34.08
C TYR M 79 51.48 26.89 -34.85
N VAL M 80 51.33 28.18 -35.14
CA VAL M 80 52.39 28.93 -35.80
C VAL M 80 53.58 29.09 -34.86
N ARG M 81 53.32 29.29 -33.56
CA ARG M 81 54.41 29.35 -32.58
C ARG M 81 55.19 28.05 -32.55
N ALA M 82 54.49 26.92 -32.69
CA ALA M 82 55.15 25.62 -32.63
C ALA M 82 55.97 25.35 -33.88
N VAL M 83 55.45 25.71 -35.05
CA VAL M 83 56.21 25.49 -36.29
C VAL M 83 57.44 26.38 -36.32
N GLU M 84 57.33 27.63 -35.86
CA GLU M 84 58.49 28.49 -35.80
C GLU M 84 59.49 28.04 -34.74
N GLU M 85 59.02 27.46 -33.64
CA GLU M 85 59.95 26.97 -32.64
C GLU M 85 60.65 25.71 -33.13
N MET M 86 59.99 24.94 -33.99
CA MET M 86 60.58 23.73 -34.53
C MET M 86 61.64 24.06 -35.58
N ALA M 87 61.25 24.74 -36.65
CA ALA M 87 62.17 24.92 -37.77
C ALA M 87 63.14 26.07 -37.52
N GLY M 88 62.66 27.15 -36.93
CA GLY M 88 63.48 28.30 -36.64
C GLY M 88 63.27 29.40 -37.66
N ILE M 89 62.39 30.35 -37.33
CA ILE M 89 62.04 31.48 -38.20
C ILE M 89 61.83 32.69 -37.31
N GLU M 90 62.46 33.81 -37.67
CA GLU M 90 62.27 35.03 -36.90
C GLU M 90 60.97 35.73 -37.26
N VAL M 91 60.45 36.50 -36.31
CA VAL M 91 59.20 37.25 -36.47
C VAL M 91 59.49 38.72 -36.19
N PRO M 92 59.05 39.65 -37.04
CA PRO M 92 59.37 41.06 -36.83
C PRO M 92 58.53 41.66 -35.70
N GLU M 93 58.71 42.96 -35.49
CA GLU M 93 58.06 43.63 -34.38
C GLU M 93 56.60 43.93 -34.68
N ARG M 94 56.31 44.37 -35.92
CA ARG M 94 54.96 44.73 -36.31
C ARG M 94 54.02 43.54 -36.26
N ALA M 95 54.50 42.37 -36.66
CA ALA M 95 53.69 41.16 -36.61
C ALA M 95 53.29 40.81 -35.20
N GLU M 96 54.22 40.98 -34.26
CA GLU M 96 53.93 40.63 -32.88
C GLU M 96 52.99 41.66 -32.25
N TYR M 97 53.14 42.94 -32.59
CA TYR M 97 52.20 43.95 -32.13
C TYR M 97 50.79 43.70 -32.65
N ILE M 98 50.66 43.32 -33.91
CA ILE M 98 49.32 43.05 -34.44
C ILE M 98 48.74 41.80 -33.79
N ARG M 99 49.57 40.80 -33.48
CA ARG M 99 49.06 39.61 -32.79
C ARG M 99 48.54 39.95 -31.40
N VAL M 100 49.25 40.79 -30.64
CA VAL M 100 48.75 41.12 -29.31
C VAL M 100 47.66 42.17 -29.33
N ILE M 101 47.43 42.86 -30.46
CA ILE M 101 46.21 43.65 -30.59
C ILE M 101 45.01 42.75 -30.86
N VAL M 102 45.16 41.80 -31.78
CA VAL M 102 44.01 41.01 -32.23
C VAL M 102 43.55 40.04 -31.15
N GLY M 103 44.48 39.36 -30.48
CA GLY M 103 44.06 38.42 -29.44
C GLY M 103 43.41 39.10 -28.25
N GLU M 104 43.98 40.21 -27.82
CA GLU M 104 43.43 40.94 -26.70
C GLU M 104 42.14 41.65 -27.08
N LEU M 105 41.91 41.90 -28.36
CA LEU M 105 40.64 42.43 -28.80
C LEU M 105 39.59 41.36 -28.93
N GLU M 106 39.97 40.10 -29.17
CA GLU M 106 38.94 39.09 -29.33
C GLU M 106 38.54 38.45 -28.02
N ARG M 107 39.34 38.56 -26.96
CA ARG M 107 38.87 37.98 -25.71
C ARG M 107 37.70 38.74 -25.10
N ILE M 108 37.49 40.01 -25.49
CA ILE M 108 36.27 40.71 -25.07
C ILE M 108 35.04 40.08 -25.70
N HIS M 109 35.14 39.77 -27.00
CA HIS M 109 34.11 38.99 -27.68
C HIS M 109 33.90 37.63 -27.03
N SER M 110 34.95 37.00 -26.54
CA SER M 110 34.75 35.72 -25.90
C SER M 110 34.12 35.85 -24.52
N HIS M 111 34.35 36.95 -23.80
CA HIS M 111 33.80 37.05 -22.45
C HIS M 111 32.37 37.56 -22.44
N LEU M 112 31.98 38.42 -23.39
CA LEU M 112 30.62 38.98 -23.34
C LEU M 112 29.55 37.95 -23.66
N LEU M 113 29.80 37.05 -24.62
CA LEU M 113 28.76 36.06 -24.91
C LEU M 113 28.65 35.03 -23.79
N ASN M 114 29.75 34.77 -23.09
CA ASN M 114 29.68 33.95 -21.89
C ASN M 114 28.89 34.65 -20.80
N LEU M 115 29.04 35.97 -20.70
CA LEU M 115 28.26 36.73 -19.71
C LEU M 115 26.79 36.73 -20.06
N GLY M 116 26.46 36.63 -21.35
CA GLY M 116 25.07 36.55 -21.75
C GLY M 116 24.44 35.19 -21.62
N VAL M 117 25.20 34.12 -21.88
CA VAL M 117 24.62 32.78 -21.85
C VAL M 117 24.32 32.33 -20.43
N VAL M 118 25.20 32.67 -19.48
CA VAL M 118 24.96 32.34 -18.08
C VAL M 118 23.75 33.09 -17.55
N GLY M 119 23.53 34.31 -18.04
CA GLY M 119 22.30 34.99 -17.72
C GLY M 119 21.07 34.47 -18.42
N HIS M 120 21.19 33.50 -19.31
CA HIS M 120 20.03 32.97 -20.00
C HIS M 120 19.44 31.75 -19.30
N ASP M 121 20.25 31.01 -18.55
CA ASP M 121 19.80 29.77 -17.96
C ASP M 121 19.11 29.96 -16.62
N ILE M 122 19.09 31.18 -16.09
CA ILE M 122 18.42 31.44 -14.82
C ILE M 122 17.19 32.30 -15.09
N GLY M 123 16.63 32.19 -16.28
CA GLY M 123 15.60 33.10 -16.70
C GLY M 123 16.30 34.25 -17.39
N TYR M 124 15.85 35.48 -17.18
CA TYR M 124 16.57 36.71 -17.55
C TYR M 124 16.89 36.76 -19.04
N ASP M 125 15.85 36.89 -19.84
CA ASP M 125 16.06 37.22 -21.25
C ASP M 125 16.65 38.61 -21.44
N THR M 126 16.43 39.51 -20.48
CA THR M 126 16.84 40.91 -20.64
C THR M 126 18.36 41.06 -20.68
N VAL M 127 19.07 40.36 -19.79
CA VAL M 127 20.52 40.47 -19.76
C VAL M 127 21.11 39.82 -21.01
N LEU M 128 20.43 38.81 -21.56
CA LEU M 128 20.84 38.21 -22.82
C LEU M 128 20.78 39.21 -23.96
N HIS M 129 19.62 39.84 -24.15
CA HIS M 129 19.48 40.74 -25.29
C HIS M 129 20.33 41.99 -25.14
N LEU M 130 20.59 42.44 -23.92
CA LEU M 130 21.37 43.67 -23.79
C LEU M 130 22.88 43.42 -23.92
N THR M 131 23.42 42.32 -23.40
CA THR M 131 24.85 42.09 -23.63
C THR M 131 25.12 41.69 -25.08
N TRP M 132 24.22 40.91 -25.69
CA TRP M 132 24.41 40.63 -27.11
C TRP M 132 24.10 41.82 -28.00
N LEU M 133 23.47 42.87 -27.50
CA LEU M 133 23.50 44.14 -28.24
C LEU M 133 24.81 44.87 -28.03
N ALA M 134 25.43 44.73 -26.86
CA ALA M 134 26.70 45.42 -26.63
C ALA M 134 27.88 44.78 -27.36
N ARG M 135 27.78 43.52 -27.76
CA ARG M 135 28.89 42.85 -28.43
C ARG M 135 29.15 43.36 -29.86
N GLU M 136 28.22 44.13 -30.43
CA GLU M 136 28.26 44.40 -31.85
C GLU M 136 29.35 45.37 -32.27
N ARG M 137 29.86 46.19 -31.36
CA ARG M 137 30.95 47.09 -31.74
C ARG M 137 32.23 46.33 -32.02
N VAL M 138 32.56 45.36 -31.15
CA VAL M 138 33.68 44.48 -31.37
C VAL M 138 33.46 43.65 -32.63
N MET M 139 32.22 43.23 -32.87
CA MET M 139 31.94 42.47 -34.10
C MET M 139 32.17 43.30 -35.36
N ASP M 140 31.78 44.58 -35.35
CA ASP M 140 32.01 45.40 -36.53
C ASP M 140 33.48 45.77 -36.70
N VAL M 141 34.21 45.94 -35.60
CA VAL M 141 35.66 46.17 -35.69
C VAL M 141 36.36 44.98 -36.32
N LEU M 142 36.10 43.77 -35.80
CA LEU M 142 36.74 42.56 -36.35
C LEU M 142 36.32 42.29 -37.77
N GLU M 143 35.09 42.64 -38.14
CA GLU M 143 34.70 42.49 -39.53
C GLU M 143 35.40 43.50 -40.42
N ALA M 144 35.69 44.69 -39.91
CA ALA M 144 36.34 45.70 -40.72
C ALA M 144 37.82 45.40 -40.91
N VAL M 145 38.47 44.81 -39.91
CA VAL M 145 39.92 44.68 -39.99
C VAL M 145 40.33 43.40 -40.72
N SER M 146 39.57 42.32 -40.60
CA SER M 146 40.03 41.01 -41.04
C SER M 146 39.25 40.45 -42.22
N GLY M 147 37.95 40.26 -42.07
CA GLY M 147 37.18 39.44 -42.98
C GLY M 147 35.83 39.16 -42.39
N ASN M 148 35.45 37.89 -42.29
CA ASN M 148 34.16 37.53 -41.73
C ASN M 148 34.19 37.68 -40.21
N ARG M 149 33.04 37.45 -39.59
CA ARG M 149 32.84 37.78 -38.18
C ARG M 149 33.59 36.83 -37.26
N VAL M 150 33.36 35.53 -37.40
CA VAL M 150 34.16 34.54 -36.70
C VAL M 150 34.89 33.70 -37.74
N ASN M 151 35.83 32.88 -37.26
CA ASN M 151 36.80 32.13 -38.08
C ASN M 151 37.50 33.04 -39.07
N TYR M 152 38.21 34.00 -38.54
CA TYR M 152 39.00 34.93 -39.33
C TYR M 152 40.45 34.51 -39.25
N SER M 153 41.13 34.57 -40.38
CA SER M 153 42.49 34.06 -40.51
C SER M 153 43.40 35.16 -40.97
N MET M 154 44.33 35.57 -40.11
CA MET M 154 45.29 36.56 -40.55
C MET M 154 46.68 36.34 -39.97
N VAL M 155 47.08 35.09 -39.75
CA VAL M 155 48.43 34.78 -39.30
C VAL M 155 48.98 33.59 -40.08
N THR M 156 50.10 33.80 -40.76
CA THR M 156 50.78 32.78 -41.54
C THR M 156 52.03 32.31 -40.83
N ILE M 157 52.83 31.49 -41.52
CA ILE M 157 54.09 31.00 -40.97
C ILE M 157 55.09 32.14 -40.82
N GLY M 158 55.17 33.02 -41.81
CA GLY M 158 56.06 34.16 -41.68
C GLY M 158 55.58 35.19 -40.69
N GLY M 159 54.52 35.90 -41.05
CA GLY M 159 53.94 36.92 -40.19
C GLY M 159 52.45 37.03 -40.46
N VAL M 160 51.91 38.23 -40.25
CA VAL M 160 50.48 38.45 -40.41
C VAL M 160 50.14 38.65 -41.87
N ARG M 161 48.85 38.65 -42.21
CA ARG M 161 48.43 38.67 -43.60
C ARG M 161 47.97 40.04 -44.08
N ARG M 162 47.64 40.95 -43.17
CA ARG M 162 47.31 42.33 -43.53
C ARG M 162 47.52 43.20 -42.31
N ASP M 163 47.94 44.45 -42.54
CA ASP M 163 48.18 45.40 -41.47
C ASP M 163 47.00 46.33 -41.30
N ILE M 164 46.98 47.04 -40.18
CA ILE M 164 45.77 47.79 -39.84
C ILE M 164 45.74 49.18 -40.47
N GLY M 165 46.88 49.78 -40.75
CA GLY M 165 46.83 51.11 -41.34
C GLY M 165 46.48 52.18 -40.34
N GLU M 166 45.85 53.24 -40.84
CA GLU M 166 45.50 54.41 -40.04
C GLU M 166 44.01 54.64 -39.93
N LYS M 167 43.21 54.12 -40.86
CA LYS M 167 41.76 54.22 -40.75
C LYS M 167 41.23 53.36 -39.62
N GLN M 168 41.77 52.14 -39.49
CA GLN M 168 41.39 51.24 -38.42
C GLN M 168 41.84 51.76 -37.06
N LYS M 169 42.85 52.63 -37.01
CA LYS M 169 43.20 53.27 -35.75
C LYS M 169 42.06 54.17 -35.27
N ARG M 170 41.50 54.97 -36.18
CA ARG M 170 40.33 55.78 -35.86
C ARG M 170 39.14 54.89 -35.52
N LEU M 171 39.00 53.76 -36.20
CA LEU M 171 37.81 52.93 -36.01
C LEU M 171 37.89 52.13 -34.71
N ILE M 172 39.09 51.82 -34.24
CA ILE M 172 39.26 51.12 -32.97
C ILE M 172 39.26 52.10 -31.79
N LEU M 173 39.73 53.33 -31.96
CA LEU M 173 39.75 54.23 -30.81
C LEU M 173 38.40 54.84 -30.48
N ASP M 174 37.29 54.31 -30.98
CA ASP M 174 35.97 54.76 -30.56
C ASP M 174 35.22 53.73 -29.74
N MET M 175 35.43 52.44 -30.00
CA MET M 175 34.79 51.41 -29.22
C MET M 175 35.34 51.32 -27.81
N ILE M 176 36.58 51.77 -27.59
CA ILE M 176 37.11 51.91 -26.23
C ILE M 176 36.30 52.94 -25.46
N LYS M 177 36.05 54.09 -26.09
CA LYS M 177 35.27 55.15 -25.46
C LYS M 177 33.81 54.72 -25.28
N TYR M 178 33.31 53.87 -26.18
CA TYR M 178 31.96 53.35 -26.01
C TYR M 178 31.86 52.39 -24.85
N TYR M 179 32.86 51.55 -24.66
CA TYR M 179 32.82 50.60 -23.55
C TYR M 179 33.15 51.20 -22.20
N ARG M 180 33.83 52.35 -22.17
CA ARG M 180 34.08 53.02 -20.90
C ARG M 180 32.81 53.58 -20.27
N GLU M 181 31.71 53.68 -21.01
CA GLU M 181 30.43 54.08 -20.47
C GLU M 181 29.48 52.91 -20.29
N VAL M 182 29.93 51.69 -20.61
CA VAL M 182 29.10 50.50 -20.49
C VAL M 182 29.56 49.61 -19.35
N LEU M 183 30.88 49.46 -19.18
CA LEU M 183 31.41 48.65 -18.08
C LEU M 183 30.99 49.05 -16.67
N PRO M 184 30.78 50.32 -16.30
CA PRO M 184 30.20 50.57 -14.97
C PRO M 184 28.78 50.07 -14.78
N GLN M 185 27.98 49.98 -15.84
CA GLN M 185 26.61 49.51 -15.68
C GLN M 185 26.57 48.02 -15.38
N ILE M 186 27.35 47.22 -16.09
CA ILE M 186 27.41 45.79 -15.78
C ILE M 186 28.27 45.54 -14.55
N GLU M 187 29.07 46.51 -14.14
CA GLU M 187 29.71 46.44 -12.84
C GLU M 187 28.67 46.62 -11.73
N ASP M 188 27.72 47.52 -11.93
CA ASP M 188 26.80 47.89 -10.87
C ASP M 188 25.62 46.93 -10.77
N VAL M 189 25.18 46.37 -11.91
CA VAL M 189 24.11 45.38 -11.86
C VAL M 189 24.58 44.11 -11.18
N PHE M 190 25.82 43.72 -11.43
CA PHE M 190 26.31 42.42 -10.99
C PHE M 190 26.50 42.32 -9.49
N LEU M 191 26.81 43.43 -8.82
CA LEU M 191 27.19 43.37 -7.41
C LEU M 191 26.00 43.01 -6.52
N HIS M 192 24.88 43.70 -6.71
CA HIS M 192 23.72 43.55 -5.87
C HIS M 192 22.47 43.38 -6.72
N ASP M 193 22.07 42.13 -6.92
CA ASP M 193 20.80 41.77 -7.52
C ASP M 193 20.08 40.84 -6.57
N SER M 194 18.77 40.77 -6.69
CA SER M 194 18.03 39.80 -5.92
C SER M 194 18.12 38.41 -6.51
N THR M 195 18.53 38.30 -7.77
CA THR M 195 18.52 37.02 -8.45
C THR M 195 19.91 36.43 -8.60
N ILE M 196 20.90 37.22 -8.99
CA ILE M 196 22.27 36.74 -9.19
C ILE M 196 22.88 36.22 -7.89
N GLU M 197 22.73 36.95 -6.79
CA GLU M 197 23.34 36.46 -5.56
C GLU M 197 22.51 35.38 -4.89
N ALA M 198 21.33 35.08 -5.41
CA ALA M 198 20.49 34.03 -4.88
C ALA M 198 20.40 32.83 -5.78
N ARG M 199 21.13 32.81 -6.88
CA ARG M 199 21.12 31.71 -7.82
C ARG M 199 22.51 31.20 -8.16
N LEU M 200 23.54 32.06 -8.12
CA LEU M 200 24.91 31.64 -8.41
C LEU M 200 25.85 32.06 -7.27
N ARG M 201 25.45 31.77 -6.05
CA ARG M 201 26.37 31.93 -4.92
C ARG M 201 26.28 30.69 -4.06
N ASP M 202 27.44 30.25 -3.55
CA ASP M 202 27.59 29.07 -2.70
C ASP M 202 27.14 27.80 -3.41
N VAL M 203 27.49 27.69 -4.69
CA VAL M 203 27.29 26.46 -5.46
C VAL M 203 28.63 26.09 -6.09
N ALA M 204 28.99 24.81 -6.00
CA ALA M 204 30.24 24.24 -6.54
C ALA M 204 31.48 24.93 -5.97
N VAL M 205 31.70 24.76 -4.67
CA VAL M 205 32.88 25.32 -4.01
C VAL M 205 34.09 24.46 -4.37
N VAL M 206 35.20 25.09 -4.75
CA VAL M 206 36.40 24.37 -5.14
C VAL M 206 37.58 24.73 -4.23
N PRO M 207 38.09 23.80 -3.44
CA PRO M 207 39.23 24.11 -2.56
C PRO M 207 40.53 24.14 -3.36
N LYS M 208 41.55 24.77 -2.76
CA LYS M 208 42.83 24.93 -3.46
C LYS M 208 43.56 23.62 -3.63
N LYS M 209 43.33 22.65 -2.75
CA LYS M 209 44.03 21.37 -2.82
C LYS M 209 43.61 20.60 -4.06
N LEU M 210 42.31 20.53 -4.33
CA LEU M 210 41.84 19.88 -5.53
C LEU M 210 41.98 20.78 -6.75
N ALA M 211 42.09 22.09 -6.56
CA ALA M 211 42.38 22.96 -7.70
C ALA M 211 43.81 22.78 -8.19
N ILE M 212 44.73 22.38 -7.31
CA ILE M 212 46.10 22.14 -7.78
C ILE M 212 46.27 20.70 -8.22
N GLU M 213 45.71 19.74 -7.47
CA GLU M 213 46.05 18.36 -7.74
C GLU M 213 45.38 17.79 -8.98
N MET M 214 44.26 18.37 -9.42
CA MET M 214 43.64 17.97 -10.68
C MET M 214 44.00 18.87 -11.83
N GLY M 215 44.81 19.89 -11.58
CA GLY M 215 45.35 20.73 -12.64
C GLY M 215 44.33 21.59 -13.36
N ALA M 216 43.38 22.18 -12.64
CA ALA M 216 42.50 23.17 -13.24
C ALA M 216 43.31 24.39 -13.64
N VAL M 217 42.91 25.03 -14.73
CA VAL M 217 43.83 25.92 -15.42
C VAL M 217 43.38 27.38 -15.42
N GLY M 218 42.23 27.64 -16.03
CA GLY M 218 41.87 29.00 -16.39
C GLY M 218 41.28 29.81 -15.26
N PRO M 219 40.19 30.53 -15.54
CA PRO M 219 39.48 31.24 -14.46
C PRO M 219 38.81 30.34 -13.45
N THR M 220 38.75 29.03 -13.69
CA THR M 220 38.28 28.13 -12.67
C THR M 220 39.34 27.91 -11.61
N ALA M 221 40.60 28.13 -11.97
CA ALA M 221 41.72 27.94 -11.06
C ALA M 221 42.00 29.19 -10.25
N ARG M 222 42.27 30.31 -10.93
CA ARG M 222 42.63 31.52 -10.21
C ARG M 222 41.44 32.17 -9.51
N GLY M 223 40.23 31.68 -9.75
CA GLY M 223 39.09 32.12 -8.97
C GLY M 223 39.18 31.67 -7.54
N SER M 224 39.44 30.39 -7.31
CA SER M 224 39.61 29.89 -5.94
C SER M 224 40.93 30.33 -5.33
N GLY M 225 41.89 30.70 -6.15
CA GLY M 225 43.14 31.31 -5.75
C GLY M 225 44.34 30.42 -6.01
N ILE M 226 44.91 30.60 -7.20
CA ILE M 226 46.26 30.19 -7.56
C ILE M 226 46.70 31.13 -8.68
N LYS M 227 47.65 32.00 -8.40
CA LYS M 227 47.98 33.07 -9.35
C LYS M 227 49.01 32.57 -10.36
N GLU M 228 48.55 32.35 -11.59
CA GLU M 228 49.41 31.89 -12.67
C GLU M 228 48.75 32.24 -13.99
N ASP M 229 49.57 32.58 -14.98
CA ASP M 229 49.08 33.09 -16.25
C ASP M 229 50.18 32.94 -17.28
N SER M 230 49.89 32.28 -18.39
CA SER M 230 50.92 32.02 -19.40
C SER M 230 51.32 33.24 -20.19
N ARG M 231 50.59 34.34 -20.10
CA ARG M 231 51.11 35.60 -20.62
C ARG M 231 52.13 36.19 -19.66
N TRP M 232 52.11 35.76 -18.41
CA TRP M 232 52.97 36.28 -17.35
C TRP M 232 54.01 35.27 -16.90
N SER M 233 53.61 34.02 -16.67
CA SER M 233 54.50 33.01 -16.12
C SER M 233 55.58 32.59 -17.10
N GLU M 234 55.41 32.87 -18.38
CA GLU M 234 56.51 32.86 -19.32
C GLU M 234 56.48 34.17 -20.09
N GLN M 235 57.65 34.79 -20.23
CA GLN M 235 57.72 36.08 -20.90
C GLN M 235 57.56 35.86 -22.39
N LEU M 236 56.42 36.27 -22.93
CA LEU M 236 56.06 35.93 -24.31
C LEU M 236 55.78 37.21 -25.07
N GLY M 237 56.57 37.46 -26.10
CA GLY M 237 56.27 38.56 -26.99
C GLY M 237 56.62 39.93 -26.45
N VAL M 238 55.66 40.84 -26.44
CA VAL M 238 55.90 42.20 -25.98
C VAL M 238 55.09 42.44 -24.71
N TYR M 239 54.42 41.40 -24.25
CA TYR M 239 53.72 41.40 -22.96
C TYR M 239 54.48 41.87 -21.72
N PRO M 240 55.79 41.58 -21.51
CA PRO M 240 56.40 42.09 -20.27
C PRO M 240 56.62 43.59 -20.25
N ASP M 241 57.03 44.22 -21.35
CA ASP M 241 57.29 45.65 -21.35
C ASP M 241 56.10 46.47 -21.82
N LEU M 242 54.87 46.04 -21.47
CA LEU M 242 53.74 46.94 -21.51
C LEU M 242 52.79 46.72 -20.32
N GLY M 243 53.22 45.98 -19.32
CA GLY M 243 52.44 45.84 -18.11
C GLY M 243 51.45 44.70 -18.19
N ILE M 244 51.63 43.71 -17.32
CA ILE M 244 50.75 42.54 -17.30
C ILE M 244 50.74 41.98 -15.89
N LYS M 245 49.56 41.70 -15.36
CA LYS M 245 49.37 41.16 -14.03
C LYS M 245 48.27 40.12 -14.11
N PRO M 246 48.25 39.18 -13.18
CA PRO M 246 47.07 38.33 -13.04
C PRO M 246 45.91 39.07 -12.42
N VAL M 247 44.74 38.43 -12.35
CA VAL M 247 43.54 39.04 -11.81
C VAL M 247 43.05 38.21 -10.63
N THR M 248 42.32 38.85 -9.73
CA THR M 248 41.91 38.25 -8.47
C THR M 248 40.54 38.81 -8.15
N PRO M 249 39.58 38.00 -7.68
CA PRO M 249 38.28 38.55 -7.31
C PRO M 249 38.30 39.42 -6.05
N GLU M 250 39.46 39.61 -5.46
CA GLU M 250 39.57 40.46 -4.29
C GLU M 250 39.45 41.92 -4.70
N ASP M 251 39.95 42.25 -5.89
CA ASP M 251 39.88 43.62 -6.38
C ASP M 251 38.49 44.01 -6.86
N VAL M 252 37.78 43.08 -7.49
CA VAL M 252 36.46 43.40 -8.02
C VAL M 252 35.42 43.40 -6.90
N THR M 253 35.31 42.27 -6.21
CA THR M 253 34.33 42.14 -5.14
C THR M 253 34.93 42.03 -3.74
N GLY M 254 35.13 43.17 -3.11
CA GLY M 254 35.67 43.20 -1.76
C GLY M 254 36.94 42.39 -1.58
N GLU M 255 36.90 41.43 -0.66
CA GLU M 255 38.07 40.61 -0.36
C GLU M 255 37.77 39.13 -0.15
N LYS M 256 36.71 38.62 -0.76
CA LYS M 256 36.36 37.22 -0.64
C LYS M 256 37.30 36.33 -1.45
N ALA M 257 37.38 35.06 -1.09
CA ALA M 257 38.23 34.11 -1.79
C ALA M 257 37.54 32.77 -2.02
N ARG M 258 36.28 32.63 -1.62
CA ARG M 258 35.56 31.37 -1.70
C ARG M 258 35.08 31.16 -3.13
N GLY M 259 35.85 30.46 -3.94
CA GLY M 259 35.50 30.36 -5.34
C GLY M 259 34.36 29.40 -5.61
N ASP M 260 33.17 29.93 -5.89
CA ASP M 260 32.03 29.05 -6.13
C ASP M 260 31.47 29.17 -7.54
N VAL M 261 30.80 30.27 -7.92
CA VAL M 261 30.57 30.63 -9.32
C VAL M 261 30.81 32.12 -9.44
N TYR M 262 30.54 32.82 -8.34
CA TYR M 262 30.43 34.28 -8.37
C TYR M 262 31.79 34.93 -8.53
N ASP M 263 32.83 34.27 -8.01
CA ASP M 263 34.18 34.75 -8.22
C ASP M 263 34.62 34.59 -9.66
N ARG M 264 34.12 33.58 -10.37
CA ARG M 264 34.53 33.39 -11.75
C ARG M 264 33.98 34.50 -12.64
N MET M 265 32.75 34.93 -12.40
CA MET M 265 32.24 36.08 -13.12
C MET M 265 32.97 37.36 -12.73
N ALA M 266 33.39 37.46 -11.47
CA ALA M 266 34.20 38.61 -11.06
C ALA M 266 35.53 38.64 -11.80
N VAL M 267 36.13 37.46 -12.02
CA VAL M 267 37.39 37.38 -12.76
C VAL M 267 37.16 37.73 -14.22
N ARG M 268 36.04 37.29 -14.79
CA ARG M 268 35.80 37.59 -16.20
C ARG M 268 35.41 39.05 -16.43
N ILE M 269 35.03 39.78 -15.40
CA ILE M 269 34.88 41.22 -15.57
C ILE M 269 36.22 41.96 -15.36
N GLY M 270 37.03 41.48 -14.41
CA GLY M 270 38.35 42.05 -14.22
C GLY M 270 39.27 41.90 -15.42
N GLU M 271 39.10 40.83 -16.19
CA GLU M 271 39.95 40.69 -17.37
C GLU M 271 39.53 41.64 -18.50
N LEU M 272 38.25 42.01 -18.57
CA LEU M 272 37.84 43.09 -19.46
C LEU M 272 38.46 44.41 -19.04
N TRP M 273 38.49 44.67 -17.74
CA TRP M 273 39.12 45.92 -17.27
C TRP M 273 40.63 45.92 -17.51
N MET M 274 41.27 44.76 -17.53
CA MET M 274 42.69 44.75 -17.90
C MET M 274 42.87 44.95 -19.40
N SER M 275 42.00 44.35 -20.21
CA SER M 275 42.19 44.37 -21.66
C SER M 275 41.93 45.74 -22.25
N LEU M 276 41.01 46.51 -21.68
CA LEU M 276 40.75 47.85 -22.19
C LEU M 276 41.91 48.81 -22.01
N ASP M 277 42.83 48.54 -21.08
CA ASP M 277 44.04 49.34 -20.96
C ASP M 277 45.23 48.73 -21.67
N LEU M 278 45.31 47.41 -21.69
CA LEU M 278 46.42 46.74 -22.36
C LEU M 278 46.32 46.88 -23.88
N LEU M 279 45.12 47.10 -24.42
CA LEU M 279 44.98 47.47 -25.82
C LEU M 279 45.23 48.95 -26.04
N GLU M 280 44.90 49.77 -25.05
CA GLU M 280 45.03 51.22 -25.19
C GLU M 280 46.49 51.62 -25.26
N HIS M 281 47.31 51.14 -24.32
CA HIS M 281 48.71 51.53 -24.29
C HIS M 281 49.51 50.94 -25.44
N ALA M 282 49.11 49.78 -25.95
CA ALA M 282 49.89 49.11 -26.97
C ALA M 282 49.59 49.59 -28.38
N LEU M 283 48.78 50.62 -28.52
CA LEU M 283 48.35 51.01 -29.86
C LEU M 283 49.23 52.11 -30.45
N ASP M 284 49.84 52.94 -29.61
CA ASP M 284 50.71 54.01 -30.08
C ASP M 284 52.19 53.68 -29.98
N GLN M 285 52.55 52.50 -29.49
CA GLN M 285 53.94 52.16 -29.25
C GLN M 285 54.51 51.30 -30.39
N MET M 286 54.01 51.50 -31.63
CA MET M 286 54.41 50.66 -32.75
C MET M 286 55.36 51.40 -33.68
N PRO M 287 56.30 50.70 -34.29
CA PRO M 287 57.11 51.30 -35.36
C PRO M 287 56.47 51.17 -36.72
N GLU M 288 57.18 51.52 -37.78
CA GLU M 288 56.86 51.08 -39.12
C GLU M 288 57.94 50.13 -39.63
N GLY M 289 57.56 49.25 -40.54
CA GLY M 289 58.50 48.28 -41.07
C GLY M 289 57.81 47.28 -41.99
N LYS M 290 58.22 46.02 -41.86
CA LYS M 290 57.66 44.93 -42.64
C LYS M 290 56.91 43.96 -41.74
N ILE M 291 56.07 43.15 -42.35
CA ILE M 291 55.11 42.30 -41.63
C ILE M 291 55.16 40.86 -42.10
N LYS M 292 55.85 40.61 -43.21
CA LYS M 292 55.70 39.40 -44.00
C LYS M 292 57.09 38.90 -44.42
N THR M 293 57.90 38.45 -43.45
CA THR M 293 59.35 38.23 -43.49
C THR M 293 59.93 37.83 -44.84
N PHE M 294 59.36 36.80 -45.45
CA PHE M 294 59.54 36.60 -46.88
C PHE M 294 58.20 36.78 -47.58
N PRO M 295 58.08 37.78 -48.45
CA PRO M 295 56.77 38.14 -48.99
C PRO M 295 56.38 37.24 -50.14
N LYS M 296 55.26 37.58 -50.80
CA LYS M 296 54.76 36.97 -52.05
C LYS M 296 54.72 35.43 -51.94
N ASP M 297 53.74 34.95 -51.18
CA ASP M 297 53.76 33.59 -50.63
C ASP M 297 53.65 32.52 -51.70
N ASN M 298 54.71 32.47 -52.50
CA ASN M 298 54.90 31.53 -53.58
C ASN M 298 56.16 30.74 -53.26
N ILE M 299 57.21 31.45 -52.84
CA ILE M 299 58.45 30.79 -52.46
C ILE M 299 58.31 30.05 -51.14
N LEU M 300 57.23 30.29 -50.40
CA LEU M 300 56.98 29.52 -49.19
C LEU M 300 56.54 28.11 -49.53
N VAL M 301 55.71 27.95 -50.56
CA VAL M 301 55.30 26.61 -50.96
C VAL M 301 56.39 25.85 -51.68
N ALA M 302 57.47 26.54 -52.09
CA ALA M 302 58.66 25.91 -52.61
C ALA M 302 59.73 25.69 -51.54
N LYS M 303 59.33 25.62 -50.27
CA LYS M 303 60.28 25.46 -49.18
C LYS M 303 59.82 24.41 -48.19
N LEU M 304 58.63 23.81 -48.39
CA LEU M 304 58.11 22.80 -47.47
C LEU M 304 58.97 21.55 -47.41
N LYS M 305 59.78 21.28 -48.43
CA LYS M 305 60.65 20.12 -48.38
C LYS M 305 61.87 20.34 -47.50
N LEU M 306 62.20 21.57 -47.16
CA LEU M 306 63.50 21.87 -46.55
C LEU M 306 63.44 22.10 -45.05
N LEU M 307 62.37 22.68 -44.52
CA LEU M 307 62.31 22.92 -43.09
C LEU M 307 61.83 21.66 -42.37
N GLY M 308 62.45 21.36 -41.24
CA GLY M 308 62.04 20.18 -40.49
C GLY M 308 63.11 19.71 -39.52
N ASP M 309 63.01 18.43 -39.15
CA ASP M 309 63.95 17.70 -38.29
C ASP M 309 64.07 18.36 -36.91
N GLY M 310 62.99 18.23 -36.14
CA GLY M 310 63.05 18.70 -34.77
C GLY M 310 61.76 18.42 -34.04
N GLU M 311 61.77 18.78 -32.77
CA GLU M 311 60.57 18.79 -31.95
C GLU M 311 60.02 20.21 -31.90
N GLY M 312 58.93 20.39 -31.18
CA GLY M 312 58.41 21.72 -30.98
C GLY M 312 57.20 21.74 -30.08
N ILE M 313 57.10 22.73 -29.20
CA ILE M 313 55.95 22.85 -28.31
C ILE M 313 55.60 24.32 -28.13
N GLY M 314 54.32 24.63 -28.09
CA GLY M 314 53.87 26.00 -27.97
C GLY M 314 52.75 26.14 -26.96
N ARG M 315 52.84 27.18 -26.15
CA ARG M 315 51.86 27.44 -25.09
C ARG M 315 51.36 28.88 -25.19
N TYR M 316 50.10 29.07 -24.80
CA TYR M 316 49.51 30.40 -24.87
C TYR M 316 48.27 30.43 -23.99
N GLU M 317 47.82 31.64 -23.70
CA GLU M 317 46.61 31.90 -22.91
C GLU M 317 45.39 31.95 -23.82
N ALA M 318 44.55 30.94 -23.73
CA ALA M 318 43.27 30.96 -24.39
C ALA M 318 42.31 31.87 -23.61
N PRO M 319 41.16 32.24 -24.18
CA PRO M 319 40.15 32.94 -23.38
C PRO M 319 39.60 32.14 -22.21
N ARG M 320 39.77 30.83 -22.18
CA ARG M 320 39.23 30.03 -21.10
C ARG M 320 40.30 29.31 -20.31
N GLY M 321 41.56 29.40 -20.72
CA GLY M 321 42.63 28.75 -19.99
C GLY M 321 43.98 28.89 -20.63
N GLU M 322 44.79 27.83 -20.61
CA GLU M 322 46.14 27.87 -21.16
C GLU M 322 46.31 26.63 -22.02
N LEU M 323 46.44 26.81 -23.32
CA LEU M 323 46.53 25.67 -24.20
C LEU M 323 47.94 25.50 -24.74
N VAL M 324 48.17 24.33 -25.32
CA VAL M 324 49.50 23.88 -25.69
C VAL M 324 49.41 22.89 -26.84
N HIS M 325 50.24 23.09 -27.86
CA HIS M 325 50.35 22.21 -29.01
C HIS M 325 51.74 21.62 -29.10
N TYR M 326 51.81 20.44 -29.73
CA TYR M 326 53.07 19.75 -29.99
C TYR M 326 53.14 19.29 -31.43
N VAL M 327 54.28 19.55 -32.09
CA VAL M 327 54.49 19.27 -33.51
C VAL M 327 55.85 18.60 -33.68
N ARG M 328 55.87 17.42 -34.29
CA ARG M 328 57.12 16.75 -34.66
C ARG M 328 57.08 16.43 -36.13
N GLY M 329 58.12 16.85 -36.85
CA GLY M 329 58.21 16.62 -38.27
C GLY M 329 59.58 16.08 -38.66
N GLN M 330 59.67 15.58 -39.88
CA GLN M 330 60.85 14.88 -40.35
C GLN M 330 61.16 15.33 -41.78
N LYS M 331 62.45 15.42 -42.12
CA LYS M 331 62.87 16.02 -43.38
C LYS M 331 62.54 15.13 -44.57
N GLY M 332 62.53 15.74 -45.74
CA GLY M 332 62.15 15.05 -46.96
C GLY M 332 60.67 14.82 -47.10
N ARG M 333 59.84 15.50 -46.33
CA ARG M 333 58.41 15.27 -46.29
C ARG M 333 57.64 16.52 -46.68
N ASP M 334 56.33 16.36 -46.76
CA ASP M 334 55.40 17.41 -47.11
C ASP M 334 54.90 18.14 -45.88
N GLY M 335 54.29 17.40 -44.95
CA GLY M 335 53.79 17.96 -43.72
C GLY M 335 54.41 17.32 -42.51
N PRO M 336 53.75 17.39 -41.37
CA PRO M 336 54.35 16.93 -40.12
C PRO M 336 54.23 15.42 -40.00
N VAL M 337 54.75 14.90 -38.89
CA VAL M 337 54.62 13.50 -38.54
C VAL M 337 53.63 13.30 -37.41
N ARG M 338 53.67 14.15 -36.40
CA ARG M 338 52.72 14.08 -35.30
C ARG M 338 52.33 15.48 -34.84
N TRP M 339 51.03 15.68 -34.59
CA TRP M 339 50.47 16.97 -34.19
C TRP M 339 49.42 16.74 -33.11
N LYS M 340 49.61 17.35 -31.94
CA LYS M 340 48.62 17.14 -30.89
C LYS M 340 48.25 18.42 -30.14
N PRO M 341 46.96 18.80 -30.15
CA PRO M 341 46.51 19.96 -29.37
C PRO M 341 45.87 19.60 -28.04
N ARG M 342 46.02 20.45 -27.03
CA ARG M 342 45.34 20.22 -25.76
C ARG M 342 44.49 21.44 -25.45
N GLU M 343 43.30 21.20 -25.11
CA GLU M 343 42.26 22.20 -24.88
C GLU M 343 42.15 22.52 -23.39
N PRO M 344 41.78 23.74 -23.01
CA PRO M 344 41.76 24.08 -21.60
C PRO M 344 40.58 23.55 -20.81
N THR M 345 39.52 23.08 -21.45
CA THR M 345 38.36 22.61 -20.72
C THR M 345 38.37 21.11 -20.52
N PHE M 346 39.50 20.47 -20.67
CA PHE M 346 39.59 19.06 -20.36
C PHE M 346 39.76 18.88 -18.84
N PRO M 347 40.74 19.50 -18.15
CA PRO M 347 40.77 19.30 -16.70
C PRO M 347 39.68 20.05 -15.97
N ASN M 348 39.18 21.15 -16.53
CA ASN M 348 38.07 21.83 -15.88
C ASN M 348 36.79 21.01 -15.95
N LEU M 349 36.62 20.22 -17.00
CA LEU M 349 35.47 19.34 -17.04
C LEU M 349 35.67 18.13 -16.15
N PHE M 350 36.91 17.71 -15.92
CA PHE M 350 37.13 16.62 -14.97
C PHE M 350 37.27 17.07 -13.52
N THR M 351 37.29 18.38 -13.27
CA THR M 351 37.44 18.91 -11.93
C THR M 351 36.08 19.15 -11.28
N ILE M 352 35.16 19.71 -12.06
CA ILE M 352 33.82 20.02 -11.58
C ILE M 352 33.00 18.77 -11.28
N ALA M 353 33.34 17.65 -11.90
CA ALA M 353 32.60 16.43 -11.64
C ALA M 353 32.73 15.92 -10.22
N LYS M 354 33.70 16.43 -9.45
CA LYS M 354 33.76 16.15 -8.02
C LYS M 354 33.35 17.32 -7.16
N ALA M 355 33.38 18.54 -7.69
CA ALA M 355 32.82 19.67 -6.97
C ALA M 355 31.29 19.66 -7.03
N LEU M 356 30.70 18.89 -7.94
CA LEU M 356 29.26 18.63 -7.91
C LEU M 356 28.94 17.48 -6.96
N GLU M 357 29.31 17.68 -5.70
CA GLU M 357 29.22 16.64 -4.68
C GLU M 357 27.92 16.84 -3.90
N GLY M 358 26.81 16.46 -4.53
CA GLY M 358 25.53 16.47 -3.87
C GLY M 358 25.00 17.85 -3.55
N ASN M 359 24.60 18.63 -4.56
CA ASN M 359 24.08 19.96 -4.31
C ASN M 359 22.59 20.05 -4.59
N GLU M 360 22.16 19.92 -5.84
CA GLU M 360 20.77 20.13 -6.25
C GLU M 360 20.57 19.40 -7.58
N LEU M 361 19.44 19.68 -8.23
CA LEU M 361 19.21 19.28 -9.61
C LEU M 361 19.29 20.45 -10.58
N ALA M 362 18.67 21.58 -10.25
CA ALA M 362 18.72 22.77 -11.08
C ALA M 362 20.00 23.57 -10.88
N ASP M 363 20.92 23.08 -10.05
CA ASP M 363 22.26 23.60 -9.94
C ASP M 363 23.15 23.13 -11.08
N LEU M 364 22.67 22.17 -11.87
CA LEU M 364 23.51 21.45 -12.80
C LEU M 364 23.84 22.30 -14.02
N VAL M 365 22.84 22.94 -14.60
CA VAL M 365 23.08 23.75 -15.78
C VAL M 365 23.90 25.00 -15.45
N VAL M 366 23.57 25.65 -14.33
CA VAL M 366 24.29 26.85 -13.94
C VAL M 366 25.70 26.52 -13.45
N ALA M 367 25.95 25.27 -13.03
CA ALA M 367 27.32 24.89 -12.69
C ALA M 367 28.12 24.50 -13.93
N ILE M 368 27.50 23.76 -14.85
CA ILE M 368 28.20 23.30 -16.04
C ILE M 368 28.45 24.45 -17.01
N ALA M 369 27.47 25.31 -17.22
CA ALA M 369 27.63 26.44 -18.13
C ALA M 369 28.42 27.59 -17.51
N SER M 370 28.94 27.42 -16.29
CA SER M 370 29.71 28.44 -15.61
C SER M 370 31.13 28.58 -16.12
N ILE M 371 31.69 27.55 -16.76
CA ILE M 371 33.10 27.52 -17.07
C ILE M 371 33.34 27.44 -18.57
N ASP M 372 32.34 27.87 -19.35
CA ASP M 372 32.28 27.71 -20.80
C ASP M 372 32.50 26.28 -21.24
N PRO M 373 31.50 25.42 -21.12
CA PRO M 373 31.64 24.05 -21.67
C PRO M 373 31.64 24.09 -23.19
N CYS M 374 32.76 24.51 -23.75
CA CYS M 374 32.91 24.57 -25.18
C CYS M 374 33.39 23.22 -25.62
N LEU M 375 32.46 22.30 -25.90
CA LEU M 375 32.84 20.92 -26.09
C LEU M 375 33.60 20.69 -27.38
N SER M 376 33.55 21.63 -28.32
CA SER M 376 34.09 21.41 -29.66
C SER M 376 35.60 21.26 -29.68
N CYS M 377 36.24 21.57 -28.56
CA CYS M 377 37.67 21.42 -28.39
C CYS M 377 37.95 20.26 -27.44
N THR M 378 36.91 19.82 -26.71
CA THR M 378 37.02 18.71 -25.77
C THR M 378 37.04 17.38 -26.49
N ASP M 379 35.94 17.00 -27.13
CA ASP M 379 35.93 15.77 -27.90
C ASP M 379 36.28 16.09 -29.36
N ARG M 380 37.55 16.38 -29.55
CA ARG M 380 38.11 16.72 -30.86
C ARG M 380 37.99 15.54 -31.83
N ILE N 2 13.37 42.88 -3.58
CA ILE N 2 13.92 43.74 -2.55
C ILE N 2 15.05 44.58 -3.15
N ARG N 3 15.71 44.06 -4.18
CA ARG N 3 16.73 44.81 -4.92
C ARG N 3 16.48 44.57 -6.40
N LEU N 4 15.95 45.59 -7.09
CA LEU N 4 15.61 45.49 -8.51
C LEU N 4 16.30 46.62 -9.26
N PRO N 5 17.56 46.44 -9.66
CA PRO N 5 18.32 47.56 -10.23
C PRO N 5 18.08 47.81 -11.70
N LEU N 6 17.39 46.91 -12.41
CA LEU N 6 17.19 47.15 -13.82
C LEU N 6 16.04 48.10 -14.11
N LEU N 7 15.27 48.48 -13.09
CA LEU N 7 14.02 49.21 -13.29
C LEU N 7 14.17 50.64 -13.85
N PRO N 8 15.11 51.49 -13.38
CA PRO N 8 15.28 52.77 -14.09
C PRO N 8 15.79 52.62 -15.50
N THR N 9 16.63 51.61 -15.74
CA THR N 9 17.12 51.32 -17.09
C THR N 9 15.98 50.95 -18.03
N VAL N 10 15.06 50.10 -17.58
CA VAL N 10 13.94 49.67 -18.41
C VAL N 10 12.98 50.83 -18.67
N ILE N 11 12.70 51.63 -17.64
CA ILE N 11 11.75 52.74 -17.81
C ILE N 11 12.33 53.81 -18.74
N LYS N 12 13.64 54.06 -18.66
CA LYS N 12 14.26 54.95 -19.64
C LYS N 12 14.30 54.33 -21.02
N ASN N 13 14.44 53.00 -21.08
CA ASN N 13 14.64 52.31 -22.35
C ASN N 13 13.35 52.25 -23.16
N LEU N 14 12.20 52.33 -22.49
CA LEU N 14 10.94 52.24 -23.23
C LEU N 14 10.69 53.49 -24.08
N PHE N 15 11.20 54.64 -23.67
CA PHE N 15 10.96 55.89 -24.40
C PHE N 15 12.09 56.23 -25.38
N LYS N 16 12.52 55.27 -26.21
CA LYS N 16 13.55 55.53 -27.19
C LYS N 16 13.24 54.77 -28.48
N LYS N 17 14.16 54.84 -29.42
CA LYS N 17 14.01 54.20 -30.71
C LYS N 17 14.26 52.70 -30.60
N PRO N 18 13.70 51.89 -31.51
CA PRO N 18 13.86 50.44 -31.38
C PRO N 18 15.27 49.95 -31.63
N ALA N 19 16.07 50.68 -32.42
CA ALA N 19 17.46 50.34 -32.75
C ALA N 19 17.59 48.96 -33.39
N THR N 20 16.95 48.80 -34.54
CA THR N 20 17.04 47.56 -35.31
C THR N 20 17.12 47.83 -36.81
N ASN N 21 17.04 46.80 -37.62
CA ASN N 21 17.32 46.91 -39.06
C ASN N 21 16.35 46.02 -39.82
N PRO N 22 15.31 46.59 -40.42
CA PRO N 22 14.33 45.75 -41.14
C PRO N 22 14.90 45.27 -42.46
N PHE N 23 15.07 43.95 -42.64
CA PHE N 23 15.78 43.54 -43.83
C PHE N 23 14.93 43.48 -45.10
N PRO N 24 13.68 42.92 -45.13
CA PRO N 24 12.95 43.00 -46.41
C PRO N 24 12.17 44.30 -46.60
N LYS N 25 12.77 45.41 -46.20
CA LYS N 25 12.35 46.76 -46.56
C LYS N 25 13.53 47.67 -46.89
N THR N 26 14.73 47.33 -46.46
CA THR N 26 15.89 48.20 -46.48
C THR N 26 17.05 47.39 -47.02
N GLU N 27 18.10 48.07 -47.49
CA GLU N 27 19.38 47.44 -47.72
C GLU N 27 19.91 46.83 -46.42
N PRO N 28 20.69 45.76 -46.47
CA PRO N 28 21.23 45.19 -45.23
C PRO N 28 22.36 46.01 -44.65
N VAL N 29 23.00 45.50 -43.60
CA VAL N 29 24.16 46.17 -42.99
C VAL N 29 25.28 46.20 -44.01
N PRO N 30 25.83 47.36 -44.33
CA PRO N 30 26.81 47.45 -45.42
C PRO N 30 28.13 46.80 -45.05
N VAL N 31 28.75 46.16 -46.03
CA VAL N 31 29.97 45.40 -45.82
C VAL N 31 31.15 46.35 -45.78
N PRO N 32 32.29 45.95 -45.24
CA PRO N 32 33.51 46.74 -45.40
C PRO N 32 34.12 46.59 -46.79
N GLU N 33 35.32 47.13 -46.99
CA GLU N 33 35.89 47.16 -48.33
C GLU N 33 36.38 45.77 -48.76
N ASP N 34 37.39 45.25 -48.10
CA ASP N 34 37.99 43.98 -48.50
C ASP N 34 37.29 42.80 -47.84
N PHE N 35 36.02 42.65 -48.20
CA PHE N 35 35.16 41.64 -47.63
C PHE N 35 35.21 40.38 -48.46
N ARG N 36 35.15 39.22 -47.80
CA ARG N 36 35.23 37.95 -48.49
C ARG N 36 33.85 37.53 -48.96
N GLY N 37 33.78 36.99 -50.17
CA GLY N 37 32.51 36.62 -50.77
C GLY N 37 32.65 35.44 -51.67
N LYS N 38 31.84 35.40 -52.72
CA LYS N 38 31.89 34.31 -53.67
C LYS N 38 33.11 34.46 -54.56
N LEU N 39 33.87 33.40 -54.68
CA LEU N 39 35.08 33.38 -55.51
C LEU N 39 34.70 33.39 -56.99
N VAL N 40 35.16 34.38 -57.73
CA VAL N 40 34.87 34.45 -59.17
C VAL N 40 36.10 34.02 -59.95
N TYR N 41 35.85 33.33 -61.06
CA TYR N 41 36.85 32.58 -61.81
C TYR N 41 36.77 32.93 -63.28
N ASN N 42 37.91 32.90 -63.94
CA ASN N 42 38.03 33.14 -65.37
C ASN N 42 38.74 31.96 -66.00
N VAL N 43 38.48 31.74 -67.29
CA VAL N 43 39.09 30.62 -68.00
C VAL N 43 40.19 31.08 -68.94
N ASP N 44 40.09 32.30 -69.49
CA ASP N 44 40.97 32.78 -70.54
C ASP N 44 42.41 32.96 -70.07
N LYS N 45 42.62 33.23 -68.79
CA LYS N 45 43.97 33.40 -68.26
C LYS N 45 44.24 32.25 -67.31
N CYS N 46 44.64 31.10 -67.84
CA CYS N 46 44.83 29.94 -66.99
C CYS N 46 45.93 29.08 -67.60
N VAL N 47 47.15 29.22 -67.07
CA VAL N 47 48.28 28.47 -67.60
C VAL N 47 48.36 27.06 -67.03
N GLY N 48 47.56 26.74 -66.03
CA GLY N 48 47.48 25.38 -65.54
C GLY N 48 48.69 24.91 -64.76
N CYS N 49 49.24 25.76 -63.90
CA CYS N 49 50.48 25.43 -63.20
C CYS N 49 50.27 24.63 -61.93
N ARG N 50 49.04 24.19 -61.67
CA ARG N 50 48.71 23.23 -60.60
C ARG N 50 49.06 23.72 -59.21
N MET N 51 49.11 25.03 -58.99
CA MET N 51 49.55 25.53 -57.70
C MET N 51 48.41 25.64 -56.72
N CYS N 52 47.19 25.81 -57.21
CA CYS N 52 46.01 25.92 -56.38
C CYS N 52 45.68 24.64 -55.63
N VAL N 53 45.91 23.48 -56.23
CA VAL N 53 45.54 22.24 -55.57
C VAL N 53 46.49 21.89 -54.44
N THR N 54 47.66 22.52 -54.38
CA THR N 54 48.59 22.24 -53.31
C THR N 54 48.15 22.92 -52.02
N VAL N 55 47.52 24.09 -52.13
CA VAL N 55 47.37 25.01 -51.02
C VAL N 55 45.94 25.06 -50.50
N CYS N 56 45.00 24.39 -51.13
CA CYS N 56 43.60 24.52 -50.75
C CYS N 56 43.27 23.56 -49.62
N PRO N 57 42.76 24.04 -48.48
CA PRO N 57 42.48 23.14 -47.37
C PRO N 57 41.21 22.34 -47.54
N ALA N 58 40.38 22.67 -48.52
CA ALA N 58 39.06 22.09 -48.64
C ALA N 58 38.78 21.84 -50.11
N GLY N 59 39.02 20.62 -50.57
CA GLY N 59 39.16 20.33 -51.99
C GLY N 59 37.99 20.69 -52.89
N VAL N 60 38.15 21.78 -53.63
CA VAL N 60 37.16 22.20 -54.61
C VAL N 60 37.78 22.04 -55.98
N PHE N 61 39.06 21.79 -56.04
CA PHE N 61 39.80 21.83 -57.28
C PHE N 61 40.16 20.43 -57.70
N VAL N 62 39.90 20.09 -58.96
CA VAL N 62 40.40 18.87 -59.55
C VAL N 62 41.05 19.21 -60.89
N TYR N 63 42.35 18.95 -60.98
CA TYR N 63 43.09 19.19 -62.20
C TYR N 63 42.65 18.17 -63.23
N LEU N 64 42.62 18.58 -64.49
CA LEU N 64 42.35 17.66 -65.55
C LEU N 64 43.30 17.94 -66.71
N PRO N 65 43.95 16.92 -67.25
CA PRO N 65 44.90 17.14 -68.33
C PRO N 65 44.22 17.17 -69.69
N GLU N 66 45.05 17.24 -70.73
CA GLU N 66 44.79 17.28 -72.17
C GLU N 66 44.22 18.62 -72.63
N ILE N 67 43.67 19.41 -71.73
CA ILE N 67 43.59 20.86 -71.83
C ILE N 67 43.97 21.39 -70.46
N ARG N 68 44.70 22.49 -70.44
CA ARG N 68 45.41 22.88 -69.22
C ARG N 68 44.58 23.82 -68.32
N LYS N 69 43.35 23.40 -68.04
CA LYS N 69 42.44 24.17 -67.20
C LYS N 69 42.12 23.38 -65.94
N VAL N 70 41.20 23.89 -65.13
CA VAL N 70 40.79 23.24 -63.90
C VAL N 70 39.37 23.67 -63.54
N THR N 71 38.57 22.74 -63.01
CA THR N 71 37.19 23.00 -62.64
C THR N 71 37.08 23.24 -61.14
N LEU N 72 35.88 23.62 -60.70
CA LEU N 72 35.67 23.87 -59.28
C LEU N 72 34.20 23.74 -58.93
N TRP N 73 33.96 23.47 -57.65
CA TRP N 73 32.62 23.42 -57.06
C TRP N 73 32.63 24.25 -55.80
N ILE N 74 31.99 25.42 -55.84
CA ILE N 74 32.23 26.45 -54.84
C ILE N 74 31.32 26.28 -53.63
N GLY N 75 30.47 25.26 -53.61
CA GLY N 75 29.59 25.05 -52.46
C GLY N 75 30.28 24.53 -51.22
N ARG N 76 31.57 24.26 -51.31
CA ARG N 76 32.36 23.72 -50.21
C ARG N 76 33.50 24.67 -49.88
N CYS N 77 33.48 25.87 -50.43
CA CYS N 77 34.50 26.88 -50.12
C CYS N 77 34.34 27.37 -48.69
N VAL N 78 35.44 27.86 -48.13
CA VAL N 78 35.44 28.39 -46.77
C VAL N 78 35.97 29.81 -46.69
N MET N 79 36.28 30.45 -47.82
CA MET N 79 36.69 31.86 -47.92
C MET N 79 37.96 32.12 -47.10
N CYS N 80 39.07 31.58 -47.57
CA CYS N 80 40.32 31.77 -46.87
C CYS N 80 41.41 32.36 -47.74
N LYS N 81 41.10 32.72 -48.99
CA LYS N 81 41.88 33.61 -49.85
C LYS N 81 43.19 32.99 -50.35
N GLN N 82 43.60 31.82 -49.85
CA GLN N 82 44.88 31.25 -50.23
C GLN N 82 44.96 30.77 -51.67
N CYS N 83 43.88 30.77 -52.41
CA CYS N 83 44.03 30.57 -53.84
C CYS N 83 44.20 31.89 -54.58
N VAL N 84 43.82 33.00 -53.96
CA VAL N 84 43.91 34.28 -54.66
C VAL N 84 45.34 34.78 -54.69
N ASP N 85 46.01 34.71 -53.55
CA ASP N 85 47.35 35.27 -53.42
C ASP N 85 48.45 34.25 -53.69
N VAL N 86 48.19 33.25 -54.53
CA VAL N 86 49.25 32.34 -54.91
C VAL N 86 49.16 32.09 -56.42
N CYS N 87 48.07 32.51 -57.02
CA CYS N 87 47.91 32.37 -58.46
C CYS N 87 48.72 33.43 -59.18
N PRO N 88 49.58 33.06 -60.13
CA PRO N 88 50.45 34.06 -60.76
C PRO N 88 49.73 34.86 -61.84
N THR N 89 48.72 34.28 -62.45
CA THR N 89 48.09 34.82 -63.63
C THR N 89 46.88 35.70 -63.27
N ALA N 90 46.40 35.59 -62.04
CA ALA N 90 45.30 36.38 -61.48
C ALA N 90 44.01 36.23 -62.27
N ALA N 91 43.50 35.00 -62.27
CA ALA N 91 42.17 34.71 -62.76
C ALA N 91 41.22 34.29 -61.65
N LEU N 92 41.57 34.59 -60.41
CA LEU N 92 40.73 34.28 -59.26
C LEU N 92 40.57 35.54 -58.43
N GLN N 93 39.34 36.01 -58.28
CA GLN N 93 39.10 37.22 -57.50
C GLN N 93 38.04 36.95 -56.46
N MET N 94 37.97 37.83 -55.47
CA MET N 94 36.93 37.73 -54.43
C MET N 94 35.88 38.80 -54.66
N SER N 95 34.63 38.41 -54.56
CA SER N 95 33.53 39.33 -54.81
C SER N 95 32.98 39.86 -53.50
N ASP N 96 31.86 40.58 -53.59
CA ASP N 96 31.19 41.17 -52.43
C ASP N 96 29.82 40.57 -52.18
N GLU N 97 29.44 39.53 -52.91
CA GLU N 97 28.14 38.92 -52.73
C GLU N 97 28.17 38.03 -51.50
N PHE N 98 27.06 38.02 -50.76
CA PHE N 98 26.92 37.12 -49.63
C PHE N 98 25.54 36.51 -49.49
N LEU N 99 24.61 36.75 -50.42
CA LEU N 99 23.27 36.20 -50.36
C LEU N 99 23.22 34.99 -51.30
N LEU N 100 23.47 33.80 -50.76
CA LEU N 100 23.75 32.63 -51.59
C LEU N 100 22.82 31.47 -51.32
N ALA N 101 21.60 31.70 -50.83
CA ALA N 101 20.66 30.61 -50.60
C ALA N 101 20.26 29.95 -51.91
N SER N 102 19.88 28.68 -51.82
CA SER N 102 19.64 27.90 -53.03
C SER N 102 18.66 26.76 -52.75
N TYR N 103 18.28 26.08 -53.81
CA TYR N 103 17.42 24.90 -53.75
C TYR N 103 18.17 23.59 -53.88
N ASP N 104 19.20 23.55 -54.71
CA ASP N 104 19.89 22.31 -55.00
C ASP N 104 21.39 22.53 -54.84
N LYS N 105 22.11 21.45 -54.54
CA LYS N 105 23.55 21.55 -54.36
C LYS N 105 24.24 21.85 -55.68
N TYR N 106 23.78 21.23 -56.74
CA TYR N 106 24.48 21.21 -58.02
C TYR N 106 23.82 22.20 -58.99
N ASP N 107 23.83 23.48 -58.61
CA ASP N 107 23.15 24.49 -59.41
C ASP N 107 24.03 24.94 -60.56
N ALA N 108 23.63 26.02 -61.22
CA ALA N 108 24.47 26.60 -62.25
C ALA N 108 25.36 27.71 -61.71
N LYS N 109 25.02 28.27 -60.56
CA LYS N 109 25.85 29.29 -59.95
C LYS N 109 27.01 28.72 -59.16
N LEU N 110 26.91 27.47 -58.72
CA LEU N 110 27.89 26.91 -57.81
C LEU N 110 28.88 25.97 -58.48
N ILE N 111 28.96 25.94 -59.81
CA ILE N 111 29.93 25.10 -60.48
C ILE N 111 30.45 25.84 -61.71
N TYR N 112 31.75 25.69 -61.97
CA TYR N 112 32.41 26.31 -63.11
C TYR N 112 33.06 25.24 -63.98
N LEU N 113 33.16 25.55 -65.27
CA LEU N 113 33.79 24.72 -66.30
C LEU N 113 33.11 23.35 -66.38
N THR N 114 31.85 23.40 -66.82
CA THR N 114 31.02 22.23 -67.02
C THR N 114 31.61 21.34 -68.12
N PRO N 115 31.36 20.02 -68.07
CA PRO N 115 32.02 19.10 -69.03
C PRO N 115 31.68 19.32 -70.50
N GLU N 116 30.52 19.89 -70.81
CA GLU N 116 30.24 20.24 -72.20
C GLU N 116 31.16 21.36 -72.67
N GLU N 117 31.36 22.37 -71.82
CA GLU N 117 32.36 23.39 -72.14
C GLU N 117 33.77 22.82 -72.11
N ALA N 118 33.99 21.74 -71.36
CA ALA N 118 35.30 21.08 -71.38
C ALA N 118 35.56 20.43 -72.73
N GLU N 119 34.55 19.81 -73.33
CA GLU N 119 34.75 19.32 -74.69
C GLU N 119 34.76 20.43 -75.72
N ASP N 120 34.09 21.55 -75.44
CA ASP N 120 34.16 22.69 -76.35
C ASP N 120 35.56 23.31 -76.36
N ILE N 121 36.26 23.28 -75.23
CA ILE N 121 37.66 23.70 -75.22
C ILE N 121 38.51 22.75 -76.06
N LYS N 122 38.27 21.46 -75.91
CA LYS N 122 39.07 20.46 -76.61
C LYS N 122 38.67 20.37 -78.09
#